data_4J93
# 
_entry.id   4J93 
# 
_audit_conform.dict_name       mmcif_pdbx.dic 
_audit_conform.dict_version    5.387 
_audit_conform.dict_location   http://mmcif.pdb.org/dictionaries/ascii/mmcif_pdbx.dic 
# 
loop_
_database_2.database_id 
_database_2.database_code 
_database_2.pdbx_database_accession 
_database_2.pdbx_DOI 
PDB   4J93         pdb_00004j93 10.2210/pdb4j93/pdb 
RCSB  RCSB077750   ?            ?                   
WWPDB D_1000077750 ?            ?                   
# 
loop_
_pdbx_audit_revision_history.ordinal 
_pdbx_audit_revision_history.data_content_type 
_pdbx_audit_revision_history.major_revision 
_pdbx_audit_revision_history.minor_revision 
_pdbx_audit_revision_history.revision_date 
1 'Structure model' 1 0 2013-07-10 
2 'Structure model' 1 1 2013-07-17 
3 'Structure model' 1 2 2013-10-09 
4 'Structure model' 1 3 2024-02-28 
# 
_pdbx_audit_revision_details.ordinal             1 
_pdbx_audit_revision_details.revision_ordinal    1 
_pdbx_audit_revision_details.data_content_type   'Structure model' 
_pdbx_audit_revision_details.provider            repository 
_pdbx_audit_revision_details.type                'Initial release' 
_pdbx_audit_revision_details.description         ? 
_pdbx_audit_revision_details.details             ? 
# 
loop_
_pdbx_audit_revision_group.ordinal 
_pdbx_audit_revision_group.revision_ordinal 
_pdbx_audit_revision_group.data_content_type 
_pdbx_audit_revision_group.group 
1 2 'Structure model' 'Database references'  
2 3 'Structure model' 'Database references'  
3 4 'Structure model' 'Data collection'      
4 4 'Structure model' 'Database references'  
5 4 'Structure model' 'Derived calculations' 
# 
loop_
_pdbx_audit_revision_category.ordinal 
_pdbx_audit_revision_category.revision_ordinal 
_pdbx_audit_revision_category.data_content_type 
_pdbx_audit_revision_category.category 
1 4 'Structure model' chem_comp_atom 
2 4 'Structure model' chem_comp_bond 
3 4 'Structure model' database_2     
4 4 'Structure model' struct_site    
# 
loop_
_pdbx_audit_revision_item.ordinal 
_pdbx_audit_revision_item.revision_ordinal 
_pdbx_audit_revision_item.data_content_type 
_pdbx_audit_revision_item.item 
1 4 'Structure model' '_database_2.pdbx_DOI'                
2 4 'Structure model' '_database_2.pdbx_database_accession' 
3 4 'Structure model' '_struct_site.pdbx_auth_asym_id'      
4 4 'Structure model' '_struct_site.pdbx_auth_comp_id'      
5 4 'Structure model' '_struct_site.pdbx_auth_seq_id'       
# 
_pdbx_database_status.status_code                     REL 
_pdbx_database_status.entry_id                        4J93 
_pdbx_database_status.recvd_initial_deposition_date   2013-02-15 
_pdbx_database_status.deposit_site                    RCSB 
_pdbx_database_status.process_site                    RCSB 
_pdbx_database_status.status_code_sf                  REL 
_pdbx_database_status.status_code_mr                  ? 
_pdbx_database_status.SG_entry                        ? 
_pdbx_database_status.status_code_cs                  ? 
_pdbx_database_status.methods_development_category    ? 
_pdbx_database_status.pdb_format_compatible           Y 
_pdbx_database_status.status_code_nmr_data            ? 
# 
loop_
_pdbx_database_related.db_name 
_pdbx_database_related.db_id 
_pdbx_database_related.details 
_pdbx_database_related.content_type 
PDB 4E91 'The same protein in complex with an unrelated inhibitor' unspecified 
PDB 4E92 'The same protein in complex with an unrelated inhibitor' unspecified 
# 
_audit_author.name           'Lemke, C.T.' 
_audit_author.pdbx_ordinal   1 
# 
_citation.id                        primary 
_citation.title                     
'Discovery of Novel Small-Molecule HIV-1 Replication Inhibitors That Stabilize Capsid Complexes.' 
_citation.journal_abbrev            'Antimicrob.Agents Chemother.' 
_citation.journal_volume            57 
_citation.page_first                4622 
_citation.page_last                 4631 
_citation.year                      2013 
_citation.journal_id_ASTM           AMACCQ 
_citation.country                   US 
_citation.journal_id_ISSN           0066-4804 
_citation.journal_id_CSD            0788 
_citation.book_publisher            ? 
_citation.pdbx_database_id_PubMed   23817385 
_citation.pdbx_database_id_DOI      10.1128/AAC.00985-13 
# 
loop_
_citation_author.citation_id 
_citation_author.name 
_citation_author.ordinal 
_citation_author.identifier_ORCID 
primary 'Lamorte, L.'         1  ? 
primary 'Titolo, S.'          2  ? 
primary 'Lemke, C.T.'         3  ? 
primary 'Goudreau, N.'        4  ? 
primary 'Mercier, J.F.'       5  ? 
primary 'Wardrop, E.'         6  ? 
primary 'Shah, V.B.'          7  ? 
primary 'von Schwedler, U.K.' 8  ? 
primary 'Langelier, C.'       9  ? 
primary 'Banik, S.S.'         10 ? 
primary 'Aiken, C.'           11 ? 
primary 'Sundquist, W.I.'     12 ? 
primary 'Mason, S.W.'         13 ? 
# 
loop_
_entity.id 
_entity.type 
_entity.src_method 
_entity.pdbx_description 
_entity.formula_weight 
_entity.pdbx_number_of_molecules 
_entity.pdbx_ec 
_entity.pdbx_mutation 
_entity.pdbx_fragment 
_entity.details 
1 polymer     man 'Gag protein'                                                                                                
16204.573 1   ? ? 'N-terminal domain,UNP residues 133-278' ? 
2 non-polymer syn '4-{2-[5-(3-chlorophenyl)-1H-pyrazol-4-yl]-1-[3-(1H-imidazol-1-yl)propyl]-1H-benzimidazol-5-yl}benzoic acid' 
522.985   1   ? ? ?                                        ? 
3 non-polymer syn '(4S)-3-phenyl-4-(pyridin-3-yl)-4,5-dihydropyrrolo[3,4-c]pyrazol-6(2H)-one'                                  
276.293   1   ? ? ?                                        ? 
4 water       nat water                                                                                                        
18.015    148 ? ? ?                                        ? 
# 
_entity_poly.entity_id                      1 
_entity_poly.type                           'polypeptide(L)' 
_entity_poly.nstd_linkage                   no 
_entity_poly.nstd_monomer                   no 
_entity_poly.pdbx_seq_one_letter_code       
;PIVQNLQGQMVHQAISPRTLNAWVKVVEEKAFSPEVIPMFSALSEGATPQDLNTMLNTVGGHQAAMQMLKETINEEAAEW
DRLHPVHAGPIAPGQMREPRGSDIAGTTSTLQEQIGWMTHNPPIPVGEIYKRWIILGLNKIVRMYS
;
_entity_poly.pdbx_seq_one_letter_code_can   
;PIVQNLQGQMVHQAISPRTLNAWVKVVEEKAFSPEVIPMFSALSEGATPQDLNTMLNTVGGHQAAMQMLKETINEEAAEW
DRLHPVHAGPIAPGQMREPRGSDIAGTTSTLQEQIGWMTHNPPIPVGEIYKRWIILGLNKIVRMYS
;
_entity_poly.pdbx_strand_id                 A 
_entity_poly.pdbx_target_identifier         ? 
# 
loop_
_pdbx_entity_nonpoly.entity_id 
_pdbx_entity_nonpoly.name 
_pdbx_entity_nonpoly.comp_id 
2 '4-{2-[5-(3-chlorophenyl)-1H-pyrazol-4-yl]-1-[3-(1H-imidazol-1-yl)propyl]-1H-benzimidazol-5-yl}benzoic acid' 0OE 
3 '(4S)-3-phenyl-4-(pyridin-3-yl)-4,5-dihydropyrrolo[3,4-c]pyrazol-6(2H)-one'                                  1JR 
4 water                                                                                                        HOH 
# 
loop_
_entity_poly_seq.entity_id 
_entity_poly_seq.num 
_entity_poly_seq.mon_id 
_entity_poly_seq.hetero 
1 1   PRO n 
1 2   ILE n 
1 3   VAL n 
1 4   GLN n 
1 5   ASN n 
1 6   LEU n 
1 7   GLN n 
1 8   GLY n 
1 9   GLN n 
1 10  MET n 
1 11  VAL n 
1 12  HIS n 
1 13  GLN n 
1 14  ALA n 
1 15  ILE n 
1 16  SER n 
1 17  PRO n 
1 18  ARG n 
1 19  THR n 
1 20  LEU n 
1 21  ASN n 
1 22  ALA n 
1 23  TRP n 
1 24  VAL n 
1 25  LYS n 
1 26  VAL n 
1 27  VAL n 
1 28  GLU n 
1 29  GLU n 
1 30  LYS n 
1 31  ALA n 
1 32  PHE n 
1 33  SER n 
1 34  PRO n 
1 35  GLU n 
1 36  VAL n 
1 37  ILE n 
1 38  PRO n 
1 39  MET n 
1 40  PHE n 
1 41  SER n 
1 42  ALA n 
1 43  LEU n 
1 44  SER n 
1 45  GLU n 
1 46  GLY n 
1 47  ALA n 
1 48  THR n 
1 49  PRO n 
1 50  GLN n 
1 51  ASP n 
1 52  LEU n 
1 53  ASN n 
1 54  THR n 
1 55  MET n 
1 56  LEU n 
1 57  ASN n 
1 58  THR n 
1 59  VAL n 
1 60  GLY n 
1 61  GLY n 
1 62  HIS n 
1 63  GLN n 
1 64  ALA n 
1 65  ALA n 
1 66  MET n 
1 67  GLN n 
1 68  MET n 
1 69  LEU n 
1 70  LYS n 
1 71  GLU n 
1 72  THR n 
1 73  ILE n 
1 74  ASN n 
1 75  GLU n 
1 76  GLU n 
1 77  ALA n 
1 78  ALA n 
1 79  GLU n 
1 80  TRP n 
1 81  ASP n 
1 82  ARG n 
1 83  LEU n 
1 84  HIS n 
1 85  PRO n 
1 86  VAL n 
1 87  HIS n 
1 88  ALA n 
1 89  GLY n 
1 90  PRO n 
1 91  ILE n 
1 92  ALA n 
1 93  PRO n 
1 94  GLY n 
1 95  GLN n 
1 96  MET n 
1 97  ARG n 
1 98  GLU n 
1 99  PRO n 
1 100 ARG n 
1 101 GLY n 
1 102 SER n 
1 103 ASP n 
1 104 ILE n 
1 105 ALA n 
1 106 GLY n 
1 107 THR n 
1 108 THR n 
1 109 SER n 
1 110 THR n 
1 111 LEU n 
1 112 GLN n 
1 113 GLU n 
1 114 GLN n 
1 115 ILE n 
1 116 GLY n 
1 117 TRP n 
1 118 MET n 
1 119 THR n 
1 120 HIS n 
1 121 ASN n 
1 122 PRO n 
1 123 PRO n 
1 124 ILE n 
1 125 PRO n 
1 126 VAL n 
1 127 GLY n 
1 128 GLU n 
1 129 ILE n 
1 130 TYR n 
1 131 LYS n 
1 132 ARG n 
1 133 TRP n 
1 134 ILE n 
1 135 ILE n 
1 136 LEU n 
1 137 GLY n 
1 138 LEU n 
1 139 ASN n 
1 140 LYS n 
1 141 ILE n 
1 142 VAL n 
1 143 ARG n 
1 144 MET n 
1 145 TYR n 
1 146 SER n 
# 
_entity_src_gen.entity_id                          1 
_entity_src_gen.pdbx_src_id                        1 
_entity_src_gen.pdbx_alt_source_flag               sample 
_entity_src_gen.pdbx_seq_type                      ? 
_entity_src_gen.pdbx_beg_seq_num                   ? 
_entity_src_gen.pdbx_end_seq_num                   ? 
_entity_src_gen.gene_src_common_name               ? 
_entity_src_gen.gene_src_genus                     ? 
_entity_src_gen.pdbx_gene_src_gene                 gag 
_entity_src_gen.gene_src_species                   ? 
_entity_src_gen.gene_src_strain                    ? 
_entity_src_gen.gene_src_tissue                    ? 
_entity_src_gen.gene_src_tissue_fraction           ? 
_entity_src_gen.gene_src_details                   ? 
_entity_src_gen.pdbx_gene_src_fragment             ? 
_entity_src_gen.pdbx_gene_src_scientific_name      'Human immunodeficiency virus 1' 
_entity_src_gen.pdbx_gene_src_ncbi_taxonomy_id     11676 
_entity_src_gen.pdbx_gene_src_variant              ? 
_entity_src_gen.pdbx_gene_src_cell_line            ? 
_entity_src_gen.pdbx_gene_src_atcc                 ? 
_entity_src_gen.pdbx_gene_src_organ                ? 
_entity_src_gen.pdbx_gene_src_organelle            ? 
_entity_src_gen.pdbx_gene_src_cell                 ? 
_entity_src_gen.pdbx_gene_src_cellular_location    ? 
_entity_src_gen.host_org_common_name               ? 
_entity_src_gen.pdbx_host_org_scientific_name      'Escherichia coli' 
_entity_src_gen.pdbx_host_org_ncbi_taxonomy_id     562 
_entity_src_gen.host_org_genus                     ? 
_entity_src_gen.pdbx_host_org_gene                 ? 
_entity_src_gen.pdbx_host_org_organ                ? 
_entity_src_gen.host_org_species                   ? 
_entity_src_gen.pdbx_host_org_tissue               ? 
_entity_src_gen.pdbx_host_org_tissue_fraction      ? 
_entity_src_gen.pdbx_host_org_strain               ? 
_entity_src_gen.pdbx_host_org_variant              ? 
_entity_src_gen.pdbx_host_org_cell_line            ? 
_entity_src_gen.pdbx_host_org_atcc                 ? 
_entity_src_gen.pdbx_host_org_culture_collection   ? 
_entity_src_gen.pdbx_host_org_cell                 ? 
_entity_src_gen.pdbx_host_org_organelle            ? 
_entity_src_gen.pdbx_host_org_cellular_location    ? 
_entity_src_gen.pdbx_host_org_vector_type          ? 
_entity_src_gen.pdbx_host_org_vector               ? 
_entity_src_gen.host_org_details                   ? 
_entity_src_gen.expression_system_id               ? 
_entity_src_gen.plasmid_name                       ? 
_entity_src_gen.plasmid_details                    ? 
_entity_src_gen.pdbx_description                   ? 
# 
loop_
_chem_comp.id 
_chem_comp.type 
_chem_comp.mon_nstd_flag 
_chem_comp.name 
_chem_comp.pdbx_synonyms 
_chem_comp.formula 
_chem_comp.formula_weight 
0OE non-polymer         . 
'4-{2-[5-(3-chlorophenyl)-1H-pyrazol-4-yl]-1-[3-(1H-imidazol-1-yl)propyl]-1H-benzimidazol-5-yl}benzoic acid' ? 'C29 H23 Cl N6 O2' 
522.985 
1JR non-polymer         . '(4S)-3-phenyl-4-(pyridin-3-yl)-4,5-dihydropyrrolo[3,4-c]pyrazol-6(2H)-one' ? 'C16 H12 N4 O'     276.293 
ALA 'L-peptide linking' y ALANINE ? 'C3 H7 N O2'       89.093  
ARG 'L-peptide linking' y ARGININE ? 'C6 H15 N4 O2 1'   175.209 
ASN 'L-peptide linking' y ASPARAGINE ? 'C4 H8 N2 O3'      132.118 
ASP 'L-peptide linking' y 'ASPARTIC ACID' ? 'C4 H7 N O4'       133.103 
GLN 'L-peptide linking' y GLUTAMINE ? 'C5 H10 N2 O3'     146.144 
GLU 'L-peptide linking' y 'GLUTAMIC ACID' ? 'C5 H9 N O4'       147.129 
GLY 'peptide linking'   y GLYCINE ? 'C2 H5 N O2'       75.067  
HIS 'L-peptide linking' y HISTIDINE ? 'C6 H10 N3 O2 1'   156.162 
HOH non-polymer         . WATER ? 'H2 O'             18.015  
ILE 'L-peptide linking' y ISOLEUCINE ? 'C6 H13 N O2'      131.173 
LEU 'L-peptide linking' y LEUCINE ? 'C6 H13 N O2'      131.173 
LYS 'L-peptide linking' y LYSINE ? 'C6 H15 N2 O2 1'   147.195 
MET 'L-peptide linking' y METHIONINE ? 'C5 H11 N O2 S'    149.211 
PHE 'L-peptide linking' y PHENYLALANINE ? 'C9 H11 N O2'      165.189 
PRO 'L-peptide linking' y PROLINE ? 'C5 H9 N O2'       115.130 
SER 'L-peptide linking' y SERINE ? 'C3 H7 N O3'       105.093 
THR 'L-peptide linking' y THREONINE ? 'C4 H9 N O3'       119.119 
TRP 'L-peptide linking' y TRYPTOPHAN ? 'C11 H12 N2 O2'    204.225 
TYR 'L-peptide linking' y TYROSINE ? 'C9 H11 N O3'      181.189 
VAL 'L-peptide linking' y VALINE ? 'C5 H11 N O2'      117.146 
# 
loop_
_pdbx_poly_seq_scheme.asym_id 
_pdbx_poly_seq_scheme.entity_id 
_pdbx_poly_seq_scheme.seq_id 
_pdbx_poly_seq_scheme.mon_id 
_pdbx_poly_seq_scheme.ndb_seq_num 
_pdbx_poly_seq_scheme.pdb_seq_num 
_pdbx_poly_seq_scheme.auth_seq_num 
_pdbx_poly_seq_scheme.pdb_mon_id 
_pdbx_poly_seq_scheme.auth_mon_id 
_pdbx_poly_seq_scheme.pdb_strand_id 
_pdbx_poly_seq_scheme.pdb_ins_code 
_pdbx_poly_seq_scheme.hetero 
A 1 1   PRO 1   1   1   PRO PRO A . n 
A 1 2   ILE 2   2   2   ILE ILE A . n 
A 1 3   VAL 3   3   3   VAL VAL A . n 
A 1 4   GLN 4   4   4   GLN GLN A . n 
A 1 5   ASN 5   5   5   ASN ASN A . n 
A 1 6   LEU 6   6   6   LEU LEU A . n 
A 1 7   GLN 7   7   7   GLN GLN A . n 
A 1 8   GLY 8   8   8   GLY GLY A . n 
A 1 9   GLN 9   9   9   GLN GLN A . n 
A 1 10  MET 10  10  10  MET MET A . n 
A 1 11  VAL 11  11  11  VAL VAL A . n 
A 1 12  HIS 12  12  12  HIS HIS A . n 
A 1 13  GLN 13  13  13  GLN GLN A . n 
A 1 14  ALA 14  14  14  ALA ALA A . n 
A 1 15  ILE 15  15  15  ILE ILE A . n 
A 1 16  SER 16  16  16  SER SER A . n 
A 1 17  PRO 17  17  17  PRO PRO A . n 
A 1 18  ARG 18  18  18  ARG ARG A . n 
A 1 19  THR 19  19  19  THR THR A . n 
A 1 20  LEU 20  20  20  LEU LEU A . n 
A 1 21  ASN 21  21  21  ASN ASN A . n 
A 1 22  ALA 22  22  22  ALA ALA A . n 
A 1 23  TRP 23  23  23  TRP TRP A . n 
A 1 24  VAL 24  24  24  VAL VAL A . n 
A 1 25  LYS 25  25  25  LYS LYS A . n 
A 1 26  VAL 26  26  26  VAL VAL A . n 
A 1 27  VAL 27  27  27  VAL VAL A . n 
A 1 28  GLU 28  28  28  GLU GLU A . n 
A 1 29  GLU 29  29  29  GLU GLU A . n 
A 1 30  LYS 30  30  30  LYS LYS A . n 
A 1 31  ALA 31  31  31  ALA ALA A . n 
A 1 32  PHE 32  32  32  PHE PHE A . n 
A 1 33  SER 33  33  33  SER SER A . n 
A 1 34  PRO 34  34  34  PRO PRO A . n 
A 1 35  GLU 35  35  35  GLU GLU A . n 
A 1 36  VAL 36  36  36  VAL VAL A . n 
A 1 37  ILE 37  37  37  ILE ILE A . n 
A 1 38  PRO 38  38  38  PRO PRO A . n 
A 1 39  MET 39  39  39  MET MET A . n 
A 1 40  PHE 40  40  40  PHE PHE A . n 
A 1 41  SER 41  41  41  SER SER A . n 
A 1 42  ALA 42  42  42  ALA ALA A . n 
A 1 43  LEU 43  43  43  LEU LEU A . n 
A 1 44  SER 44  44  44  SER SER A . n 
A 1 45  GLU 45  45  45  GLU GLU A . n 
A 1 46  GLY 46  46  46  GLY GLY A . n 
A 1 47  ALA 47  47  47  ALA ALA A . n 
A 1 48  THR 48  48  48  THR THR A . n 
A 1 49  PRO 49  49  49  PRO PRO A . n 
A 1 50  GLN 50  50  50  GLN GLN A . n 
A 1 51  ASP 51  51  51  ASP ASP A . n 
A 1 52  LEU 52  52  52  LEU LEU A . n 
A 1 53  ASN 53  53  53  ASN ASN A . n 
A 1 54  THR 54  54  54  THR THR A . n 
A 1 55  MET 55  55  55  MET MET A . n 
A 1 56  LEU 56  56  56  LEU LEU A . n 
A 1 57  ASN 57  57  57  ASN ASN A . n 
A 1 58  THR 58  58  58  THR THR A . n 
A 1 59  VAL 59  59  59  VAL VAL A . n 
A 1 60  GLY 60  60  60  GLY GLY A . n 
A 1 61  GLY 61  61  61  GLY GLY A . n 
A 1 62  HIS 62  62  62  HIS HIS A . n 
A 1 63  GLN 63  63  63  GLN GLN A . n 
A 1 64  ALA 64  64  64  ALA ALA A . n 
A 1 65  ALA 65  65  65  ALA ALA A . n 
A 1 66  MET 66  66  66  MET MET A . n 
A 1 67  GLN 67  67  67  GLN GLN A . n 
A 1 68  MET 68  68  68  MET MET A . n 
A 1 69  LEU 69  69  69  LEU LEU A . n 
A 1 70  LYS 70  70  70  LYS LYS A . n 
A 1 71  GLU 71  71  71  GLU GLU A . n 
A 1 72  THR 72  72  72  THR THR A . n 
A 1 73  ILE 73  73  73  ILE ILE A . n 
A 1 74  ASN 74  74  74  ASN ASN A . n 
A 1 75  GLU 75  75  75  GLU GLU A . n 
A 1 76  GLU 76  76  76  GLU GLU A . n 
A 1 77  ALA 77  77  77  ALA ALA A . n 
A 1 78  ALA 78  78  78  ALA ALA A . n 
A 1 79  GLU 79  79  79  GLU GLU A . n 
A 1 80  TRP 80  80  80  TRP TRP A . n 
A 1 81  ASP 81  81  81  ASP ASP A . n 
A 1 82  ARG 82  82  82  ARG ARG A . n 
A 1 83  LEU 83  83  83  LEU LEU A . n 
A 1 84  HIS 84  84  84  HIS HIS A . n 
A 1 85  PRO 85  85  85  PRO PRO A . n 
A 1 86  VAL 86  86  86  VAL VAL A . n 
A 1 87  HIS 87  87  87  HIS HIS A . n 
A 1 88  ALA 88  88  88  ALA ALA A . n 
A 1 89  GLY 89  89  89  GLY GLY A . n 
A 1 90  PRO 90  90  90  PRO PRO A . n 
A 1 91  ILE 91  91  91  ILE ILE A . n 
A 1 92  ALA 92  92  92  ALA ALA A . n 
A 1 93  PRO 93  93  93  PRO PRO A . n 
A 1 94  GLY 94  94  94  GLY GLY A . n 
A 1 95  GLN 95  95  95  GLN GLN A . n 
A 1 96  MET 96  96  96  MET MET A . n 
A 1 97  ARG 97  97  97  ARG ARG A . n 
A 1 98  GLU 98  98  98  GLU GLU A . n 
A 1 99  PRO 99  99  99  PRO PRO A . n 
A 1 100 ARG 100 100 100 ARG ARG A . n 
A 1 101 GLY 101 101 101 GLY GLY A . n 
A 1 102 SER 102 102 102 SER SER A . n 
A 1 103 ASP 103 103 103 ASP ASP A . n 
A 1 104 ILE 104 104 104 ILE ILE A . n 
A 1 105 ALA 105 105 105 ALA ALA A . n 
A 1 106 GLY 106 106 106 GLY GLY A . n 
A 1 107 THR 107 107 107 THR THR A . n 
A 1 108 THR 108 108 108 THR THR A . n 
A 1 109 SER 109 109 109 SER SER A . n 
A 1 110 THR 110 110 110 THR THR A . n 
A 1 111 LEU 111 111 111 LEU LEU A . n 
A 1 112 GLN 112 112 112 GLN GLN A . n 
A 1 113 GLU 113 113 113 GLU GLU A . n 
A 1 114 GLN 114 114 114 GLN GLN A . n 
A 1 115 ILE 115 115 115 ILE ILE A . n 
A 1 116 GLY 116 116 116 GLY GLY A . n 
A 1 117 TRP 117 117 117 TRP TRP A . n 
A 1 118 MET 118 118 118 MET MET A . n 
A 1 119 THR 119 119 119 THR THR A . n 
A 1 120 HIS 120 120 120 HIS HIS A . n 
A 1 121 ASN 121 121 121 ASN ASN A . n 
A 1 122 PRO 122 122 122 PRO PRO A . n 
A 1 123 PRO 123 123 123 PRO PRO A . n 
A 1 124 ILE 124 124 124 ILE ILE A . n 
A 1 125 PRO 125 125 125 PRO PRO A . n 
A 1 126 VAL 126 126 126 VAL VAL A . n 
A 1 127 GLY 127 127 127 GLY GLY A . n 
A 1 128 GLU 128 128 128 GLU GLU A . n 
A 1 129 ILE 129 129 129 ILE ILE A . n 
A 1 130 TYR 130 130 130 TYR TYR A . n 
A 1 131 LYS 131 131 131 LYS LYS A . n 
A 1 132 ARG 132 132 132 ARG ARG A . n 
A 1 133 TRP 133 133 133 TRP TRP A . n 
A 1 134 ILE 134 134 134 ILE ILE A . n 
A 1 135 ILE 135 135 135 ILE ILE A . n 
A 1 136 LEU 136 136 136 LEU LEU A . n 
A 1 137 GLY 137 137 137 GLY GLY A . n 
A 1 138 LEU 138 138 138 LEU LEU A . n 
A 1 139 ASN 139 139 139 ASN ASN A . n 
A 1 140 LYS 140 140 140 LYS LYS A . n 
A 1 141 ILE 141 141 141 ILE ILE A . n 
A 1 142 VAL 142 142 142 VAL VAL A . n 
A 1 143 ARG 143 143 143 ARG ARG A . n 
A 1 144 MET 144 144 144 MET MET A . n 
A 1 145 TYR 145 145 145 TYR TYR A . n 
A 1 146 SER 146 146 146 SER SER A . n 
# 
loop_
_pdbx_nonpoly_scheme.asym_id 
_pdbx_nonpoly_scheme.entity_id 
_pdbx_nonpoly_scheme.mon_id 
_pdbx_nonpoly_scheme.ndb_seq_num 
_pdbx_nonpoly_scheme.pdb_seq_num 
_pdbx_nonpoly_scheme.auth_seq_num 
_pdbx_nonpoly_scheme.pdb_mon_id 
_pdbx_nonpoly_scheme.auth_mon_id 
_pdbx_nonpoly_scheme.pdb_strand_id 
_pdbx_nonpoly_scheme.pdb_ins_code 
B 2 0OE 1   201 1   0OE INH A . 
C 3 1JR 1   202 2   1JR LIG A . 
D 4 HOH 1   301 1   HOH HOH A . 
D 4 HOH 2   302 2   HOH HOH A . 
D 4 HOH 3   303 3   HOH HOH A . 
D 4 HOH 4   304 4   HOH HOH A . 
D 4 HOH 5   305 5   HOH HOH A . 
D 4 HOH 6   306 6   HOH HOH A . 
D 4 HOH 7   307 7   HOH HOH A . 
D 4 HOH 8   308 8   HOH HOH A . 
D 4 HOH 9   309 9   HOH HOH A . 
D 4 HOH 10  310 10  HOH HOH A . 
D 4 HOH 11  311 11  HOH HOH A . 
D 4 HOH 12  312 12  HOH HOH A . 
D 4 HOH 13  313 13  HOH HOH A . 
D 4 HOH 14  314 14  HOH HOH A . 
D 4 HOH 15  315 15  HOH HOH A . 
D 4 HOH 16  316 16  HOH HOH A . 
D 4 HOH 17  317 17  HOH HOH A . 
D 4 HOH 18  318 18  HOH HOH A . 
D 4 HOH 19  319 19  HOH HOH A . 
D 4 HOH 20  320 20  HOH HOH A . 
D 4 HOH 21  321 21  HOH HOH A . 
D 4 HOH 22  322 22  HOH HOH A . 
D 4 HOH 23  323 23  HOH HOH A . 
D 4 HOH 24  324 24  HOH HOH A . 
D 4 HOH 25  325 25  HOH HOH A . 
D 4 HOH 26  326 26  HOH HOH A . 
D 4 HOH 27  327 27  HOH HOH A . 
D 4 HOH 28  328 28  HOH HOH A . 
D 4 HOH 29  329 29  HOH HOH A . 
D 4 HOH 30  330 30  HOH HOH A . 
D 4 HOH 31  331 31  HOH HOH A . 
D 4 HOH 32  332 32  HOH HOH A . 
D 4 HOH 33  333 33  HOH HOH A . 
D 4 HOH 34  334 34  HOH HOH A . 
D 4 HOH 35  335 35  HOH HOH A . 
D 4 HOH 36  336 36  HOH HOH A . 
D 4 HOH 37  337 37  HOH HOH A . 
D 4 HOH 38  338 38  HOH HOH A . 
D 4 HOH 39  339 39  HOH HOH A . 
D 4 HOH 40  340 40  HOH HOH A . 
D 4 HOH 41  341 41  HOH HOH A . 
D 4 HOH 42  342 42  HOH HOH A . 
D 4 HOH 43  343 43  HOH HOH A . 
D 4 HOH 44  344 44  HOH HOH A . 
D 4 HOH 45  345 45  HOH HOH A . 
D 4 HOH 46  346 46  HOH HOH A . 
D 4 HOH 47  347 47  HOH HOH A . 
D 4 HOH 48  348 48  HOH HOH A . 
D 4 HOH 49  349 49  HOH HOH A . 
D 4 HOH 50  350 50  HOH HOH A . 
D 4 HOH 51  351 51  HOH HOH A . 
D 4 HOH 52  352 52  HOH HOH A . 
D 4 HOH 53  353 53  HOH HOH A . 
D 4 HOH 54  354 54  HOH HOH A . 
D 4 HOH 55  355 55  HOH HOH A . 
D 4 HOH 56  356 56  HOH HOH A . 
D 4 HOH 57  357 57  HOH HOH A . 
D 4 HOH 58  358 58  HOH HOH A . 
D 4 HOH 59  359 59  HOH HOH A . 
D 4 HOH 60  360 60  HOH HOH A . 
D 4 HOH 61  361 61  HOH HOH A . 
D 4 HOH 62  362 62  HOH HOH A . 
D 4 HOH 63  363 63  HOH HOH A . 
D 4 HOH 64  364 64  HOH HOH A . 
D 4 HOH 65  365 65  HOH HOH A . 
D 4 HOH 66  366 66  HOH HOH A . 
D 4 HOH 67  367 67  HOH HOH A . 
D 4 HOH 68  368 68  HOH HOH A . 
D 4 HOH 69  369 69  HOH HOH A . 
D 4 HOH 70  370 70  HOH HOH A . 
D 4 HOH 71  371 71  HOH HOH A . 
D 4 HOH 72  372 72  HOH HOH A . 
D 4 HOH 73  373 73  HOH HOH A . 
D 4 HOH 74  374 74  HOH HOH A . 
D 4 HOH 75  375 75  HOH HOH A . 
D 4 HOH 76  376 76  HOH HOH A . 
D 4 HOH 77  377 77  HOH HOH A . 
D 4 HOH 78  378 78  HOH HOH A . 
D 4 HOH 79  379 79  HOH HOH A . 
D 4 HOH 80  380 80  HOH HOH A . 
D 4 HOH 81  381 81  HOH HOH A . 
D 4 HOH 82  382 82  HOH HOH A . 
D 4 HOH 83  383 83  HOH HOH A . 
D 4 HOH 84  384 84  HOH HOH A . 
D 4 HOH 85  385 85  HOH HOH A . 
D 4 HOH 86  386 86  HOH HOH A . 
D 4 HOH 87  387 87  HOH HOH A . 
D 4 HOH 88  388 88  HOH HOH A . 
D 4 HOH 89  389 89  HOH HOH A . 
D 4 HOH 90  390 90  HOH HOH A . 
D 4 HOH 91  391 91  HOH HOH A . 
D 4 HOH 92  392 92  HOH HOH A . 
D 4 HOH 93  393 93  HOH HOH A . 
D 4 HOH 94  394 94  HOH HOH A . 
D 4 HOH 95  395 95  HOH HOH A . 
D 4 HOH 96  396 96  HOH HOH A . 
D 4 HOH 97  397 97  HOH HOH A . 
D 4 HOH 98  398 98  HOH HOH A . 
D 4 HOH 99  399 99  HOH HOH A . 
D 4 HOH 100 400 100 HOH HOH A . 
D 4 HOH 101 401 101 HOH HOH A . 
D 4 HOH 102 402 102 HOH HOH A . 
D 4 HOH 103 403 103 HOH HOH A . 
D 4 HOH 104 404 104 HOH HOH A . 
D 4 HOH 105 405 105 HOH HOH A . 
D 4 HOH 106 406 106 HOH HOH A . 
D 4 HOH 107 407 107 HOH HOH A . 
D 4 HOH 108 408 108 HOH HOH A . 
D 4 HOH 109 409 109 HOH HOH A . 
D 4 HOH 110 410 110 HOH HOH A . 
D 4 HOH 111 411 111 HOH HOH A . 
D 4 HOH 112 412 112 HOH HOH A . 
D 4 HOH 113 413 113 HOH HOH A . 
D 4 HOH 114 414 114 HOH HOH A . 
D 4 HOH 115 415 115 HOH HOH A . 
D 4 HOH 116 416 116 HOH HOH A . 
D 4 HOH 117 417 117 HOH HOH A . 
D 4 HOH 118 418 118 HOH HOH A . 
D 4 HOH 119 419 119 HOH HOH A . 
D 4 HOH 120 420 120 HOH HOH A . 
D 4 HOH 121 421 121 HOH HOH A . 
D 4 HOH 122 422 122 HOH HOH A . 
D 4 HOH 123 423 123 HOH HOH A . 
D 4 HOH 124 424 124 HOH HOH A . 
D 4 HOH 125 425 125 HOH HOH A . 
D 4 HOH 126 426 126 HOH HOH A . 
D 4 HOH 127 427 127 HOH HOH A . 
D 4 HOH 128 428 128 HOH HOH A . 
D 4 HOH 129 429 129 HOH HOH A . 
D 4 HOH 130 430 130 HOH HOH A . 
D 4 HOH 131 431 131 HOH HOH A . 
D 4 HOH 132 432 132 HOH HOH A . 
D 4 HOH 133 433 133 HOH HOH A . 
D 4 HOH 134 434 134 HOH HOH A . 
D 4 HOH 135 435 135 HOH HOH A . 
D 4 HOH 136 436 136 HOH HOH A . 
D 4 HOH 137 437 137 HOH HOH A . 
D 4 HOH 138 438 138 HOH HOH A . 
D 4 HOH 139 439 139 HOH HOH A . 
D 4 HOH 140 440 140 HOH HOH A . 
D 4 HOH 141 441 141 HOH HOH A . 
D 4 HOH 142 442 142 HOH HOH A . 
D 4 HOH 143 443 143 HOH HOH A . 
D 4 HOH 144 444 144 HOH HOH A . 
D 4 HOH 145 445 145 HOH HOH A . 
D 4 HOH 146 446 146 HOH HOH A . 
D 4 HOH 147 447 147 HOH HOH A . 
D 4 HOH 148 448 148 HOH HOH A . 
# 
loop_
_software.name 
_software.classification 
_software.version 
_software.citation_id 
_software.pdbx_ordinal 
MAR345dtb 'data collection' .                          ? 1 
PHENIX    'model building'  .                          ? 2 
PHENIX    refinement        '(phenix.refine: 1.7_650)' ? 3 
HKL-2000  'data reduction'  .                          ? 4 
HKL-2000  'data scaling'    .                          ? 5 
PHENIX    phasing           .                          ? 6 
# 
_cell.entry_id           4J93 
_cell.length_a           40.779 
_cell.length_b           42.494 
_cell.length_c           83.279 
_cell.angle_alpha        90.00 
_cell.angle_beta         90.00 
_cell.angle_gamma        90.00 
_cell.Z_PDB              4 
_cell.pdbx_unique_axis   ? 
_cell.length_a_esd       ? 
_cell.length_b_esd       ? 
_cell.length_c_esd       ? 
_cell.angle_alpha_esd    ? 
_cell.angle_beta_esd     ? 
_cell.angle_gamma_esd    ? 
# 
_symmetry.entry_id                         4J93 
_symmetry.space_group_name_H-M             'P 21 21 21' 
_symmetry.pdbx_full_space_group_name_H-M   ? 
_symmetry.cell_setting                     ? 
_symmetry.Int_Tables_number                19 
_symmetry.space_group_name_Hall            ? 
# 
_exptl.entry_id          4J93 
_exptl.method            'X-RAY DIFFRACTION' 
_exptl.crystals_number   1 
# 
_exptl_crystal.id                    1 
_exptl_crystal.density_meas          ? 
_exptl_crystal.density_Matthews      2.23 
_exptl_crystal.density_percent_sol   44.75 
_exptl_crystal.description           ? 
_exptl_crystal.F_000                 ? 
_exptl_crystal.preparation           ? 
# 
_exptl_crystal_grow.crystal_id      1 
_exptl_crystal_grow.method          'VAPOR DIFFUSION, SITTING DROP' 
_exptl_crystal_grow.temp            284 
_exptl_crystal_grow.temp_details    ? 
_exptl_crystal_grow.pH              9.0 
_exptl_crystal_grow.pdbx_details    
'22.5 % PEG8000, 0.1 M TAPS pH 9.0 and 0.1 M NaOAc, VAPOR DIFFUSION, SITTING DROP, temperature 284K' 
_exptl_crystal_grow.pdbx_pH_range   ? 
# 
_diffrn.id                     1 
_diffrn.ambient_temp           100 
_diffrn.ambient_temp_details   ? 
_diffrn.crystal_id             1 
# 
_diffrn_detector.diffrn_id              1 
_diffrn_detector.detector               'IMAGE PLATE' 
_diffrn_detector.type                   'MAR scanner 345 mm plate' 
_diffrn_detector.pdbx_collection_date   ? 
_diffrn_detector.details                'Osmic HiRes2' 
# 
_diffrn_radiation.diffrn_id                        1 
_diffrn_radiation.wavelength_id                    1 
_diffrn_radiation.pdbx_monochromatic_or_laue_m_l   M 
_diffrn_radiation.monochromator                    ? 
_diffrn_radiation.pdbx_diffrn_protocol             'SINGLE WAVELENGTH' 
_diffrn_radiation.pdbx_scattering_type             x-ray 
# 
_diffrn_radiation_wavelength.id           1 
_diffrn_radiation_wavelength.wavelength   1.5418 
_diffrn_radiation_wavelength.wt           1.0 
# 
_diffrn_source.diffrn_id                   1 
_diffrn_source.source                      'ROTATING ANODE' 
_diffrn_source.type                        'RIGAKU FR-E SUPERBRIGHT' 
_diffrn_source.pdbx_synchrotron_site       ? 
_diffrn_source.pdbx_synchrotron_beamline   ? 
_diffrn_source.pdbx_wavelength             ? 
_diffrn_source.pdbx_wavelength_list        1.5418 
# 
_reflns.entry_id                     4J93 
_reflns.observed_criterion_sigma_I   0 
_reflns.observed_criterion_sigma_F   0 
_reflns.d_resolution_low             40 
_reflns.d_resolution_high            1.74 
_reflns.number_obs                   15051 
_reflns.number_all                   ? 
_reflns.percent_possible_obs         96.6 
_reflns.pdbx_Rmerge_I_obs            0.047 
_reflns.pdbx_Rsym_value              ? 
_reflns.pdbx_netI_over_sigmaI        21 
_reflns.B_iso_Wilson_estimate        ? 
_reflns.pdbx_redundancy              8.2 
_reflns.R_free_details               ? 
_reflns.limit_h_max                  ? 
_reflns.limit_h_min                  ? 
_reflns.limit_k_max                  ? 
_reflns.limit_k_min                  ? 
_reflns.limit_l_max                  ? 
_reflns.limit_l_min                  ? 
_reflns.observed_criterion_F_max     ? 
_reflns.observed_criterion_F_min     ? 
_reflns.pdbx_chi_squared             ? 
_reflns.pdbx_scaling_rejects         ? 
_reflns.pdbx_ordinal                 1 
_reflns.pdbx_diffrn_id               1 
# 
_reflns_shell.d_res_high             1.74 
_reflns_shell.d_res_low              1.8 
_reflns_shell.percent_possible_all   93.2 
_reflns_shell.Rmerge_I_obs           .445 
_reflns_shell.pdbx_Rsym_value        ? 
_reflns_shell.meanI_over_sigI_obs    ? 
_reflns_shell.pdbx_redundancy        7.1 
_reflns_shell.percent_possible_obs   ? 
_reflns_shell.number_unique_all      1429 
_reflns_shell.number_measured_all    ? 
_reflns_shell.number_measured_obs    ? 
_reflns_shell.number_unique_obs      ? 
_reflns_shell.pdbx_chi_squared       ? 
_reflns_shell.pdbx_ordinal           1 
_reflns_shell.pdbx_diffrn_id         1 
# 
_refine.entry_id                                 4J93 
_refine.ls_number_reflns_obs                     14785 
_refine.ls_number_reflns_all                     15631 
_refine.pdbx_ls_sigma_I                          ? 
_refine.pdbx_ls_sigma_F                          0.00 
_refine.pdbx_data_cutoff_high_absF               ? 
_refine.pdbx_data_cutoff_low_absF                ? 
_refine.pdbx_data_cutoff_high_rms_absF           ? 
_refine.ls_d_res_low                             29.741 
_refine.ls_d_res_high                            1.74 
_refine.ls_percent_reflns_obs                    94.59 
_refine.ls_R_factor_obs                          0.1969 
_refine.ls_R_factor_all                          ? 
_refine.ls_R_factor_R_work                       0.1927 
_refine.ls_R_factor_R_free                       0.2334 
_refine.ls_R_factor_R_free_error                 ? 
_refine.ls_R_factor_R_free_error_details         ? 
_refine.ls_percent_reflns_R_free                 10.17 
_refine.ls_number_reflns_R_free                  1503 
_refine.ls_number_parameters                     ? 
_refine.ls_number_restraints                     ? 
_refine.occupancy_min                            ? 
_refine.occupancy_max                            ? 
_refine.correlation_coeff_Fo_to_Fc               ? 
_refine.correlation_coeff_Fo_to_Fc_free          ? 
_refine.B_iso_mean                               ? 
_refine.aniso_B[1][1]                            2.5872 
_refine.aniso_B[2][2]                            2.0494 
_refine.aniso_B[3][3]                            -4.6366 
_refine.aniso_B[1][2]                            0.0000 
_refine.aniso_B[1][3]                            -0.0000 
_refine.aniso_B[2][3]                            -0.0000 
_refine.solvent_model_details                    'FLAT BULK SOLVENT MODEL' 
_refine.solvent_model_param_ksol                 0.387 
_refine.solvent_model_param_bsol                 60.008 
_refine.pdbx_solvent_vdw_probe_radii             1.00 
_refine.pdbx_solvent_ion_probe_radii             ? 
_refine.pdbx_solvent_shrinkage_radii             0.72 
_refine.pdbx_ls_cross_valid_method               ? 
_refine.details                                  ? 
_refine.pdbx_starting_model                      ? 
_refine.pdbx_method_to_determine_struct          'MOLECULAR REPLACEMENT' 
_refine.pdbx_isotropic_thermal_model             ? 
_refine.pdbx_stereochemistry_target_values       ML 
_refine.pdbx_stereochem_target_val_spec_case     ? 
_refine.pdbx_R_Free_selection_details            Random 
_refine.pdbx_overall_ESU_R                       ? 
_refine.pdbx_overall_ESU_R_Free                  ? 
_refine.overall_SU_ML                            0.26 
_refine.pdbx_overall_phase_error                 22.08 
_refine.overall_SU_B                             ? 
_refine.overall_SU_R_Cruickshank_DPI             ? 
_refine.ls_redundancy_reflns_obs                 ? 
_refine.B_iso_min                                ? 
_refine.B_iso_max                                ? 
_refine.overall_SU_R_free                        ? 
_refine.ls_wR_factor_R_free                      ? 
_refine.ls_wR_factor_R_work                      ? 
_refine.overall_FOM_free_R_set                   ? 
_refine.overall_FOM_work_R_set                   ? 
_refine.pdbx_diffrn_id                           1 
_refine.pdbx_refine_id                           'X-RAY DIFFRACTION' 
_refine.pdbx_TLS_residual_ADP_flag               ? 
_refine.pdbx_overall_SU_R_free_Cruickshank_DPI   ? 
_refine.pdbx_overall_SU_R_Blow_DPI               ? 
_refine.pdbx_overall_SU_R_free_Blow_DPI          ? 
# 
_refine_hist.pdbx_refine_id                   'X-RAY DIFFRACTION' 
_refine_hist.cycle_id                         LAST 
_refine_hist.pdbx_number_atoms_protein        1136 
_refine_hist.pdbx_number_atoms_nucleic_acid   0 
_refine_hist.pdbx_number_atoms_ligand         59 
_refine_hist.number_atoms_solvent             148 
_refine_hist.number_atoms_total               1343 
_refine_hist.d_res_high                       1.74 
_refine_hist.d_res_low                        29.741 
# 
loop_
_refine_ls_restr.type 
_refine_ls_restr.dev_ideal 
_refine_ls_restr.dev_ideal_target 
_refine_ls_restr.weight 
_refine_ls_restr.number 
_refine_ls_restr.pdbx_restraint_function 
_refine_ls_restr.pdbx_refine_id 
f_bond_d           0.003  ? ? 1231 ? 'X-RAY DIFFRACTION' 
f_angle_d          0.789  ? ? 1680 ? 'X-RAY DIFFRACTION' 
f_dihedral_angle_d 17.004 ? ? 449  ? 'X-RAY DIFFRACTION' 
f_chiral_restr     0.050  ? ? 177  ? 'X-RAY DIFFRACTION' 
f_plane_restr      0.004  ? ? 217  ? 'X-RAY DIFFRACTION' 
# 
loop_
_refine_ls_shell.pdbx_total_number_of_bins_used 
_refine_ls_shell.d_res_high 
_refine_ls_shell.d_res_low 
_refine_ls_shell.number_reflns_R_work 
_refine_ls_shell.R_factor_R_work 
_refine_ls_shell.percent_reflns_obs 
_refine_ls_shell.R_factor_R_free 
_refine_ls_shell.R_factor_R_free_error 
_refine_ls_shell.percent_reflns_R_free 
_refine_ls_shell.number_reflns_R_free 
_refine_ls_shell.number_reflns_all 
_refine_ls_shell.R_factor_all 
_refine_ls_shell.number_reflns_obs 
_refine_ls_shell.redundancy_reflns_obs 
_refine_ls_shell.pdbx_refine_id 
. 1.7400 1.7887  1013 0.4130 81.00  0.4215 . . 112 . . . . 'X-RAY DIFFRACTION' 
. 1.7887 1.8526  1140 0.3038 90.00  0.3584 . . 139 . . . . 'X-RAY DIFFRACTION' 
. 1.8526 1.9267  1146 0.2413 93.00  0.2899 . . 128 . . . . 'X-RAY DIFFRACTION' 
. 1.9267 2.0144  1180 0.2122 94.00  0.2704 . . 133 . . . . 'X-RAY DIFFRACTION' 
. 2.0144 2.1206  1189 0.2041 95.00  0.2748 . . 137 . . . . 'X-RAY DIFFRACTION' 
. 2.1206 2.2534  1222 0.1850 96.00  0.2137 . . 129 . . . . 'X-RAY DIFFRACTION' 
. 2.2534 2.4273  1229 0.1852 97.00  0.2281 . . 141 . . . . 'X-RAY DIFFRACTION' 
. 2.4273 2.6715  1248 0.1926 98.00  0.2418 . . 139 . . . . 'X-RAY DIFFRACTION' 
. 2.6715 3.0577  1248 0.1950 98.00  0.2350 . . 139 . . . . 'X-RAY DIFFRACTION' 
. 3.0577 3.8510  1293 0.1818 99.00  0.2182 . . 145 . . . . 'X-RAY DIFFRACTION' 
. 3.8510 29.7454 1374 0.1731 100.00 0.2089 . . 161 . . . . 'X-RAY DIFFRACTION' 
# 
_struct.entry_id                  4J93 
_struct.title                     'Crystal Structure of the N-Terminal Domain of HIV-1 Capsid in Complex With Inhibitor BI-1' 
_struct.pdbx_model_details        ? 
_struct.pdbx_CASP_flag            ? 
_struct.pdbx_model_type_details   ? 
# 
_struct_keywords.entry_id        4J93 
_struct_keywords.pdbx_keywords   'VIRAL PROTEIN/VIRAL PROTEIN INHIBITOR' 
_struct_keywords.text            'structural protein capsid, VIRAL PROTEIN, VIRAL PROTEIN-VIRAL PROTEIN INHIBITOR complex' 
# 
loop_
_struct_asym.id 
_struct_asym.pdbx_blank_PDB_chainid_flag 
_struct_asym.pdbx_modified 
_struct_asym.entity_id 
_struct_asym.details 
A N N 1 ? 
B N N 2 ? 
C N N 3 ? 
D N N 4 ? 
# 
_struct_ref.id                         1 
_struct_ref.db_name                    UNP 
_struct_ref.db_code                    Q79791_9HIV1 
_struct_ref.pdbx_db_accession          Q79791 
_struct_ref.entity_id                  1 
_struct_ref.pdbx_seq_one_letter_code   
;PIVQNLQGQMVHQAISPRTLNAWVKVVEEKAFSPEVIPMFSALSEGATPQDLNTMLNTVGGHQAAMQMLKETINEEAAEW
DRLHPVHAGPIAPGQMREPRGSDIAGTTSTLQEQIGWMTHNPPIPVGEIYKRWIILGLNKIVRMYS
;
_struct_ref.pdbx_align_begin           133 
_struct_ref.pdbx_db_isoform            ? 
# 
_struct_ref_seq.align_id                      1 
_struct_ref_seq.ref_id                        1 
_struct_ref_seq.pdbx_PDB_id_code              4J93 
_struct_ref_seq.pdbx_strand_id                A 
_struct_ref_seq.seq_align_beg                 1 
_struct_ref_seq.pdbx_seq_align_beg_ins_code   ? 
_struct_ref_seq.seq_align_end                 146 
_struct_ref_seq.pdbx_seq_align_end_ins_code   ? 
_struct_ref_seq.pdbx_db_accession             Q79791 
_struct_ref_seq.db_align_beg                  133 
_struct_ref_seq.pdbx_db_align_beg_ins_code    ? 
_struct_ref_seq.db_align_end                  278 
_struct_ref_seq.pdbx_db_align_end_ins_code    ? 
_struct_ref_seq.pdbx_auth_seq_align_beg       1 
_struct_ref_seq.pdbx_auth_seq_align_end       146 
# 
_pdbx_struct_assembly.id                   1 
_pdbx_struct_assembly.details              author_and_software_defined_assembly 
_pdbx_struct_assembly.method_details       PISA 
_pdbx_struct_assembly.oligomeric_details   monomeric 
_pdbx_struct_assembly.oligomeric_count     1 
# 
_pdbx_struct_assembly_gen.assembly_id       1 
_pdbx_struct_assembly_gen.oper_expression   1 
_pdbx_struct_assembly_gen.asym_id_list      A,B,C,D 
# 
_pdbx_struct_oper_list.id                   1 
_pdbx_struct_oper_list.type                 'identity operation' 
_pdbx_struct_oper_list.name                 1_555 
_pdbx_struct_oper_list.symmetry_operation   x,y,z 
_pdbx_struct_oper_list.matrix[1][1]         1.0000000000 
_pdbx_struct_oper_list.matrix[1][2]         0.0000000000 
_pdbx_struct_oper_list.matrix[1][3]         0.0000000000 
_pdbx_struct_oper_list.vector[1]            0.0000000000 
_pdbx_struct_oper_list.matrix[2][1]         0.0000000000 
_pdbx_struct_oper_list.matrix[2][2]         1.0000000000 
_pdbx_struct_oper_list.matrix[2][3]         0.0000000000 
_pdbx_struct_oper_list.vector[2]            0.0000000000 
_pdbx_struct_oper_list.matrix[3][1]         0.0000000000 
_pdbx_struct_oper_list.matrix[3][2]         0.0000000000 
_pdbx_struct_oper_list.matrix[3][3]         1.0000000000 
_pdbx_struct_oper_list.vector[3]            0.0000000000 
# 
_struct_biol.id        1 
_struct_biol.details   ? 
# 
loop_
_struct_conf.conf_type_id 
_struct_conf.id 
_struct_conf.pdbx_PDB_helix_id 
_struct_conf.beg_label_comp_id 
_struct_conf.beg_label_asym_id 
_struct_conf.beg_label_seq_id 
_struct_conf.pdbx_beg_PDB_ins_code 
_struct_conf.end_label_comp_id 
_struct_conf.end_label_asym_id 
_struct_conf.end_label_seq_id 
_struct_conf.pdbx_end_PDB_ins_code 
_struct_conf.beg_auth_comp_id 
_struct_conf.beg_auth_asym_id 
_struct_conf.beg_auth_seq_id 
_struct_conf.end_auth_comp_id 
_struct_conf.end_auth_asym_id 
_struct_conf.end_auth_seq_id 
_struct_conf.pdbx_PDB_helix_class 
_struct_conf.details 
_struct_conf.pdbx_PDB_helix_length 
HELX_P HELX_P1 1 SER A 16  ? ALA A 31  ? SER A 16  ALA A 31  1 ? 16 
HELX_P HELX_P2 2 GLU A 35  ? SER A 44  ? GLU A 35  SER A 44  1 ? 10 
HELX_P HELX_P3 3 THR A 48  ? THR A 58  ? THR A 48  THR A 58  1 ? 11 
HELX_P HELX_P4 4 HIS A 62  ? HIS A 84  ? HIS A 62  HIS A 84  1 ? 23 
HELX_P HELX_P5 5 ARG A 100 ? ALA A 105 ? ARG A 100 ALA A 105 1 ? 6  
HELX_P HELX_P6 6 THR A 110 ? HIS A 120 ? THR A 110 HIS A 120 1 ? 11 
HELX_P HELX_P7 7 PRO A 125 ? TYR A 145 ? PRO A 125 TYR A 145 1 ? 21 
# 
_struct_conf_type.id          HELX_P 
_struct_conf_type.criteria    ? 
_struct_conf_type.reference   ? 
# 
_struct_mon_prot_cis.pdbx_id                1 
_struct_mon_prot_cis.label_comp_id          ASN 
_struct_mon_prot_cis.label_seq_id           121 
_struct_mon_prot_cis.label_asym_id          A 
_struct_mon_prot_cis.label_alt_id           . 
_struct_mon_prot_cis.pdbx_PDB_ins_code      ? 
_struct_mon_prot_cis.auth_comp_id           ASN 
_struct_mon_prot_cis.auth_seq_id            121 
_struct_mon_prot_cis.auth_asym_id           A 
_struct_mon_prot_cis.pdbx_label_comp_id_2   PRO 
_struct_mon_prot_cis.pdbx_label_seq_id_2    122 
_struct_mon_prot_cis.pdbx_label_asym_id_2   A 
_struct_mon_prot_cis.pdbx_PDB_ins_code_2    ? 
_struct_mon_prot_cis.pdbx_auth_comp_id_2    PRO 
_struct_mon_prot_cis.pdbx_auth_seq_id_2     122 
_struct_mon_prot_cis.pdbx_auth_asym_id_2    A 
_struct_mon_prot_cis.pdbx_PDB_model_num     1 
_struct_mon_prot_cis.pdbx_omega_angle       1.17 
# 
_struct_sheet.id               A 
_struct_sheet.type             ? 
_struct_sheet.number_strands   2 
_struct_sheet.details          ? 
# 
_struct_sheet_order.sheet_id     A 
_struct_sheet_order.range_id_1   1 
_struct_sheet_order.range_id_2   2 
_struct_sheet_order.offset       ? 
_struct_sheet_order.sense        anti-parallel 
# 
loop_
_struct_sheet_range.sheet_id 
_struct_sheet_range.id 
_struct_sheet_range.beg_label_comp_id 
_struct_sheet_range.beg_label_asym_id 
_struct_sheet_range.beg_label_seq_id 
_struct_sheet_range.pdbx_beg_PDB_ins_code 
_struct_sheet_range.end_label_comp_id 
_struct_sheet_range.end_label_asym_id 
_struct_sheet_range.end_label_seq_id 
_struct_sheet_range.pdbx_end_PDB_ins_code 
_struct_sheet_range.beg_auth_comp_id 
_struct_sheet_range.beg_auth_asym_id 
_struct_sheet_range.beg_auth_seq_id 
_struct_sheet_range.end_auth_comp_id 
_struct_sheet_range.end_auth_asym_id 
_struct_sheet_range.end_auth_seq_id 
A 1 ILE A 2  ? GLN A 4  ? ILE A 2  GLN A 4  
A 2 MET A 10 ? HIS A 12 ? MET A 10 HIS A 12 
# 
_pdbx_struct_sheet_hbond.sheet_id                A 
_pdbx_struct_sheet_hbond.range_id_1              1 
_pdbx_struct_sheet_hbond.range_id_2              2 
_pdbx_struct_sheet_hbond.range_1_label_atom_id   N 
_pdbx_struct_sheet_hbond.range_1_label_comp_id   VAL 
_pdbx_struct_sheet_hbond.range_1_label_asym_id   A 
_pdbx_struct_sheet_hbond.range_1_label_seq_id    3 
_pdbx_struct_sheet_hbond.range_1_PDB_ins_code    ? 
_pdbx_struct_sheet_hbond.range_1_auth_atom_id    N 
_pdbx_struct_sheet_hbond.range_1_auth_comp_id    VAL 
_pdbx_struct_sheet_hbond.range_1_auth_asym_id    A 
_pdbx_struct_sheet_hbond.range_1_auth_seq_id     3 
_pdbx_struct_sheet_hbond.range_2_label_atom_id   O 
_pdbx_struct_sheet_hbond.range_2_label_comp_id   VAL 
_pdbx_struct_sheet_hbond.range_2_label_asym_id   A 
_pdbx_struct_sheet_hbond.range_2_label_seq_id    11 
_pdbx_struct_sheet_hbond.range_2_PDB_ins_code    ? 
_pdbx_struct_sheet_hbond.range_2_auth_atom_id    O 
_pdbx_struct_sheet_hbond.range_2_auth_comp_id    VAL 
_pdbx_struct_sheet_hbond.range_2_auth_asym_id    A 
_pdbx_struct_sheet_hbond.range_2_auth_seq_id     11 
# 
loop_
_struct_site.id 
_struct_site.pdbx_evidence_code 
_struct_site.pdbx_auth_asym_id 
_struct_site.pdbx_auth_comp_id 
_struct_site.pdbx_auth_seq_id 
_struct_site.pdbx_auth_ins_code 
_struct_site.pdbx_num_residues 
_struct_site.details 
AC1 Software A 0OE 201 ? 20 'BINDING SITE FOR RESIDUE 0OE A 201' 
AC2 Software A 1JR 202 ? 11 'BINDING SITE FOR RESIDUE 1JR A 202' 
# 
loop_
_struct_site_gen.id 
_struct_site_gen.site_id 
_struct_site_gen.pdbx_num_res 
_struct_site_gen.label_comp_id 
_struct_site_gen.label_asym_id 
_struct_site_gen.label_seq_id 
_struct_site_gen.pdbx_auth_ins_code 
_struct_site_gen.auth_comp_id 
_struct_site_gen.auth_asym_id 
_struct_site_gen.auth_seq_id 
_struct_site_gen.label_atom_id 
_struct_site_gen.label_alt_id 
_struct_site_gen.symmetry 
_struct_site_gen.details 
1  AC1 20 ARG A 18  ? ARG A 18  . ? 2_554 ? 
2  AC1 20 MET A 68  ? MET A 68  . ? 4_555 ? 
3  AC1 20 TRP A 80  ? TRP A 80  . ? 1_555 ? 
4  AC1 20 MET A 96  ? MET A 96  . ? 1_555 ? 
5  AC1 20 TRP A 117 ? TRP A 117 . ? 1_555 ? 
6  AC1 20 HIS A 120 ? HIS A 120 . ? 1_555 ? 
7  AC1 20 PRO A 122 ? PRO A 122 . ? 1_555 ? 
8  AC1 20 ILE A 124 ? ILE A 124 . ? 1_555 ? 
9  AC1 20 PRO A 125 ? PRO A 125 . ? 1_555 ? 
10 AC1 20 ARG A 132 ? ARG A 132 . ? 1_555 ? 
11 AC1 20 ARG A 143 ? ARG A 143 . ? 4_555 ? 
12 AC1 20 MET A 144 ? MET A 144 . ? 4_555 ? 
13 AC1 20 TYR A 145 ? TYR A 145 . ? 4_555 ? 
14 AC1 20 HOH D .   ? HOH A 302 . ? 1_555 ? 
15 AC1 20 HOH D .   ? HOH A 339 . ? 1_555 ? 
16 AC1 20 HOH D .   ? HOH A 356 . ? 1_555 ? 
17 AC1 20 HOH D .   ? HOH A 358 . ? 4_555 ? 
18 AC1 20 HOH D .   ? HOH A 359 . ? 1_555 ? 
19 AC1 20 HOH D .   ? HOH A 379 . ? 1_555 ? 
20 AC1 20 HOH D .   ? HOH A 415 . ? 1_555 ? 
21 AC2 11 ASN A 53  ? ASN A 53  . ? 1_555 ? 
22 AC2 11 LEU A 56  ? LEU A 56  . ? 1_555 ? 
23 AC2 11 ASN A 57  ? ASN A 57  . ? 1_555 ? 
24 AC2 11 MET A 66  ? MET A 66  . ? 1_555 ? 
25 AC2 11 LYS A 70  ? LYS A 70  . ? 1_555 ? 
26 AC2 11 ALA A 105 ? ALA A 105 . ? 1_555 ? 
27 AC2 11 GLY A 106 ? GLY A 106 . ? 1_555 ? 
28 AC2 11 THR A 107 ? THR A 107 . ? 1_555 ? 
29 AC2 11 TYR A 130 ? TYR A 130 . ? 1_555 ? 
30 AC2 11 HOH D .   ? HOH A 431 . ? 1_555 ? 
31 AC2 11 HOH D .   ? HOH A 444 . ? 1_555 ? 
# 
loop_
_pdbx_validate_torsion.id 
_pdbx_validate_torsion.PDB_model_num 
_pdbx_validate_torsion.auth_comp_id 
_pdbx_validate_torsion.auth_asym_id 
_pdbx_validate_torsion.auth_seq_id 
_pdbx_validate_torsion.PDB_ins_code 
_pdbx_validate_torsion.label_alt_id 
_pdbx_validate_torsion.phi 
_pdbx_validate_torsion.psi 
1 1 ALA A 31 ? ? 41.91  77.54 
2 1 HIS A 87 ? ? -67.77 89.51 
# 
loop_
_chem_comp_atom.comp_id 
_chem_comp_atom.atom_id 
_chem_comp_atom.type_symbol 
_chem_comp_atom.pdbx_aromatic_flag 
_chem_comp_atom.pdbx_stereo_config 
_chem_comp_atom.pdbx_ordinal 
0OE N1   N  Y N 1   
0OE N2   N  Y N 2   
0OE C3   C  Y N 3   
0OE C4   C  Y N 4   
0OE C5   C  Y N 5   
0OE C6   C  Y N 6   
0OE C7   C  Y N 7   
0OE C8   C  Y N 8   
0OE C9   C  Y N 9   
0OE C10  C  Y N 10  
0OE C11  C  Y N 11  
0OE C12  C  Y N 12  
0OE N13  N  Y N 13  
0OE C14  C  Y N 14  
0OE C15  C  Y N 15  
0OE N16  N  Y N 16  
0OE C17  C  Y N 17  
0OE C18  C  Y N 18  
0OE C19  C  Y N 19  
0OE C20  C  Y N 20  
0OE C21  C  Y N 21  
0OE C22  C  Y N 22  
0OE C23  C  Y N 23  
0OE C24  C  Y N 24  
0OE C25  C  Y N 25  
0OE C26  C  Y N 26  
0OE C27  C  N N 27  
0OE O28  O  N N 28  
0OE O29  O  N N 29  
0OE CL   CL N N 30  
0OE C31  C  N N 31  
0OE C32  C  N N 32  
0OE C33  C  N N 33  
0OE N34  N  Y N 34  
0OE C35  C  Y N 35  
0OE N36  N  Y N 36  
0OE C37  C  Y N 37  
0OE C38  C  Y N 38  
0OE H1   H  N N 39  
0OE H2   H  N N 40  
0OE H3   H  N N 41  
0OE H4   H  N N 42  
0OE H5   H  N N 43  
0OE H6   H  N N 44  
0OE H7   H  N N 45  
0OE H8   H  N N 46  
0OE H9   H  N N 47  
0OE H10  H  N N 48  
0OE H11  H  N N 49  
0OE H12  H  N N 50  
0OE H13  H  N N 51  
0OE H14  H  N N 52  
0OE H15  H  N N 53  
0OE H16  H  N N 54  
0OE H17  H  N N 55  
0OE H18  H  N N 56  
0OE H19  H  N N 57  
0OE H20  H  N N 58  
0OE H21  H  N N 59  
0OE H22  H  N N 60  
0OE H23  H  N N 61  
1JR C1   C  Y N 62  
1JR C2   C  Y N 63  
1JR C3   C  Y N 64  
1JR C4   C  Y N 65  
1JR C5   C  Y N 66  
1JR C6   C  Y N 67  
1JR C7   C  Y N 68  
1JR C8   C  Y N 69  
1JR C9   C  Y N 70  
1JR C10  C  Y N 71  
1JR C11  C  Y N 72  
1JR C12  C  Y N 73  
1JR C13  C  Y N 74  
1JR C14  C  Y N 75  
1JR C15  C  N N 76  
1JR C16  C  N S 77  
1JR N17  N  Y N 78  
1JR N18  N  Y N 79  
1JR N19  N  Y N 80  
1JR N20  N  N N 81  
1JR O21  O  N N 82  
1JR H1   H  N N 83  
1JR H2   H  N N 84  
1JR H3   H  N N 85  
1JR H4   H  N N 86  
1JR H5   H  N N 87  
1JR H6   H  N N 88  
1JR H7   H  N N 89  
1JR H8   H  N N 90  
1JR H9   H  N N 91  
1JR H10  H  N N 92  
1JR H11  H  N N 93  
1JR H12  H  N N 94  
ALA N    N  N N 95  
ALA CA   C  N S 96  
ALA C    C  N N 97  
ALA O    O  N N 98  
ALA CB   C  N N 99  
ALA OXT  O  N N 100 
ALA H    H  N N 101 
ALA H2   H  N N 102 
ALA HA   H  N N 103 
ALA HB1  H  N N 104 
ALA HB2  H  N N 105 
ALA HB3  H  N N 106 
ALA HXT  H  N N 107 
ARG N    N  N N 108 
ARG CA   C  N S 109 
ARG C    C  N N 110 
ARG O    O  N N 111 
ARG CB   C  N N 112 
ARG CG   C  N N 113 
ARG CD   C  N N 114 
ARG NE   N  N N 115 
ARG CZ   C  N N 116 
ARG NH1  N  N N 117 
ARG NH2  N  N N 118 
ARG OXT  O  N N 119 
ARG H    H  N N 120 
ARG H2   H  N N 121 
ARG HA   H  N N 122 
ARG HB2  H  N N 123 
ARG HB3  H  N N 124 
ARG HG2  H  N N 125 
ARG HG3  H  N N 126 
ARG HD2  H  N N 127 
ARG HD3  H  N N 128 
ARG HE   H  N N 129 
ARG HH11 H  N N 130 
ARG HH12 H  N N 131 
ARG HH21 H  N N 132 
ARG HH22 H  N N 133 
ARG HXT  H  N N 134 
ASN N    N  N N 135 
ASN CA   C  N S 136 
ASN C    C  N N 137 
ASN O    O  N N 138 
ASN CB   C  N N 139 
ASN CG   C  N N 140 
ASN OD1  O  N N 141 
ASN ND2  N  N N 142 
ASN OXT  O  N N 143 
ASN H    H  N N 144 
ASN H2   H  N N 145 
ASN HA   H  N N 146 
ASN HB2  H  N N 147 
ASN HB3  H  N N 148 
ASN HD21 H  N N 149 
ASN HD22 H  N N 150 
ASN HXT  H  N N 151 
ASP N    N  N N 152 
ASP CA   C  N S 153 
ASP C    C  N N 154 
ASP O    O  N N 155 
ASP CB   C  N N 156 
ASP CG   C  N N 157 
ASP OD1  O  N N 158 
ASP OD2  O  N N 159 
ASP OXT  O  N N 160 
ASP H    H  N N 161 
ASP H2   H  N N 162 
ASP HA   H  N N 163 
ASP HB2  H  N N 164 
ASP HB3  H  N N 165 
ASP HD2  H  N N 166 
ASP HXT  H  N N 167 
GLN N    N  N N 168 
GLN CA   C  N S 169 
GLN C    C  N N 170 
GLN O    O  N N 171 
GLN CB   C  N N 172 
GLN CG   C  N N 173 
GLN CD   C  N N 174 
GLN OE1  O  N N 175 
GLN NE2  N  N N 176 
GLN OXT  O  N N 177 
GLN H    H  N N 178 
GLN H2   H  N N 179 
GLN HA   H  N N 180 
GLN HB2  H  N N 181 
GLN HB3  H  N N 182 
GLN HG2  H  N N 183 
GLN HG3  H  N N 184 
GLN HE21 H  N N 185 
GLN HE22 H  N N 186 
GLN HXT  H  N N 187 
GLU N    N  N N 188 
GLU CA   C  N S 189 
GLU C    C  N N 190 
GLU O    O  N N 191 
GLU CB   C  N N 192 
GLU CG   C  N N 193 
GLU CD   C  N N 194 
GLU OE1  O  N N 195 
GLU OE2  O  N N 196 
GLU OXT  O  N N 197 
GLU H    H  N N 198 
GLU H2   H  N N 199 
GLU HA   H  N N 200 
GLU HB2  H  N N 201 
GLU HB3  H  N N 202 
GLU HG2  H  N N 203 
GLU HG3  H  N N 204 
GLU HE2  H  N N 205 
GLU HXT  H  N N 206 
GLY N    N  N N 207 
GLY CA   C  N N 208 
GLY C    C  N N 209 
GLY O    O  N N 210 
GLY OXT  O  N N 211 
GLY H    H  N N 212 
GLY H2   H  N N 213 
GLY HA2  H  N N 214 
GLY HA3  H  N N 215 
GLY HXT  H  N N 216 
HIS N    N  N N 217 
HIS CA   C  N S 218 
HIS C    C  N N 219 
HIS O    O  N N 220 
HIS CB   C  N N 221 
HIS CG   C  Y N 222 
HIS ND1  N  Y N 223 
HIS CD2  C  Y N 224 
HIS CE1  C  Y N 225 
HIS NE2  N  Y N 226 
HIS OXT  O  N N 227 
HIS H    H  N N 228 
HIS H2   H  N N 229 
HIS HA   H  N N 230 
HIS HB2  H  N N 231 
HIS HB3  H  N N 232 
HIS HD1  H  N N 233 
HIS HD2  H  N N 234 
HIS HE1  H  N N 235 
HIS HE2  H  N N 236 
HIS HXT  H  N N 237 
HOH O    O  N N 238 
HOH H1   H  N N 239 
HOH H2   H  N N 240 
ILE N    N  N N 241 
ILE CA   C  N S 242 
ILE C    C  N N 243 
ILE O    O  N N 244 
ILE CB   C  N S 245 
ILE CG1  C  N N 246 
ILE CG2  C  N N 247 
ILE CD1  C  N N 248 
ILE OXT  O  N N 249 
ILE H    H  N N 250 
ILE H2   H  N N 251 
ILE HA   H  N N 252 
ILE HB   H  N N 253 
ILE HG12 H  N N 254 
ILE HG13 H  N N 255 
ILE HG21 H  N N 256 
ILE HG22 H  N N 257 
ILE HG23 H  N N 258 
ILE HD11 H  N N 259 
ILE HD12 H  N N 260 
ILE HD13 H  N N 261 
ILE HXT  H  N N 262 
LEU N    N  N N 263 
LEU CA   C  N S 264 
LEU C    C  N N 265 
LEU O    O  N N 266 
LEU CB   C  N N 267 
LEU CG   C  N N 268 
LEU CD1  C  N N 269 
LEU CD2  C  N N 270 
LEU OXT  O  N N 271 
LEU H    H  N N 272 
LEU H2   H  N N 273 
LEU HA   H  N N 274 
LEU HB2  H  N N 275 
LEU HB3  H  N N 276 
LEU HG   H  N N 277 
LEU HD11 H  N N 278 
LEU HD12 H  N N 279 
LEU HD13 H  N N 280 
LEU HD21 H  N N 281 
LEU HD22 H  N N 282 
LEU HD23 H  N N 283 
LEU HXT  H  N N 284 
LYS N    N  N N 285 
LYS CA   C  N S 286 
LYS C    C  N N 287 
LYS O    O  N N 288 
LYS CB   C  N N 289 
LYS CG   C  N N 290 
LYS CD   C  N N 291 
LYS CE   C  N N 292 
LYS NZ   N  N N 293 
LYS OXT  O  N N 294 
LYS H    H  N N 295 
LYS H2   H  N N 296 
LYS HA   H  N N 297 
LYS HB2  H  N N 298 
LYS HB3  H  N N 299 
LYS HG2  H  N N 300 
LYS HG3  H  N N 301 
LYS HD2  H  N N 302 
LYS HD3  H  N N 303 
LYS HE2  H  N N 304 
LYS HE3  H  N N 305 
LYS HZ1  H  N N 306 
LYS HZ2  H  N N 307 
LYS HZ3  H  N N 308 
LYS HXT  H  N N 309 
MET N    N  N N 310 
MET CA   C  N S 311 
MET C    C  N N 312 
MET O    O  N N 313 
MET CB   C  N N 314 
MET CG   C  N N 315 
MET SD   S  N N 316 
MET CE   C  N N 317 
MET OXT  O  N N 318 
MET H    H  N N 319 
MET H2   H  N N 320 
MET HA   H  N N 321 
MET HB2  H  N N 322 
MET HB3  H  N N 323 
MET HG2  H  N N 324 
MET HG3  H  N N 325 
MET HE1  H  N N 326 
MET HE2  H  N N 327 
MET HE3  H  N N 328 
MET HXT  H  N N 329 
PHE N    N  N N 330 
PHE CA   C  N S 331 
PHE C    C  N N 332 
PHE O    O  N N 333 
PHE CB   C  N N 334 
PHE CG   C  Y N 335 
PHE CD1  C  Y N 336 
PHE CD2  C  Y N 337 
PHE CE1  C  Y N 338 
PHE CE2  C  Y N 339 
PHE CZ   C  Y N 340 
PHE OXT  O  N N 341 
PHE H    H  N N 342 
PHE H2   H  N N 343 
PHE HA   H  N N 344 
PHE HB2  H  N N 345 
PHE HB3  H  N N 346 
PHE HD1  H  N N 347 
PHE HD2  H  N N 348 
PHE HE1  H  N N 349 
PHE HE2  H  N N 350 
PHE HZ   H  N N 351 
PHE HXT  H  N N 352 
PRO N    N  N N 353 
PRO CA   C  N S 354 
PRO C    C  N N 355 
PRO O    O  N N 356 
PRO CB   C  N N 357 
PRO CG   C  N N 358 
PRO CD   C  N N 359 
PRO OXT  O  N N 360 
PRO H    H  N N 361 
PRO HA   H  N N 362 
PRO HB2  H  N N 363 
PRO HB3  H  N N 364 
PRO HG2  H  N N 365 
PRO HG3  H  N N 366 
PRO HD2  H  N N 367 
PRO HD3  H  N N 368 
PRO HXT  H  N N 369 
SER N    N  N N 370 
SER CA   C  N S 371 
SER C    C  N N 372 
SER O    O  N N 373 
SER CB   C  N N 374 
SER OG   O  N N 375 
SER OXT  O  N N 376 
SER H    H  N N 377 
SER H2   H  N N 378 
SER HA   H  N N 379 
SER HB2  H  N N 380 
SER HB3  H  N N 381 
SER HG   H  N N 382 
SER HXT  H  N N 383 
THR N    N  N N 384 
THR CA   C  N S 385 
THR C    C  N N 386 
THR O    O  N N 387 
THR CB   C  N R 388 
THR OG1  O  N N 389 
THR CG2  C  N N 390 
THR OXT  O  N N 391 
THR H    H  N N 392 
THR H2   H  N N 393 
THR HA   H  N N 394 
THR HB   H  N N 395 
THR HG1  H  N N 396 
THR HG21 H  N N 397 
THR HG22 H  N N 398 
THR HG23 H  N N 399 
THR HXT  H  N N 400 
TRP N    N  N N 401 
TRP CA   C  N S 402 
TRP C    C  N N 403 
TRP O    O  N N 404 
TRP CB   C  N N 405 
TRP CG   C  Y N 406 
TRP CD1  C  Y N 407 
TRP CD2  C  Y N 408 
TRP NE1  N  Y N 409 
TRP CE2  C  Y N 410 
TRP CE3  C  Y N 411 
TRP CZ2  C  Y N 412 
TRP CZ3  C  Y N 413 
TRP CH2  C  Y N 414 
TRP OXT  O  N N 415 
TRP H    H  N N 416 
TRP H2   H  N N 417 
TRP HA   H  N N 418 
TRP HB2  H  N N 419 
TRP HB3  H  N N 420 
TRP HD1  H  N N 421 
TRP HE1  H  N N 422 
TRP HE3  H  N N 423 
TRP HZ2  H  N N 424 
TRP HZ3  H  N N 425 
TRP HH2  H  N N 426 
TRP HXT  H  N N 427 
TYR N    N  N N 428 
TYR CA   C  N S 429 
TYR C    C  N N 430 
TYR O    O  N N 431 
TYR CB   C  N N 432 
TYR CG   C  Y N 433 
TYR CD1  C  Y N 434 
TYR CD2  C  Y N 435 
TYR CE1  C  Y N 436 
TYR CE2  C  Y N 437 
TYR CZ   C  Y N 438 
TYR OH   O  N N 439 
TYR OXT  O  N N 440 
TYR H    H  N N 441 
TYR H2   H  N N 442 
TYR HA   H  N N 443 
TYR HB2  H  N N 444 
TYR HB3  H  N N 445 
TYR HD1  H  N N 446 
TYR HD2  H  N N 447 
TYR HE1  H  N N 448 
TYR HE2  H  N N 449 
TYR HH   H  N N 450 
TYR HXT  H  N N 451 
VAL N    N  N N 452 
VAL CA   C  N S 453 
VAL C    C  N N 454 
VAL O    O  N N 455 
VAL CB   C  N N 456 
VAL CG1  C  N N 457 
VAL CG2  C  N N 458 
VAL OXT  O  N N 459 
VAL H    H  N N 460 
VAL H2   H  N N 461 
VAL HA   H  N N 462 
VAL HB   H  N N 463 
VAL HG11 H  N N 464 
VAL HG12 H  N N 465 
VAL HG13 H  N N 466 
VAL HG21 H  N N 467 
VAL HG22 H  N N 468 
VAL HG23 H  N N 469 
VAL HXT  H  N N 470 
# 
loop_
_chem_comp_bond.comp_id 
_chem_comp_bond.atom_id_1 
_chem_comp_bond.atom_id_2 
_chem_comp_bond.value_order 
_chem_comp_bond.pdbx_aromatic_flag 
_chem_comp_bond.pdbx_stereo_config 
_chem_comp_bond.pdbx_ordinal 
0OE CL  C8   sing N N 1   
0OE C9  C8   doub Y N 2   
0OE C9  C10  sing Y N 3   
0OE C8  C7   sing Y N 4   
0OE C10 C11  doub Y N 5   
0OE C7  C6   doub Y N 6   
0OE C11 C6   sing Y N 7   
0OE C6  C5   sing N N 8   
0OE O29 C27  doub N N 9   
0OE C25 C26  doub Y N 10  
0OE C25 C24  sing Y N 11  
0OE C26 C21  sing Y N 12  
0OE C27 C24  sing N N 13  
0OE C27 O28  sing N N 14  
0OE C24 C23  doub Y N 15  
0OE C5  N1   sing Y N 16  
0OE C5  C4   doub Y N 17  
0OE C21 C19  sing N N 18  
0OE C21 C22  doub Y N 19  
0OE N1  N2   sing Y N 20  
0OE C20 C19  doub Y N 21  
0OE C20 C15  sing Y N 22  
0OE C19 C18  sing Y N 23  
0OE C15 N16  sing Y N 24  
0OE C15 C14  doub Y N 25  
0OE C18 C17  doub Y N 26  
0OE N16 C12  doub Y N 27  
0OE C23 C22  sing Y N 28  
0OE C14 C17  sing Y N 29  
0OE C14 N13  sing Y N 30  
0OE C12 N13  sing Y N 31  
0OE C12 C4   sing N N 32  
0OE N13 C31  sing N N 33  
0OE C4  C3   sing Y N 34  
0OE C31 C32  sing N N 35  
0OE N2  C3   doub Y N 36  
0OE N36 C35  doub Y N 37  
0OE N36 C37  sing Y N 38  
0OE C35 N34  sing Y N 39  
0OE C32 C33  sing N N 40  
0OE N34 C33  sing N N 41  
0OE N34 C38  sing Y N 42  
0OE C37 C38  doub Y N 43  
0OE N1  H1   sing N N 44  
0OE C3  H2   sing N N 45  
0OE C7  H3   sing N N 46  
0OE C9  H4   sing N N 47  
0OE C10 H5   sing N N 48  
0OE C11 H6   sing N N 49  
0OE C17 H7   sing N N 50  
0OE C18 H8   sing N N 51  
0OE C20 H9   sing N N 52  
0OE C22 H10  sing N N 53  
0OE C23 H11  sing N N 54  
0OE C25 H12  sing N N 55  
0OE C26 H13  sing N N 56  
0OE O28 H14  sing N N 57  
0OE C31 H15  sing N N 58  
0OE C31 H16  sing N N 59  
0OE C32 H17  sing N N 60  
0OE C32 H18  sing N N 61  
0OE C33 H19  sing N N 62  
0OE C33 H20  sing N N 63  
0OE C35 H21  sing N N 64  
0OE C37 H22  sing N N 65  
0OE C38 H23  sing N N 66  
1JR C8  C4   doub Y N 67  
1JR C8  N17  sing Y N 68  
1JR C4  C7   sing Y N 69  
1JR N17 C9   doub Y N 70  
1JR C7  C11  doub Y N 71  
1JR C9  C11  sing Y N 72  
1JR C11 C16  sing N N 73  
1JR N20 C16  sing N N 74  
1JR N20 C15  sing N N 75  
1JR C16 C12  sing N N 76  
1JR C15 O21  doub N N 77  
1JR C15 C14  sing N N 78  
1JR C3  C6   doub Y N 79  
1JR C3  C1   sing Y N 80  
1JR C6  C10  sing Y N 81  
1JR C12 C14  sing Y N 82  
1JR C12 C13  doub Y N 83  
1JR C14 N19  doub Y N 84  
1JR C1  C2   doub Y N 85  
1JR C10 C13  sing N N 86  
1JR C10 C5   doub Y N 87  
1JR C13 N18  sing Y N 88  
1JR N19 N18  sing Y N 89  
1JR C2  C5   sing Y N 90  
1JR C1  H1   sing N N 91  
1JR C2  H2   sing N N 92  
1JR C3  H3   sing N N 93  
1JR C4  H4   sing N N 94  
1JR C5  H5   sing N N 95  
1JR C6  H6   sing N N 96  
1JR C7  H7   sing N N 97  
1JR C8  H8   sing N N 98  
1JR C9  H9   sing N N 99  
1JR C16 H10  sing N N 100 
1JR N18 H11  sing N N 101 
1JR N20 H12  sing N N 102 
ALA N   CA   sing N N 103 
ALA N   H    sing N N 104 
ALA N   H2   sing N N 105 
ALA CA  C    sing N N 106 
ALA CA  CB   sing N N 107 
ALA CA  HA   sing N N 108 
ALA C   O    doub N N 109 
ALA C   OXT  sing N N 110 
ALA CB  HB1  sing N N 111 
ALA CB  HB2  sing N N 112 
ALA CB  HB3  sing N N 113 
ALA OXT HXT  sing N N 114 
ARG N   CA   sing N N 115 
ARG N   H    sing N N 116 
ARG N   H2   sing N N 117 
ARG CA  C    sing N N 118 
ARG CA  CB   sing N N 119 
ARG CA  HA   sing N N 120 
ARG C   O    doub N N 121 
ARG C   OXT  sing N N 122 
ARG CB  CG   sing N N 123 
ARG CB  HB2  sing N N 124 
ARG CB  HB3  sing N N 125 
ARG CG  CD   sing N N 126 
ARG CG  HG2  sing N N 127 
ARG CG  HG3  sing N N 128 
ARG CD  NE   sing N N 129 
ARG CD  HD2  sing N N 130 
ARG CD  HD3  sing N N 131 
ARG NE  CZ   sing N N 132 
ARG NE  HE   sing N N 133 
ARG CZ  NH1  sing N N 134 
ARG CZ  NH2  doub N N 135 
ARG NH1 HH11 sing N N 136 
ARG NH1 HH12 sing N N 137 
ARG NH2 HH21 sing N N 138 
ARG NH2 HH22 sing N N 139 
ARG OXT HXT  sing N N 140 
ASN N   CA   sing N N 141 
ASN N   H    sing N N 142 
ASN N   H2   sing N N 143 
ASN CA  C    sing N N 144 
ASN CA  CB   sing N N 145 
ASN CA  HA   sing N N 146 
ASN C   O    doub N N 147 
ASN C   OXT  sing N N 148 
ASN CB  CG   sing N N 149 
ASN CB  HB2  sing N N 150 
ASN CB  HB3  sing N N 151 
ASN CG  OD1  doub N N 152 
ASN CG  ND2  sing N N 153 
ASN ND2 HD21 sing N N 154 
ASN ND2 HD22 sing N N 155 
ASN OXT HXT  sing N N 156 
ASP N   CA   sing N N 157 
ASP N   H    sing N N 158 
ASP N   H2   sing N N 159 
ASP CA  C    sing N N 160 
ASP CA  CB   sing N N 161 
ASP CA  HA   sing N N 162 
ASP C   O    doub N N 163 
ASP C   OXT  sing N N 164 
ASP CB  CG   sing N N 165 
ASP CB  HB2  sing N N 166 
ASP CB  HB3  sing N N 167 
ASP CG  OD1  doub N N 168 
ASP CG  OD2  sing N N 169 
ASP OD2 HD2  sing N N 170 
ASP OXT HXT  sing N N 171 
GLN N   CA   sing N N 172 
GLN N   H    sing N N 173 
GLN N   H2   sing N N 174 
GLN CA  C    sing N N 175 
GLN CA  CB   sing N N 176 
GLN CA  HA   sing N N 177 
GLN C   O    doub N N 178 
GLN C   OXT  sing N N 179 
GLN CB  CG   sing N N 180 
GLN CB  HB2  sing N N 181 
GLN CB  HB3  sing N N 182 
GLN CG  CD   sing N N 183 
GLN CG  HG2  sing N N 184 
GLN CG  HG3  sing N N 185 
GLN CD  OE1  doub N N 186 
GLN CD  NE2  sing N N 187 
GLN NE2 HE21 sing N N 188 
GLN NE2 HE22 sing N N 189 
GLN OXT HXT  sing N N 190 
GLU N   CA   sing N N 191 
GLU N   H    sing N N 192 
GLU N   H2   sing N N 193 
GLU CA  C    sing N N 194 
GLU CA  CB   sing N N 195 
GLU CA  HA   sing N N 196 
GLU C   O    doub N N 197 
GLU C   OXT  sing N N 198 
GLU CB  CG   sing N N 199 
GLU CB  HB2  sing N N 200 
GLU CB  HB3  sing N N 201 
GLU CG  CD   sing N N 202 
GLU CG  HG2  sing N N 203 
GLU CG  HG3  sing N N 204 
GLU CD  OE1  doub N N 205 
GLU CD  OE2  sing N N 206 
GLU OE2 HE2  sing N N 207 
GLU OXT HXT  sing N N 208 
GLY N   CA   sing N N 209 
GLY N   H    sing N N 210 
GLY N   H2   sing N N 211 
GLY CA  C    sing N N 212 
GLY CA  HA2  sing N N 213 
GLY CA  HA3  sing N N 214 
GLY C   O    doub N N 215 
GLY C   OXT  sing N N 216 
GLY OXT HXT  sing N N 217 
HIS N   CA   sing N N 218 
HIS N   H    sing N N 219 
HIS N   H2   sing N N 220 
HIS CA  C    sing N N 221 
HIS CA  CB   sing N N 222 
HIS CA  HA   sing N N 223 
HIS C   O    doub N N 224 
HIS C   OXT  sing N N 225 
HIS CB  CG   sing N N 226 
HIS CB  HB2  sing N N 227 
HIS CB  HB3  sing N N 228 
HIS CG  ND1  sing Y N 229 
HIS CG  CD2  doub Y N 230 
HIS ND1 CE1  doub Y N 231 
HIS ND1 HD1  sing N N 232 
HIS CD2 NE2  sing Y N 233 
HIS CD2 HD2  sing N N 234 
HIS CE1 NE2  sing Y N 235 
HIS CE1 HE1  sing N N 236 
HIS NE2 HE2  sing N N 237 
HIS OXT HXT  sing N N 238 
HOH O   H1   sing N N 239 
HOH O   H2   sing N N 240 
ILE N   CA   sing N N 241 
ILE N   H    sing N N 242 
ILE N   H2   sing N N 243 
ILE CA  C    sing N N 244 
ILE CA  CB   sing N N 245 
ILE CA  HA   sing N N 246 
ILE C   O    doub N N 247 
ILE C   OXT  sing N N 248 
ILE CB  CG1  sing N N 249 
ILE CB  CG2  sing N N 250 
ILE CB  HB   sing N N 251 
ILE CG1 CD1  sing N N 252 
ILE CG1 HG12 sing N N 253 
ILE CG1 HG13 sing N N 254 
ILE CG2 HG21 sing N N 255 
ILE CG2 HG22 sing N N 256 
ILE CG2 HG23 sing N N 257 
ILE CD1 HD11 sing N N 258 
ILE CD1 HD12 sing N N 259 
ILE CD1 HD13 sing N N 260 
ILE OXT HXT  sing N N 261 
LEU N   CA   sing N N 262 
LEU N   H    sing N N 263 
LEU N   H2   sing N N 264 
LEU CA  C    sing N N 265 
LEU CA  CB   sing N N 266 
LEU CA  HA   sing N N 267 
LEU C   O    doub N N 268 
LEU C   OXT  sing N N 269 
LEU CB  CG   sing N N 270 
LEU CB  HB2  sing N N 271 
LEU CB  HB3  sing N N 272 
LEU CG  CD1  sing N N 273 
LEU CG  CD2  sing N N 274 
LEU CG  HG   sing N N 275 
LEU CD1 HD11 sing N N 276 
LEU CD1 HD12 sing N N 277 
LEU CD1 HD13 sing N N 278 
LEU CD2 HD21 sing N N 279 
LEU CD2 HD22 sing N N 280 
LEU CD2 HD23 sing N N 281 
LEU OXT HXT  sing N N 282 
LYS N   CA   sing N N 283 
LYS N   H    sing N N 284 
LYS N   H2   sing N N 285 
LYS CA  C    sing N N 286 
LYS CA  CB   sing N N 287 
LYS CA  HA   sing N N 288 
LYS C   O    doub N N 289 
LYS C   OXT  sing N N 290 
LYS CB  CG   sing N N 291 
LYS CB  HB2  sing N N 292 
LYS CB  HB3  sing N N 293 
LYS CG  CD   sing N N 294 
LYS CG  HG2  sing N N 295 
LYS CG  HG3  sing N N 296 
LYS CD  CE   sing N N 297 
LYS CD  HD2  sing N N 298 
LYS CD  HD3  sing N N 299 
LYS CE  NZ   sing N N 300 
LYS CE  HE2  sing N N 301 
LYS CE  HE3  sing N N 302 
LYS NZ  HZ1  sing N N 303 
LYS NZ  HZ2  sing N N 304 
LYS NZ  HZ3  sing N N 305 
LYS OXT HXT  sing N N 306 
MET N   CA   sing N N 307 
MET N   H    sing N N 308 
MET N   H2   sing N N 309 
MET CA  C    sing N N 310 
MET CA  CB   sing N N 311 
MET CA  HA   sing N N 312 
MET C   O    doub N N 313 
MET C   OXT  sing N N 314 
MET CB  CG   sing N N 315 
MET CB  HB2  sing N N 316 
MET CB  HB3  sing N N 317 
MET CG  SD   sing N N 318 
MET CG  HG2  sing N N 319 
MET CG  HG3  sing N N 320 
MET SD  CE   sing N N 321 
MET CE  HE1  sing N N 322 
MET CE  HE2  sing N N 323 
MET CE  HE3  sing N N 324 
MET OXT HXT  sing N N 325 
PHE N   CA   sing N N 326 
PHE N   H    sing N N 327 
PHE N   H2   sing N N 328 
PHE CA  C    sing N N 329 
PHE CA  CB   sing N N 330 
PHE CA  HA   sing N N 331 
PHE C   O    doub N N 332 
PHE C   OXT  sing N N 333 
PHE CB  CG   sing N N 334 
PHE CB  HB2  sing N N 335 
PHE CB  HB3  sing N N 336 
PHE CG  CD1  doub Y N 337 
PHE CG  CD2  sing Y N 338 
PHE CD1 CE1  sing Y N 339 
PHE CD1 HD1  sing N N 340 
PHE CD2 CE2  doub Y N 341 
PHE CD2 HD2  sing N N 342 
PHE CE1 CZ   doub Y N 343 
PHE CE1 HE1  sing N N 344 
PHE CE2 CZ   sing Y N 345 
PHE CE2 HE2  sing N N 346 
PHE CZ  HZ   sing N N 347 
PHE OXT HXT  sing N N 348 
PRO N   CA   sing N N 349 
PRO N   CD   sing N N 350 
PRO N   H    sing N N 351 
PRO CA  C    sing N N 352 
PRO CA  CB   sing N N 353 
PRO CA  HA   sing N N 354 
PRO C   O    doub N N 355 
PRO C   OXT  sing N N 356 
PRO CB  CG   sing N N 357 
PRO CB  HB2  sing N N 358 
PRO CB  HB3  sing N N 359 
PRO CG  CD   sing N N 360 
PRO CG  HG2  sing N N 361 
PRO CG  HG3  sing N N 362 
PRO CD  HD2  sing N N 363 
PRO CD  HD3  sing N N 364 
PRO OXT HXT  sing N N 365 
SER N   CA   sing N N 366 
SER N   H    sing N N 367 
SER N   H2   sing N N 368 
SER CA  C    sing N N 369 
SER CA  CB   sing N N 370 
SER CA  HA   sing N N 371 
SER C   O    doub N N 372 
SER C   OXT  sing N N 373 
SER CB  OG   sing N N 374 
SER CB  HB2  sing N N 375 
SER CB  HB3  sing N N 376 
SER OG  HG   sing N N 377 
SER OXT HXT  sing N N 378 
THR N   CA   sing N N 379 
THR N   H    sing N N 380 
THR N   H2   sing N N 381 
THR CA  C    sing N N 382 
THR CA  CB   sing N N 383 
THR CA  HA   sing N N 384 
THR C   O    doub N N 385 
THR C   OXT  sing N N 386 
THR CB  OG1  sing N N 387 
THR CB  CG2  sing N N 388 
THR CB  HB   sing N N 389 
THR OG1 HG1  sing N N 390 
THR CG2 HG21 sing N N 391 
THR CG2 HG22 sing N N 392 
THR CG2 HG23 sing N N 393 
THR OXT HXT  sing N N 394 
TRP N   CA   sing N N 395 
TRP N   H    sing N N 396 
TRP N   H2   sing N N 397 
TRP CA  C    sing N N 398 
TRP CA  CB   sing N N 399 
TRP CA  HA   sing N N 400 
TRP C   O    doub N N 401 
TRP C   OXT  sing N N 402 
TRP CB  CG   sing N N 403 
TRP CB  HB2  sing N N 404 
TRP CB  HB3  sing N N 405 
TRP CG  CD1  doub Y N 406 
TRP CG  CD2  sing Y N 407 
TRP CD1 NE1  sing Y N 408 
TRP CD1 HD1  sing N N 409 
TRP CD2 CE2  doub Y N 410 
TRP CD2 CE3  sing Y N 411 
TRP NE1 CE2  sing Y N 412 
TRP NE1 HE1  sing N N 413 
TRP CE2 CZ2  sing Y N 414 
TRP CE3 CZ3  doub Y N 415 
TRP CE3 HE3  sing N N 416 
TRP CZ2 CH2  doub Y N 417 
TRP CZ2 HZ2  sing N N 418 
TRP CZ3 CH2  sing Y N 419 
TRP CZ3 HZ3  sing N N 420 
TRP CH2 HH2  sing N N 421 
TRP OXT HXT  sing N N 422 
TYR N   CA   sing N N 423 
TYR N   H    sing N N 424 
TYR N   H2   sing N N 425 
TYR CA  C    sing N N 426 
TYR CA  CB   sing N N 427 
TYR CA  HA   sing N N 428 
TYR C   O    doub N N 429 
TYR C   OXT  sing N N 430 
TYR CB  CG   sing N N 431 
TYR CB  HB2  sing N N 432 
TYR CB  HB3  sing N N 433 
TYR CG  CD1  doub Y N 434 
TYR CG  CD2  sing Y N 435 
TYR CD1 CE1  sing Y N 436 
TYR CD1 HD1  sing N N 437 
TYR CD2 CE2  doub Y N 438 
TYR CD2 HD2  sing N N 439 
TYR CE1 CZ   doub Y N 440 
TYR CE1 HE1  sing N N 441 
TYR CE2 CZ   sing Y N 442 
TYR CE2 HE2  sing N N 443 
TYR CZ  OH   sing N N 444 
TYR OH  HH   sing N N 445 
TYR OXT HXT  sing N N 446 
VAL N   CA   sing N N 447 
VAL N   H    sing N N 448 
VAL N   H2   sing N N 449 
VAL CA  C    sing N N 450 
VAL CA  CB   sing N N 451 
VAL CA  HA   sing N N 452 
VAL C   O    doub N N 453 
VAL C   OXT  sing N N 454 
VAL CB  CG1  sing N N 455 
VAL CB  CG2  sing N N 456 
VAL CB  HB   sing N N 457 
VAL CG1 HG11 sing N N 458 
VAL CG1 HG12 sing N N 459 
VAL CG1 HG13 sing N N 460 
VAL CG2 HG21 sing N N 461 
VAL CG2 HG22 sing N N 462 
VAL CG2 HG23 sing N N 463 
VAL OXT HXT  sing N N 464 
# 
_atom_sites.entry_id                    4J93 
_atom_sites.fract_transf_matrix[1][1]   0.02385206 
_atom_sites.fract_transf_matrix[1][2]   0.00195168 
_atom_sites.fract_transf_matrix[1][3]   -0.00534777 
_atom_sites.fract_transf_matrix[2][1]   0.00523074 
_atom_sites.fract_transf_matrix[2][2]   -0.00113381 
_atom_sites.fract_transf_matrix[2][3]   0.02291628 
_atom_sites.fract_transf_matrix[3][1]   0.00080449 
_atom_sites.fract_transf_matrix[3][2]   -0.01195592 
_atom_sites.fract_transf_matrix[3][3]   -0.00077516 
_atom_sites.fract_transf_vector[1]      0.143676 
_atom_sites.fract_transf_vector[2]      0.096553 
_atom_sites.fract_transf_vector[3]      0.103148 
# 
loop_
_atom_type.symbol 
C  
CL 
N  
O  
S  
# 
loop_
_atom_site.group_PDB 
_atom_site.id 
_atom_site.type_symbol 
_atom_site.label_atom_id 
_atom_site.label_alt_id 
_atom_site.label_comp_id 
_atom_site.label_asym_id 
_atom_site.label_entity_id 
_atom_site.label_seq_id 
_atom_site.pdbx_PDB_ins_code 
_atom_site.Cartn_x 
_atom_site.Cartn_y 
_atom_site.Cartn_z 
_atom_site.occupancy 
_atom_site.B_iso_or_equiv 
_atom_site.pdbx_formal_charge 
_atom_site.auth_seq_id 
_atom_site.auth_comp_id 
_atom_site.auth_asym_id 
_atom_site.auth_atom_id 
_atom_site.pdbx_PDB_model_num 
ATOM   1    N  N   . PRO A 1 1   ? 4.386   -7.121  -6.628  1.00 20.31 ? 1   PRO A N   1 
ATOM   2    C  CA  . PRO A 1 1   ? 5.346   -6.021  -6.486  1.00 24.24 ? 1   PRO A CA  1 
ATOM   3    C  C   . PRO A 1 1   ? 6.043   -5.700  -7.797  1.00 27.10 ? 1   PRO A C   1 
ATOM   4    O  O   . PRO A 1 1   ? 5.907   -6.435  -8.773  1.00 27.25 ? 1   PRO A O   1 
ATOM   5    C  CB  . PRO A 1 1   ? 6.362   -6.571  -5.478  1.00 27.39 ? 1   PRO A CB  1 
ATOM   6    C  CG  . PRO A 1 1   ? 6.235   -8.050  -5.578  1.00 28.37 ? 1   PRO A CG  1 
ATOM   7    C  CD  . PRO A 1 1   ? 4.781   -8.300  -5.836  1.00 18.77 ? 1   PRO A CD  1 
ATOM   8    N  N   . ILE A 1 2   ? 6.774   -4.593  -7.816  1.00 27.77 ? 2   ILE A N   1 
ATOM   9    C  CA  . ILE A 1 2   ? 7.627   -4.271  -8.945  1.00 25.66 ? 2   ILE A CA  1 
ATOM   10   C  C   . ILE A 1 2   ? 9.062   -4.612  -8.572  1.00 29.40 ? 2   ILE A C   1 
ATOM   11   O  O   . ILE A 1 2   ? 9.601   -4.091  -7.595  1.00 27.19 ? 2   ILE A O   1 
ATOM   12   C  CB  . ILE A 1 2   ? 7.505   -2.795  -9.347  1.00 25.10 ? 2   ILE A CB  1 
ATOM   13   C  CG1 . ILE A 1 2   ? 6.074   -2.501  -9.804  1.00 25.47 ? 2   ILE A CG1 1 
ATOM   14   C  CG2 . ILE A 1 2   ? 8.502   -2.459  -10.448 1.00 27.68 ? 2   ILE A CG2 1 
ATOM   15   C  CD1 . ILE A 1 2   ? 5.884   -1.112  -10.374 1.00 31.77 ? 2   ILE A CD1 1 
ATOM   16   N  N   . VAL A 1 3   ? 9.667   -5.513  -9.338  1.00 24.79 ? 3   VAL A N   1 
ATOM   17   C  CA  . VAL A 1 3   ? 11.013  -5.981  -9.041  1.00 27.08 ? 3   VAL A CA  1 
ATOM   18   C  C   . VAL A 1 3   ? 11.909  -5.853  -10.264 1.00 36.65 ? 3   VAL A C   1 
ATOM   19   O  O   . VAL A 1 3   ? 11.427  -5.770  -11.392 1.00 34.22 ? 3   VAL A O   1 
ATOM   20   C  CB  . VAL A 1 3   ? 11.012  -7.449  -8.567  1.00 34.18 ? 3   VAL A CB  1 
ATOM   21   C  CG1 . VAL A 1 3   ? 10.163  -7.600  -7.314  1.00 33.05 ? 3   VAL A CG1 1 
ATOM   22   C  CG2 . VAL A 1 3   ? 10.508  -8.362  -9.672  1.00 31.04 ? 3   VAL A CG2 1 
ATOM   23   N  N   . GLN A 1 4   ? 13.214  -5.830  -10.029 1.00 34.74 ? 4   GLN A N   1 
ATOM   24   C  CA  . GLN A 1 4   ? 14.176  -5.767  -11.118 1.00 37.86 ? 4   GLN A CA  1 
ATOM   25   C  C   . GLN A 1 4   ? 14.593  -7.174  -11.524 1.00 37.77 ? 4   GLN A C   1 
ATOM   26   O  O   . GLN A 1 4   ? 14.954  -7.992  -10.677 1.00 35.14 ? 4   GLN A O   1 
ATOM   27   C  CB  . GLN A 1 4   ? 15.402  -4.958  -10.695 1.00 38.04 ? 4   GLN A CB  1 
ATOM   28   C  CG  . GLN A 1 4   ? 16.430  -4.777  -11.796 1.00 53.78 ? 4   GLN A CG  1 
ATOM   29   C  CD  . GLN A 1 4   ? 17.653  -4.016  -11.327 1.00 64.65 ? 4   GLN A CD  1 
ATOM   30   O  OE1 . GLN A 1 4   ? 18.514  -3.648  -12.125 1.00 70.29 ? 4   GLN A OE1 1 
ATOM   31   N  NE2 . GLN A 1 4   ? 17.735  -3.777  -10.023 1.00 61.78 ? 4   GLN A NE2 1 
ATOM   32   N  N   . ASN A 1 5   ? 14.532  -7.464  -12.820 1.00 32.93 ? 5   ASN A N   1 
ATOM   33   C  CA  . ASN A 1 5   ? 15.022  -8.747  -13.310 1.00 32.51 ? 5   ASN A CA  1 
ATOM   34   C  C   . ASN A 1 5   ? 16.501  -8.661  -13.675 1.00 39.93 ? 5   ASN A C   1 
ATOM   35   O  O   . ASN A 1 5   ? 17.143  -7.642  -13.433 1.00 42.24 ? 5   ASN A O   1 
ATOM   36   C  CB  . ASN A 1 5   ? 14.182  -9.262  -14.483 1.00 34.51 ? 5   ASN A CB  1 
ATOM   37   C  CG  . ASN A 1 5   ? 14.248  -8.360  -15.692 1.00 38.03 ? 5   ASN A CG  1 
ATOM   38   O  OD1 . ASN A 1 5   ? 15.063  -7.440  -15.753 1.00 38.33 ? 5   ASN A OD1 1 
ATOM   39   N  ND2 . ASN A 1 5   ? 13.392  -8.626  -16.672 1.00 41.95 ? 5   ASN A ND2 1 
ATOM   40   N  N   . LEU A 1 6   ? 17.041  -9.731  -14.252 1.00 42.89 ? 6   LEU A N   1 
ATOM   41   C  CA  . LEU A 1 6   ? 18.465  -9.777  -14.573 1.00 41.22 ? 6   LEU A CA  1 
ATOM   42   C  C   . LEU A 1 6   ? 18.828  -8.845  -15.724 1.00 45.18 ? 6   LEU A C   1 
ATOM   43   O  O   . LEU A 1 6   ? 19.990  -8.487  -15.903 1.00 43.11 ? 6   LEU A O   1 
ATOM   44   C  CB  . LEU A 1 6   ? 18.900  -11.205 -14.894 1.00 34.12 ? 6   LEU A CB  1 
ATOM   45   C  CG  . LEU A 1 6   ? 18.806  -12.181 -13.722 1.00 39.70 ? 6   LEU A CG  1 
ATOM   46   C  CD1 . LEU A 1 6   ? 19.240  -13.573 -14.148 1.00 40.32 ? 6   LEU A CD1 1 
ATOM   47   C  CD2 . LEU A 1 6   ? 19.645  -11.688 -12.553 1.00 40.40 ? 6   LEU A CD2 1 
ATOM   48   N  N   . GLN A 1 7   ? 17.827  -8.454  -16.500 1.00 44.84 ? 7   GLN A N   1 
ATOM   49   C  CA  . GLN A 1 7   ? 18.046  -7.547  -17.615 1.00 47.95 ? 7   GLN A CA  1 
ATOM   50   C  C   . GLN A 1 7   ? 17.893  -6.097  -17.160 1.00 58.44 ? 7   GLN A C   1 
ATOM   51   O  O   . GLN A 1 7   ? 17.669  -5.198  -17.971 1.00 59.43 ? 7   GLN A O   1 
ATOM   52   C  CB  . GLN A 1 7   ? 17.088  -7.882  -18.759 1.00 57.75 ? 7   GLN A CB  1 
ATOM   53   C  CG  . GLN A 1 7   ? 17.159  -9.347  -19.170 1.00 38.94 ? 7   GLN A CG  1 
ATOM   54   C  CD  . GLN A 1 7   ? 16.072  -9.745  -20.143 1.00 65.50 ? 7   GLN A CD  1 
ATOM   55   O  OE1 . GLN A 1 7   ? 15.554  -8.915  -20.890 1.00 74.85 ? 7   GLN A OE1 1 
ATOM   56   N  NE2 . GLN A 1 7   ? 15.715  -11.025 -20.136 1.00 68.85 ? 7   GLN A NE2 1 
ATOM   57   N  N   . GLY A 1 8   ? 18.014  -5.889  -15.851 1.00 55.77 ? 8   GLY A N   1 
ATOM   58   C  CA  . GLY A 1 8   ? 18.010  -4.561  -15.263 1.00 39.87 ? 8   GLY A CA  1 
ATOM   59   C  C   . GLY A 1 8   ? 16.676  -3.843  -15.291 1.00 58.97 ? 8   GLY A C   1 
ATOM   60   O  O   . GLY A 1 8   ? 16.546  -2.744  -14.751 1.00 59.51 ? 8   GLY A O   1 
ATOM   61   N  N   . GLN A 1 9   ? 15.677  -4.463  -15.912 1.00 44.40 ? 9   GLN A N   1 
ATOM   62   C  CA  . GLN A 1 9   ? 14.385  -3.812  -16.101 1.00 50.73 ? 9   GLN A CA  1 
ATOM   63   C  C   . GLN A 1 9   ? 13.404  -4.093  -14.963 1.00 45.33 ? 9   GLN A C   1 
ATOM   64   O  O   . GLN A 1 9   ? 13.317  -5.212  -14.455 1.00 42.81 ? 9   GLN A O   1 
ATOM   65   C  CB  . GLN A 1 9   ? 13.782  -4.208  -17.451 1.00 48.53 ? 9   GLN A CB  1 
ATOM   66   C  CG  . GLN A 1 9   ? 13.696  -5.707  -17.677 1.00 57.67 ? 9   GLN A CG  1 
ATOM   67   C  CD  . GLN A 1 9   ? 13.439  -6.066  -19.127 1.00 58.29 ? 9   GLN A CD  1 
ATOM   68   O  OE1 . GLN A 1 9   ? 13.825  -5.335  -20.039 1.00 70.85 ? 9   GLN A OE1 1 
ATOM   69   N  NE2 . GLN A 1 9   ? 12.780  -7.198  -19.348 1.00 56.70 ? 9   GLN A NE2 1 
ATOM   70   N  N   . MET A 1 10  ? 12.669  -3.058  -14.567 1.00 48.77 ? 10  MET A N   1 
ATOM   71   C  CA  . MET A 1 10  ? 11.659  -3.188  -13.525 1.00 41.89 ? 10  MET A CA  1 
ATOM   72   C  C   . MET A 1 10  ? 10.403  -3.824  -14.107 1.00 42.35 ? 10  MET A C   1 
ATOM   73   O  O   . MET A 1 10  ? 9.798   -3.282  -15.033 1.00 47.62 ? 10  MET A O   1 
ATOM   74   C  CB  . MET A 1 10  ? 11.326  -1.819  -12.926 1.00 45.49 ? 10  MET A CB  1 
ATOM   75   C  CG  . MET A 1 10  ? 12.526  -1.078  -12.355 1.00 45.11 ? 10  MET A CG  1 
ATOM   76   S  SD  . MET A 1 10  ? 13.383  -2.006  -11.068 1.00 57.84 ? 10  MET A SD  1 
ATOM   77   C  CE  . MET A 1 10  ? 12.054  -2.262  -9.895  1.00 32.86 ? 10  MET A CE  1 
ATOM   78   N  N   . VAL A 1 11  ? 10.019  -4.977  -13.567 1.00 30.85 ? 11  VAL A N   1 
ATOM   79   C  CA  . VAL A 1 11  ? 8.841   -5.684  -14.049 1.00 32.84 ? 11  VAL A CA  1 
ATOM   80   C  C   . VAL A 1 11  ? 7.861   -5.977  -12.918 1.00 34.38 ? 11  VAL A C   1 
ATOM   81   O  O   . VAL A 1 11  ? 8.260   -6.170  -11.769 1.00 29.28 ? 11  VAL A O   1 
ATOM   82   C  CB  . VAL A 1 11  ? 9.223   -7.008  -14.734 1.00 34.34 ? 11  VAL A CB  1 
ATOM   83   C  CG1 . VAL A 1 11  ? 10.019  -6.739  -16.000 1.00 40.03 ? 11  VAL A CG1 1 
ATOM   84   C  CG2 . VAL A 1 11  ? 10.012  -7.884  -13.778 1.00 30.39 ? 11  VAL A CG2 1 
ATOM   85   N  N   . HIS A 1 12  ? 6.577   -6.013  -13.252 1.00 28.62 ? 12  HIS A N   1 
ATOM   86   C  CA  . HIS A 1 12  ? 5.554   -6.335  -12.271 1.00 27.34 ? 12  HIS A CA  1 
ATOM   87   C  C   . HIS A 1 12  ? 5.349   -7.838  -12.148 1.00 31.55 ? 12  HIS A C   1 
ATOM   88   O  O   . HIS A 1 12  ? 5.429   -8.575  -13.131 1.00 33.28 ? 12  HIS A O   1 
ATOM   89   C  CB  . HIS A 1 12  ? 4.219   -5.676  -12.625 1.00 22.80 ? 12  HIS A CB  1 
ATOM   90   C  CG  . HIS A 1 12  ? 3.115   -6.027  -11.679 1.00 27.20 ? 12  HIS A CG  1 
ATOM   91   N  ND1 . HIS A 1 12  ? 2.156   -6.973  -11.969 1.00 31.96 ? 12  HIS A ND1 1 
ATOM   92   C  CD2 . HIS A 1 12  ? 2.833   -5.576  -10.433 1.00 25.00 ? 12  HIS A CD2 1 
ATOM   93   C  CE1 . HIS A 1 12  ? 1.322   -7.079  -10.949 1.00 29.25 ? 12  HIS A CE1 1 
ATOM   94   N  NE2 . HIS A 1 12  ? 1.712   -6.243  -10.003 1.00 24.94 ? 12  HIS A NE2 1 
ATOM   95   N  N   . GLN A 1 13  ? 5.087   -8.281  -10.924 1.00 25.68 ? 13  GLN A N   1 
ATOM   96   C  CA  . GLN A 1 13  ? 4.623   -9.635  -10.674 1.00 29.74 ? 13  GLN A CA  1 
ATOM   97   C  C   . GLN A 1 13  ? 3.610   -9.571  -9.541  1.00 25.68 ? 13  GLN A C   1 
ATOM   98   O  O   . GLN A 1 13  ? 3.732   -8.741  -8.644  1.00 32.05 ? 13  GLN A O   1 
ATOM   99   C  CB  . GLN A 1 13  ? 5.792   -10.547 -10.303 1.00 35.96 ? 13  GLN A CB  1 
ATOM   100  C  CG  . GLN A 1 13  ? 6.468   -10.184 -8.997  1.00 38.65 ? 13  GLN A CG  1 
ATOM   101  C  CD  . GLN A 1 13  ? 7.723   -10.998 -8.749  1.00 53.33 ? 13  GLN A CD  1 
ATOM   102  O  OE1 . GLN A 1 13  ? 8.363   -11.473 -9.687  1.00 45.97 ? 13  GLN A OE1 1 
ATOM   103  N  NE2 . GLN A 1 13  ? 8.081   -11.163 -7.479  1.00 50.55 ? 13  GLN A NE2 1 
ATOM   104  N  N   . ALA A 1 14  ? 2.595   -10.427 -9.596  1.00 29.71 ? 14  ALA A N   1 
ATOM   105  C  CA  . ALA A 1 14  ? 1.583   -10.466 -8.546  1.00 30.67 ? 14  ALA A CA  1 
ATOM   106  C  C   . ALA A 1 14  ? 2.222   -10.868 -7.222  1.00 27.60 ? 14  ALA A C   1 
ATOM   107  O  O   . ALA A 1 14  ? 3.234   -11.565 -7.209  1.00 26.87 ? 14  ALA A O   1 
ATOM   108  C  CB  . ALA A 1 14  ? 0.475   -11.432 -8.917  1.00 36.43 ? 14  ALA A CB  1 
ATOM   109  N  N   . ILE A 1 15  ? 1.640   -10.419 -6.114  1.00 32.15 ? 15  ILE A N   1 
ATOM   110  C  CA  . ILE A 1 15  ? 2.122   -10.803 -4.791  1.00 32.19 ? 15  ILE A CA  1 
ATOM   111  C  C   . ILE A 1 15  ? 2.062   -12.322 -4.663  1.00 31.38 ? 15  ILE A C   1 
ATOM   112  O  O   . ILE A 1 15  ? 1.087   -12.944 -5.082  1.00 37.75 ? 15  ILE A O   1 
ATOM   113  C  CB  . ILE A 1 15  ? 1.280   -10.150 -3.667  1.00 29.85 ? 15  ILE A CB  1 
ATOM   114  C  CG1 . ILE A 1 15  ? 1.900   -10.418 -2.293  1.00 34.87 ? 15  ILE A CG1 1 
ATOM   115  C  CG2 . ILE A 1 15  ? -0.167  -10.631 -3.721  1.00 36.30 ? 15  ILE A CG2 1 
ATOM   116  C  CD1 . ILE A 1 15  ? 3.183   -9.663  -2.048  1.00 49.63 ? 15  ILE A CD1 1 
ATOM   117  N  N   . SER A 1 16  ? 3.104   -12.926 -4.100  1.00 24.10 ? 16  SER A N   1 
ATOM   118  C  CA  . SER A 1 16  ? 3.153   -14.388 -4.002  1.00 28.12 ? 16  SER A CA  1 
ATOM   119  C  C   . SER A 1 16  ? 2.377   -14.911 -2.798  1.00 31.18 ? 16  SER A C   1 
ATOM   120  O  O   . SER A 1 16  ? 2.403   -14.308 -1.727  1.00 27.25 ? 16  SER A O   1 
ATOM   121  C  CB  . SER A 1 16  ? 4.600   -14.885 -3.943  1.00 32.10 ? 16  SER A CB  1 
ATOM   122  O  OG  . SER A 1 16  ? 5.161   -14.690 -2.657  1.00 37.16 ? 16  SER A OG  1 
ATOM   123  N  N   . PRO A 1 17  ? 1.671   -16.038 -2.974  1.00 26.28 ? 17  PRO A N   1 
ATOM   124  C  CA  . PRO A 1 17  ? 0.987   -16.677 -1.848  1.00 22.37 ? 17  PRO A CA  1 
ATOM   125  C  C   . PRO A 1 17  ? 1.974   -17.052 -0.747  1.00 21.16 ? 17  PRO A C   1 
ATOM   126  O  O   . PRO A 1 17  ? 1.578   -17.198 0.409   1.00 28.21 ? 17  PRO A O   1 
ATOM   127  C  CB  . PRO A 1 17  ? 0.381   -17.931 -2.479  1.00 33.98 ? 17  PRO A CB  1 
ATOM   128  C  CG  . PRO A 1 17  ? 0.168   -17.555 -3.904  1.00 35.36 ? 17  PRO A CG  1 
ATOM   129  C  CD  . PRO A 1 17  ? 1.334   -16.675 -4.259  1.00 32.72 ? 17  PRO A CD  1 
ATOM   130  N  N   . ARG A 1 18  ? 3.246   -17.198 -1.103  1.00 23.82 ? 18  ARG A N   1 
ATOM   131  C  CA  . ARG A 1 18  ? 4.277   -17.485 -0.111  1.00 25.36 ? 18  ARG A CA  1 
ATOM   132  C  C   . ARG A 1 18  ? 4.403   -16.296 0.836   1.00 27.55 ? 18  ARG A C   1 
ATOM   133  O  O   . ARG A 1 18  ? 4.436   -16.451 2.058   1.00 24.00 ? 18  ARG A O   1 
ATOM   134  C  CB  . ARG A 1 18  ? 5.617   -17.768 -0.796  1.00 33.47 ? 18  ARG A CB  1 
ATOM   135  C  CG  . ARG A 1 18  ? 6.767   -18.053 0.155   1.00 25.75 ? 18  ARG A CG  1 
ATOM   136  C  CD  . ARG A 1 18  ? 6.743   -19.485 0.677   1.00 30.89 ? 18  ARG A CD  1 
ATOM   137  N  NE  . ARG A 1 18  ? 7.141   -20.451 -0.344  1.00 26.92 ? 18  ARG A NE  1 
ATOM   138  C  CZ  . ARG A 1 18  ? 7.248   -21.760 -0.134  1.00 31.83 ? 18  ARG A CZ  1 
ATOM   139  N  NH1 . ARG A 1 18  ? 6.982   -22.271 1.063   1.00 26.92 ? 18  ARG A NH1 1 
ATOM   140  N  NH2 . ARG A 1 18  ? 7.618   -22.563 -1.123  1.00 25.22 ? 18  ARG A NH2 1 
ATOM   141  N  N   . THR A 1 19  ? 4.466   -15.105 0.252   1.00 25.21 ? 19  THR A N   1 
ATOM   142  C  CA  . THR A 1 19  ? 4.525   -13.867 1.015   1.00 25.16 ? 19  THR A CA  1 
ATOM   143  C  C   . THR A 1 19  ? 3.230   -13.643 1.782   1.00 26.34 ? 19  THR A C   1 
ATOM   144  O  O   . THR A 1 19  ? 3.247   -13.284 2.963   1.00 24.97 ? 19  THR A O   1 
ATOM   145  C  CB  . THR A 1 19  ? 4.769   -12.669 0.086   1.00 28.04 ? 19  THR A CB  1 
ATOM   146  O  OG1 . THR A 1 19  ? 6.036   -12.827 -0.564  1.00 28.83 ? 19  THR A OG1 1 
ATOM   147  C  CG2 . THR A 1 19  ? 4.766   -11.367 0.877   1.00 26.10 ? 19  THR A CG2 1 
ATOM   148  N  N   . LEU A 1 20  ? 2.101   -13.845 1.109   1.00 20.89 ? 20  LEU A N   1 
ATOM   149  C  CA  . LEU A 1 20  ? 0.803   -13.697 1.762   1.00 25.00 ? 20  LEU A CA  1 
ATOM   150  C  C   . LEU A 1 20  ? 0.666   -14.636 2.958   1.00 24.81 ? 20  LEU A C   1 
ATOM   151  O  O   . LEU A 1 20  ? 0.193   -14.234 4.019   1.00 24.37 ? 20  LEU A O   1 
ATOM   152  C  CB  . LEU A 1 20  ? -0.337  -13.940 0.775   1.00 25.71 ? 20  LEU A CB  1 
ATOM   153  C  CG  . LEU A 1 20  ? -0.544  -12.863 -0.287  1.00 28.19 ? 20  LEU A CG  1 
ATOM   154  C  CD1 . LEU A 1 20  ? -1.612  -13.295 -1.267  1.00 30.09 ? 20  LEU A CD1 1 
ATOM   155  C  CD2 . LEU A 1 20  ? -0.909  -11.530 0.360   1.00 26.19 ? 20  LEU A CD2 1 
ATOM   156  N  N   . ASN A 1 21  ? 1.079   -15.888 2.788   1.00 21.65 ? 21  ASN A N   1 
ATOM   157  C  CA  . ASN A 1 21  ? 0.998   -16.849 3.879   1.00 23.76 ? 21  ASN A CA  1 
ATOM   158  C  C   . ASN A 1 21  ? 1.844   -16.446 5.075   1.00 26.86 ? 21  ASN A C   1 
ATOM   159  O  O   . ASN A 1 21  ? 1.439   -16.644 6.217   1.00 25.70 ? 21  ASN A O   1 
ATOM   160  C  CB  . ASN A 1 21  ? 1.371   -18.252 3.401   1.00 25.98 ? 21  ASN A CB  1 
ATOM   161  C  CG  . ASN A 1 21  ? 0.268   -18.894 2.600   1.00 24.86 ? 21  ASN A CG  1 
ATOM   162  O  OD1 . ASN A 1 21  ? -0.791  -18.302 2.402   1.00 27.12 ? 21  ASN A OD1 1 
ATOM   163  N  ND2 . ASN A 1 21  ? 0.507   -20.112 2.129   1.00 26.95 ? 21  ASN A ND2 1 
ATOM   164  N  N   . ALA A 1 22  ? 3.018   -15.881 4.810   1.00 22.71 ? 22  ALA A N   1 
ATOM   165  C  CA  . ALA A 1 22  ? 3.892   -15.415 5.886   1.00 23.45 ? 22  ALA A CA  1 
ATOM   166  C  C   . ALA A 1 22  ? 3.247   -14.269 6.660   1.00 23.26 ? 22  ALA A C   1 
ATOM   167  O  O   . ALA A 1 22  ? 3.409   -14.165 7.877   1.00 23.80 ? 22  ALA A O   1 
ATOM   168  C  CB  . ALA A 1 22  ? 5.244   -14.995 5.334   1.00 26.90 ? 22  ALA A CB  1 
ATOM   169  N  N   . TRP A 1 23  ? 2.514   -13.414 5.953   1.00 24.30 ? 23  TRP A N   1 
ATOM   170  C  CA  . TRP A 1 23  ? 1.823   -12.295 6.587   1.00 28.28 ? 23  TRP A CA  1 
ATOM   171  C  C   . TRP A 1 23  ? 0.656   -12.788 7.441   1.00 31.08 ? 23  TRP A C   1 
ATOM   172  O  O   . TRP A 1 23  ? 0.503   -12.384 8.598   1.00 26.18 ? 23  TRP A O   1 
ATOM   173  C  CB  . TRP A 1 23  ? 1.339   -11.293 5.535   1.00 22.47 ? 23  TRP A CB  1 
ATOM   174  C  CG  . TRP A 1 23  ? 0.432   -10.235 6.080   1.00 18.81 ? 23  TRP A CG  1 
ATOM   175  C  CD1 . TRP A 1 23  ? -0.844  -9.969  5.682   1.00 20.76 ? 23  TRP A CD1 1 
ATOM   176  C  CD2 . TRP A 1 23  ? 0.727   -9.306  7.133   1.00 25.00 ? 23  TRP A CD2 1 
ATOM   177  N  NE1 . TRP A 1 23  ? -1.362  -8.929  6.417   1.00 25.88 ? 23  TRP A NE1 1 
ATOM   178  C  CE2 . TRP A 1 23  ? -0.418  -8.505  7.315   1.00 24.35 ? 23  TRP A CE2 1 
ATOM   179  C  CE3 . TRP A 1 23  ? 1.847   -9.075  7.938   1.00 24.06 ? 23  TRP A CE3 1 
ATOM   180  C  CZ2 . TRP A 1 23  ? -0.477  -7.490  8.269   1.00 23.04 ? 23  TRP A CZ2 1 
ATOM   181  C  CZ3 . TRP A 1 23  ? 1.786   -8.065  8.885   1.00 21.64 ? 23  TRP A CZ3 1 
ATOM   182  C  CH2 . TRP A 1 23  ? 0.635   -7.285  9.040   1.00 27.14 ? 23  TRP A CH2 1 
ATOM   183  N  N   . VAL A 1 24  ? -0.160  -13.665 6.867   1.00 25.76 ? 24  VAL A N   1 
ATOM   184  C  CA  . VAL A 1 24  ? -1.268  -14.264 7.599   1.00 26.94 ? 24  VAL A CA  1 
ATOM   185  C  C   . VAL A 1 24  ? -0.737  -14.964 8.843   1.00 28.45 ? 24  VAL A C   1 
ATOM   186  O  O   . VAL A 1 24  ? -1.343  -14.900 9.914   1.00 32.03 ? 24  VAL A O   1 
ATOM   187  C  CB  . VAL A 1 24  ? -2.027  -15.292 6.736   1.00 31.55 ? 24  VAL A CB  1 
ATOM   188  C  CG1 . VAL A 1 24  ? -2.997  -16.092 7.591   1.00 34.75 ? 24  VAL A CG1 1 
ATOM   189  C  CG2 . VAL A 1 24  ? -2.758  -14.595 5.597   1.00 28.22 ? 24  VAL A CG2 1 
ATOM   190  N  N   . LYS A 1 25  ? 0.410   -15.619 8.693   1.00 25.22 ? 25  LYS A N   1 
ATOM   191  C  CA  . LYS A 1 25  ? 1.006   -16.377 9.786   1.00 26.81 ? 25  LYS A CA  1 
ATOM   192  C  C   . LYS A 1 25  ? 1.432   -15.488 10.950  1.00 32.86 ? 25  LYS A C   1 
ATOM   193  O  O   . LYS A 1 25  ? 1.138   -15.792 12.107  1.00 35.33 ? 25  LYS A O   1 
ATOM   194  C  CB  . LYS A 1 25  ? 2.197   -17.199 9.291   1.00 37.14 ? 25  LYS A CB  1 
ATOM   195  C  CG  . LYS A 1 25  ? 2.876   -18.002 10.387  1.00 46.43 ? 25  LYS A CG  1 
ATOM   196  C  CD  . LYS A 1 25  ? 4.065   -18.783 9.861   1.00 49.91 ? 25  LYS A CD  1 
ATOM   197  C  CE  . LYS A 1 25  ? 4.714   -19.594 10.971  1.00 73.54 ? 25  LYS A CE  1 
ATOM   198  N  NZ  . LYS A 1 25  ? 3.738   -20.510 11.631  1.00 67.29 ? 25  LYS A NZ  1 
ATOM   199  N  N   . VAL A 1 26  ? 2.125   -14.394 10.648  1.00 30.95 ? 26  VAL A N   1 
ATOM   200  C  CA  . VAL A 1 26  ? 2.635   -13.522 11.702  1.00 37.13 ? 26  VAL A CA  1 
ATOM   201  C  C   . VAL A 1 26  ? 1.489   -12.952 12.531  1.00 28.70 ? 26  VAL A C   1 
ATOM   202  O  O   . VAL A 1 26  ? 1.608   -12.798 13.748  1.00 37.21 ? 26  VAL A O   1 
ATOM   203  C  CB  . VAL A 1 26  ? 3.509   -12.372 11.146  1.00 29.23 ? 26  VAL A CB  1 
ATOM   204  C  CG1 . VAL A 1 26  ? 2.647   -11.315 10.483  1.00 27.65 ? 26  VAL A CG1 1 
ATOM   205  C  CG2 . VAL A 1 26  ? 4.334   -11.750 12.263  1.00 34.29 ? 26  VAL A CG2 1 
ATOM   206  N  N   . VAL A 1 27  ? 0.377   -12.653 11.869  1.00 30.86 ? 27  VAL A N   1 
ATOM   207  C  CA  . VAL A 1 27  ? -0.777  -12.073 12.541  1.00 34.66 ? 27  VAL A CA  1 
ATOM   208  C  C   . VAL A 1 27  ? -1.562  -13.115 13.329  1.00 46.53 ? 27  VAL A C   1 
ATOM   209  O  O   . VAL A 1 27  ? -1.960  -12.875 14.467  1.00 45.43 ? 27  VAL A O   1 
ATOM   210  C  CB  . VAL A 1 27  ? -1.722  -11.376 11.544  1.00 34.99 ? 27  VAL A CB  1 
ATOM   211  C  CG1 . VAL A 1 27  ? -3.081  -11.134 12.178  1.00 36.91 ? 27  VAL A CG1 1 
ATOM   212  C  CG2 . VAL A 1 27  ? -1.109  -10.071 11.063  1.00 26.17 ? 27  VAL A CG2 1 
ATOM   213  N  N   . GLU A 1 28  ? -1.782  -14.276 12.723  1.00 41.99 ? 28  GLU A N   1 
ATOM   214  C  CA  . GLU A 1 28  ? -2.585  -15.309 13.362  1.00 45.40 ? 28  GLU A CA  1 
ATOM   215  C  C   . GLU A 1 28  ? -1.853  -15.997 14.514  1.00 43.54 ? 28  GLU A C   1 
ATOM   216  O  O   . GLU A 1 28  ? -2.485  -16.618 15.367  1.00 60.09 ? 28  GLU A O   1 
ATOM   217  C  CB  . GLU A 1 28  ? -3.071  -16.337 12.333  1.00 62.15 ? 28  GLU A CB  1 
ATOM   218  C  CG  . GLU A 1 28  ? -4.106  -15.789 11.357  1.00 53.28 ? 28  GLU A CG  1 
ATOM   219  C  CD  . GLU A 1 28  ? -4.701  -16.862 10.458  1.00 62.30 ? 28  GLU A CD  1 
ATOM   220  O  OE1 . GLU A 1 28  ? -4.080  -17.937 10.313  1.00 46.64 ? 28  GLU A OE1 1 
ATOM   221  O  OE2 . GLU A 1 28  ? -5.795  -16.631 9.895   1.00 44.92 ? 28  GLU A OE2 1 
ATOM   222  N  N   . GLU A 1 29  ? -0.530  -15.878 14.550  1.00 38.31 ? 29  GLU A N   1 
ATOM   223  C  CA  . GLU A 1 29  ? 0.244   -16.534 15.600  1.00 44.97 ? 29  GLU A CA  1 
ATOM   224  C  C   . GLU A 1 29  ? 0.797   -15.557 16.636  1.00 41.14 ? 29  GLU A C   1 
ATOM   225  O  O   . GLU A 1 29  ? 1.199   -15.968 17.723  1.00 35.06 ? 29  GLU A O   1 
ATOM   226  C  CB  . GLU A 1 29  ? 1.378   -17.377 15.007  1.00 55.86 ? 29  GLU A CB  1 
ATOM   227  C  CG  . GLU A 1 29  ? 2.660   -16.610 14.721  1.00 57.10 ? 29  GLU A CG  1 
ATOM   228  C  CD  . GLU A 1 29  ? 3.766   -17.506 14.187  1.00 71.96 ? 29  GLU A CD  1 
ATOM   229  O  OE1 . GLU A 1 29  ? 4.881   -16.998 13.939  1.00 61.49 ? 29  GLU A OE1 1 
ATOM   230  O  OE2 . GLU A 1 29  ? 3.521   -18.718 14.017  1.00 64.14 ? 29  GLU A OE2 1 
ATOM   231  N  N   . LYS A 1 30  ? 0.806   -14.268 16.304  1.00 42.00 ? 30  LYS A N   1 
ATOM   232  C  CA  . LYS A 1 30  ? 1.359   -13.256 17.204  1.00 42.59 ? 30  LYS A CA  1 
ATOM   233  C  C   . LYS A 1 30  ? 0.377   -12.120 17.495  1.00 34.68 ? 30  LYS A C   1 
ATOM   234  O  O   . LYS A 1 30  ? 0.616   -11.291 18.375  1.00 36.99 ? 30  LYS A O   1 
ATOM   235  C  CB  . LYS A 1 30  ? 2.674   -12.710 16.646  1.00 45.16 ? 30  LYS A CB  1 
ATOM   236  C  CG  . LYS A 1 30  ? 3.753   -13.771 16.515  1.00 53.76 ? 30  LYS A CG  1 
ATOM   237  C  CD  . LYS A 1 30  ? 4.911   -13.298 15.657  1.00 60.35 ? 30  LYS A CD  1 
ATOM   238  C  CE  . LYS A 1 30  ? 5.951   -14.397 15.498  1.00 65.98 ? 30  LYS A CE  1 
ATOM   239  N  NZ  . LYS A 1 30  ? 7.047   -13.996 14.572  1.00 72.94 ? 30  LYS A NZ  1 
ATOM   240  N  N   . ALA A 1 31  ? -0.724  -12.090 16.750  1.00 31.65 ? 31  ALA A N   1 
ATOM   241  C  CA  . ALA A 1 31  ? -1.826  -11.157 17.000  1.00 34.89 ? 31  ALA A CA  1 
ATOM   242  C  C   . ALA A 1 31  ? -1.415  -9.723  17.350  1.00 48.83 ? 31  ALA A C   1 
ATOM   243  O  O   . ALA A 1 31  ? -1.461  -9.318  18.512  1.00 55.14 ? 31  ALA A O   1 
ATOM   244  C  CB  . ALA A 1 31  ? -2.752  -11.711 18.070  1.00 34.30 ? 31  ALA A CB  1 
ATOM   245  N  N   . PHE A 1 32  ? -1.028  -8.959  16.336  1.00 43.80 ? 32  PHE A N   1 
ATOM   246  C  CA  . PHE A 1 32  ? -0.766  -7.527  16.487  1.00 36.33 ? 32  PHE A CA  1 
ATOM   247  C  C   . PHE A 1 32  ? 0.155   -7.139  17.644  1.00 33.29 ? 32  PHE A C   1 
ATOM   248  O  O   . PHE A 1 32  ? 0.001   -6.074  18.240  1.00 36.09 ? 32  PHE A O   1 
ATOM   249  C  CB  . PHE A 1 32  ? -2.081  -6.741  16.555  1.00 29.58 ? 32  PHE A CB  1 
ATOM   250  C  CG  . PHE A 1 32  ? -2.969  -6.968  15.369  1.00 33.64 ? 32  PHE A CG  1 
ATOM   251  C  CD1 . PHE A 1 32  ? -2.616  -6.479  14.122  1.00 29.41 ? 32  PHE A CD1 1 
ATOM   252  C  CD2 . PHE A 1 32  ? -4.148  -7.683  15.494  1.00 39.58 ? 32  PHE A CD2 1 
ATOM   253  C  CE1 . PHE A 1 32  ? -3.425  -6.692  13.023  1.00 40.29 ? 32  PHE A CE1 1 
ATOM   254  C  CE2 . PHE A 1 32  ? -4.961  -7.900  14.397  1.00 39.82 ? 32  PHE A CE2 1 
ATOM   255  C  CZ  . PHE A 1 32  ? -4.599  -7.404  13.161  1.00 37.72 ? 32  PHE A CZ  1 
ATOM   256  N  N   . SER A 1 33  ? 1.119   -7.996  17.954  1.00 36.57 ? 33  SER A N   1 
ATOM   257  C  CA  . SER A 1 33  ? 2.215   -7.588  18.817  1.00 30.70 ? 33  SER A CA  1 
ATOM   258  C  C   . SER A 1 33  ? 3.130   -6.710  17.970  1.00 26.80 ? 33  SER A C   1 
ATOM   259  O  O   . SER A 1 33  ? 2.987   -6.672  16.750  1.00 31.12 ? 33  SER A O   1 
ATOM   260  C  CB  . SER A 1 33  ? 2.970   -8.808  19.341  1.00 51.58 ? 33  SER A CB  1 
ATOM   261  O  OG  . SER A 1 33  ? 3.578   -9.519  18.279  1.00 39.18 ? 33  SER A OG  1 
ATOM   262  N  N   . PRO A 1 34  ? 4.063   -5.990  18.607  1.00 30.45 ? 34  PRO A N   1 
ATOM   263  C  CA  . PRO A 1 34  ? 4.950   -5.097  17.849  1.00 28.98 ? 34  PRO A CA  1 
ATOM   264  C  C   . PRO A 1 34  ? 5.678   -5.781  16.689  1.00 33.49 ? 34  PRO A C   1 
ATOM   265  O  O   . PRO A 1 34  ? 6.030   -5.104  15.723  1.00 27.26 ? 34  PRO A O   1 
ATOM   266  C  CB  . PRO A 1 34  ? 5.952   -4.628  18.905  1.00 29.71 ? 34  PRO A CB  1 
ATOM   267  C  CG  . PRO A 1 34  ? 5.178   -4.671  20.178  1.00 32.21 ? 34  PRO A CG  1 
ATOM   268  C  CD  . PRO A 1 34  ? 4.260   -5.859  20.062  1.00 33.31 ? 34  PRO A CD  1 
ATOM   269  N  N   . GLU A 1 35  ? 5.886   -7.094  16.780  1.00 31.40 ? 35  GLU A N   1 
ATOM   270  C  CA  . GLU A 1 35  ? 6.599   -7.847  15.747  1.00 28.17 ? 35  GLU A CA  1 
ATOM   271  C  C   . GLU A 1 35  ? 5.958   -7.735  14.365  1.00 33.37 ? 35  GLU A C   1 
ATOM   272  O  O   . GLU A 1 35  ? 6.639   -7.859  13.349  1.00 30.58 ? 35  GLU A O   1 
ATOM   273  C  CB  . GLU A 1 35  ? 6.693   -9.328  16.125  1.00 37.97 ? 35  GLU A CB  1 
ATOM   274  C  CG  . GLU A 1 35  ? 7.317   -9.604  17.481  1.00 54.73 ? 35  GLU A CG  1 
ATOM   275  C  CD  . GLU A 1 35  ? 7.302   -11.081 17.832  1.00 62.58 ? 35  GLU A CD  1 
ATOM   276  O  OE1 . GLU A 1 35  ? 7.359   -11.917 16.904  1.00 50.56 ? 35  GLU A OE1 1 
ATOM   277  O  OE2 . GLU A 1 35  ? 7.225   -11.407 19.035  1.00 66.23 ? 35  GLU A OE2 1 
ATOM   278  N  N   . VAL A 1 36  ? 4.648   -7.519  14.324  1.00 27.30 ? 36  VAL A N   1 
ATOM   279  C  CA  . VAL A 1 36  ? 3.938   -7.510  13.047  1.00 24.03 ? 36  VAL A CA  1 
ATOM   280  C  C   . VAL A 1 36  ? 4.377   -6.374  12.129  1.00 27.99 ? 36  VAL A C   1 
ATOM   281  O  O   . VAL A 1 36  ? 4.243   -6.473  10.911  1.00 26.89 ? 36  VAL A O   1 
ATOM   282  C  CB  . VAL A 1 36  ? 2.409   -7.446  13.231  1.00 27.24 ? 36  VAL A CB  1 
ATOM   283  C  CG1 . VAL A 1 36  ? 1.923   -8.653  14.024  1.00 28.22 ? 36  VAL A CG1 1 
ATOM   284  C  CG2 . VAL A 1 36  ? 2.009   -6.149  13.907  1.00 33.74 ? 36  VAL A CG2 1 
ATOM   285  N  N   . ILE A 1 37  ? 4.902   -5.299  12.707  1.00 22.98 ? 37  ILE A N   1 
ATOM   286  C  CA  . ILE A 1 37  ? 5.284   -4.135  11.908  1.00 22.41 ? 37  ILE A CA  1 
ATOM   287  C  C   . ILE A 1 37  ? 6.553   -4.376  11.084  1.00 25.16 ? 37  ILE A C   1 
ATOM   288  O  O   . ILE A 1 37  ? 6.533   -4.232  9.857   1.00 23.03 ? 37  ILE A O   1 
ATOM   289  C  CB  . ILE A 1 37  ? 5.404   -2.854  12.766  1.00 30.11 ? 37  ILE A CB  1 
ATOM   290  C  CG1 . ILE A 1 37  ? 4.070   -2.566  13.464  1.00 28.87 ? 37  ILE A CG1 1 
ATOM   291  C  CG2 . ILE A 1 37  ? 5.819   -1.672  11.902  1.00 30.32 ? 37  ILE A CG2 1 
ATOM   292  C  CD1 . ILE A 1 37  ? 4.118   -1.422  14.447  1.00 38.80 ? 37  ILE A CD1 1 
ATOM   293  N  N   . PRO A 1 38  ? 7.662   -4.753  11.743  1.00 23.19 ? 38  PRO A N   1 
ATOM   294  C  CA  . PRO A 1 38  ? 8.859   -5.049  10.948  1.00 24.64 ? 38  PRO A CA  1 
ATOM   295  C  C   . PRO A 1 38  ? 8.602   -6.174  9.949   1.00 22.69 ? 38  PRO A C   1 
ATOM   296  O  O   . PRO A 1 38  ? 9.188   -6.172  8.869   1.00 23.30 ? 38  PRO A O   1 
ATOM   297  C  CB  . PRO A 1 38  ? 9.880   -5.498  11.997  1.00 25.61 ? 38  PRO A CB  1 
ATOM   298  C  CG  . PRO A 1 38  ? 9.419   -4.871  13.263  1.00 29.75 ? 38  PRO A CG  1 
ATOM   299  C  CD  . PRO A 1 38  ? 7.923   -4.854  13.189  1.00 30.71 ? 38  PRO A CD  1 
ATOM   300  N  N   . MET A 1 39  ? 7.740   -7.122  10.308  1.00 23.29 ? 39  MET A N   1 
ATOM   301  C  CA  . MET A 1 39  ? 7.412   -8.215  9.400   1.00 24.36 ? 39  MET A CA  1 
ATOM   302  C  C   . MET A 1 39  ? 6.645   -7.684  8.200   1.00 22.31 ? 39  MET A C   1 
ATOM   303  O  O   . MET A 1 39  ? 6.917   -8.059  7.059   1.00 22.68 ? 39  MET A O   1 
ATOM   304  C  CB  . MET A 1 39  ? 6.595   -9.297  10.104  1.00 25.45 ? 39  MET A CB  1 
ATOM   305  C  CG  . MET A 1 39  ? 6.144   -10.425 9.184   1.00 26.96 ? 39  MET A CG  1 
ATOM   306  S  SD  . MET A 1 39  ? 7.490   -11.488 8.607   1.00 28.49 ? 39  MET A SD  1 
ATOM   307  C  CE  . MET A 1 39  ? 7.880   -12.360 10.122  1.00 30.63 ? 39  MET A CE  1 
ATOM   308  N  N   . PHE A 1 40  ? 5.685   -6.804  8.457   1.00 20.54 ? 40  PHE A N   1 
ATOM   309  C  CA  . PHE A 1 40  ? 4.926   -6.217  7.365   1.00 20.05 ? 40  PHE A CA  1 
ATOM   310  C  C   . PHE A 1 40  ? 5.863   -5.491  6.401   1.00 26.93 ? 40  PHE A C   1 
ATOM   311  O  O   . PHE A 1 40  ? 5.740   -5.631  5.186   1.00 21.26 ? 40  PHE A O   1 
ATOM   312  C  CB  . PHE A 1 40  ? 3.840   -5.274  7.880   1.00 20.72 ? 40  PHE A CB  1 
ATOM   313  C  CG  . PHE A 1 40  ? 2.995   -4.695  6.790   1.00 24.43 ? 40  PHE A CG  1 
ATOM   314  C  CD1 . PHE A 1 40  ? 1.965   -5.435  6.230   1.00 28.25 ? 40  PHE A CD1 1 
ATOM   315  C  CD2 . PHE A 1 40  ? 3.242   -3.425  6.309   1.00 25.09 ? 40  PHE A CD2 1 
ATOM   316  C  CE1 . PHE A 1 40  ? 1.189   -4.912  5.219   1.00 28.90 ? 40  PHE A CE1 1 
ATOM   317  C  CE2 . PHE A 1 40  ? 2.469   -2.894  5.296   1.00 34.43 ? 40  PHE A CE2 1 
ATOM   318  C  CZ  . PHE A 1 40  ? 1.442   -3.639  4.752   1.00 24.34 ? 40  PHE A CZ  1 
ATOM   319  N  N   . SER A 1 41  ? 6.811   -4.730  6.942   1.00 21.28 ? 41  SER A N   1 
ATOM   320  C  CA  . SER A 1 41  ? 7.780   -4.031  6.098   1.00 23.04 ? 41  SER A CA  1 
ATOM   321  C  C   . SER A 1 41  ? 8.603   -5.007  5.257   1.00 26.05 ? 41  SER A C   1 
ATOM   322  O  O   . SER A 1 41  ? 8.753   -4.833  4.049   1.00 27.16 ? 41  SER A O   1 
ATOM   323  C  CB  . SER A 1 41  ? 8.713   -3.162  6.941   1.00 23.45 ? 41  SER A CB  1 
ATOM   324  O  OG  . SER A 1 41  ? 8.022   -2.055  7.484   1.00 27.83 ? 41  SER A OG  1 
ATOM   325  N  N   . ALA A 1 42  ? 9.136   -6.032  5.909   1.00 22.64 ? 42  ALA A N   1 
ATOM   326  C  CA  . ALA A 1 42  ? 9.975   -7.016  5.231   1.00 22.19 ? 42  ALA A CA  1 
ATOM   327  C  C   . ALA A 1 42  ? 9.238   -7.720  4.094   1.00 23.33 ? 42  ALA A C   1 
ATOM   328  O  O   . ALA A 1 42  ? 9.835   -8.049  3.070   1.00 28.66 ? 42  ALA A O   1 
ATOM   329  C  CB  . ALA A 1 42  ? 10.489  -8.031  6.230   1.00 20.64 ? 42  ALA A CB  1 
ATOM   330  N  N   . LEU A 1 43  ? 7.938   -7.934  4.272   1.00 22.13 ? 43  LEU A N   1 
ATOM   331  C  CA  . LEU A 1 43  ? 7.156   -8.720  3.319   1.00 16.57 ? 43  LEU A CA  1 
ATOM   332  C  C   . LEU A 1 43  ? 6.565   -7.876  2.192   1.00 27.15 ? 43  LEU A C   1 
ATOM   333  O  O   . LEU A 1 43  ? 6.049   -8.417  1.216   1.00 28.29 ? 43  LEU A O   1 
ATOM   334  C  CB  . LEU A 1 43  ? 6.032   -9.466  4.042   1.00 19.74 ? 43  LEU A CB  1 
ATOM   335  C  CG  . LEU A 1 43  ? 6.454   -10.533 5.056   1.00 22.45 ? 43  LEU A CG  1 
ATOM   336  C  CD1 . LEU A 1 43  ? 5.229   -11.112 5.749   1.00 27.64 ? 43  LEU A CD1 1 
ATOM   337  C  CD2 . LEU A 1 43  ? 7.267   -11.630 4.385   1.00 26.80 ? 43  LEU A CD2 1 
ATOM   338  N  N   . SER A 1 44  ? 6.646   -6.557  2.321   1.00 28.43 ? 44  SER A N   1 
ATOM   339  C  CA  . SER A 1 44  ? 5.993   -5.666  1.365   1.00 24.07 ? 44  SER A CA  1 
ATOM   340  C  C   . SER A 1 44  ? 6.976   -4.936  0.449   1.00 24.39 ? 44  SER A C   1 
ATOM   341  O  O   . SER A 1 44  ? 6.637   -3.921  -0.155  1.00 22.96 ? 44  SER A O   1 
ATOM   342  C  CB  . SER A 1 44  ? 5.109   -4.660  2.102   1.00 22.93 ? 44  SER A CB  1 
ATOM   343  O  OG  . SER A 1 44  ? 5.860   -3.928  3.051   1.00 25.71 ? 44  SER A OG  1 
ATOM   344  N  N   . GLU A 1 45  ? 8.194   -5.459  0.342   1.00 29.91 ? 45  GLU A N   1 
ATOM   345  C  CA  . GLU A 1 45  ? 9.212   -4.853  -0.511  1.00 27.08 ? 45  GLU A CA  1 
ATOM   346  C  C   . GLU A 1 45  ? 8.749   -4.742  -1.969  1.00 20.53 ? 45  GLU A C   1 
ATOM   347  O  O   . GLU A 1 45  ? 8.374   -5.738  -2.584  1.00 24.85 ? 45  GLU A O   1 
ATOM   348  C  CB  . GLU A 1 45  ? 10.513  -5.651  -0.418  1.00 37.67 ? 45  GLU A CB  1 
ATOM   349  C  CG  . GLU A 1 45  ? 11.687  -5.041  -1.156  1.00 31.92 ? 45  GLU A CG  1 
ATOM   350  C  CD  . GLU A 1 45  ? 12.984  -5.787  -0.890  1.00 71.35 ? 45  GLU A CD  1 
ATOM   351  O  OE1 . GLU A 1 45  ? 13.025  -6.593  0.065   1.00 58.33 ? 45  GLU A OE1 1 
ATOM   352  O  OE2 . GLU A 1 45  ? 13.961  -5.570  -1.638  1.00 74.12 ? 45  GLU A OE2 1 
ATOM   353  N  N   . GLY A 1 46  ? 8.759   -3.522  -2.502  1.00 23.41 ? 46  GLY A N   1 
ATOM   354  C  CA  . GLY A 1 46  ? 8.396   -3.273  -3.889  1.00 24.55 ? 46  GLY A CA  1 
ATOM   355  C  C   . GLY A 1 46  ? 6.909   -3.379  -4.181  1.00 24.18 ? 46  GLY A C   1 
ATOM   356  O  O   . GLY A 1 46  ? 6.492   -3.395  -5.339  1.00 22.12 ? 46  GLY A O   1 
ATOM   357  N  N   . ALA A 1 47  ? 6.102   -3.439  -3.129  1.00 20.72 ? 47  ALA A N   1 
ATOM   358  C  CA  . ALA A 1 47  ? 4.667   -3.675  -3.277  1.00 21.13 ? 47  ALA A CA  1 
ATOM   359  C  C   . ALA A 1 47  ? 3.915   -2.525  -3.952  1.00 22.11 ? 47  ALA A C   1 
ATOM   360  O  O   . ALA A 1 47  ? 4.213   -1.355  -3.724  1.00 23.57 ? 47  ALA A O   1 
ATOM   361  C  CB  . ALA A 1 47  ? 4.048   -3.975  -1.917  1.00 23.11 ? 47  ALA A CB  1 
ATOM   362  N  N   . THR A 1 48  ? 2.933   -2.865  -4.783  1.00 20.63 ? 48  THR A N   1 
ATOM   363  C  CA  . THR A 1 48  ? 1.978   -1.878  -5.281  1.00 18.75 ? 48  THR A CA  1 
ATOM   364  C  C   . THR A 1 48  ? 0.891   -1.719  -4.234  1.00 16.96 ? 48  THR A C   1 
ATOM   365  O  O   . THR A 1 48  ? 0.746   -2.571  -3.362  1.00 19.14 ? 48  THR A O   1 
ATOM   366  C  CB  . THR A 1 48  ? 1.281   -2.378  -6.551  1.00 16.68 ? 48  THR A CB  1 
ATOM   367  O  OG1 . THR A 1 48  ? 0.530   -3.558  -6.236  1.00 19.34 ? 48  THR A OG1 1 
ATOM   368  C  CG2 . THR A 1 48  ? 2.297   -2.692  -7.629  1.00 19.69 ? 48  THR A CG2 1 
ATOM   369  N  N   . PRO A 1 49  ? 0.109   -0.633  -4.318  1.00 19.48 ? 49  PRO A N   1 
ATOM   370  C  CA  . PRO A 1 49  ? -1.051  -0.531  -3.428  1.00 21.56 ? 49  PRO A CA  1 
ATOM   371  C  C   . PRO A 1 49  ? -1.975  -1.747  -3.552  1.00 22.80 ? 49  PRO A C   1 
ATOM   372  O  O   . PRO A 1 49  ? -2.535  -2.179  -2.549  1.00 19.79 ? 49  PRO A O   1 
ATOM   373  C  CB  . PRO A 1 49  ? -1.746  0.743   -3.913  1.00 18.42 ? 49  PRO A CB  1 
ATOM   374  C  CG  . PRO A 1 49  ? -0.622  1.584   -4.450  1.00 19.00 ? 49  PRO A CG  1 
ATOM   375  C  CD  . PRO A 1 49  ? 0.336   0.605   -5.082  1.00 20.91 ? 49  PRO A CD  1 
ATOM   376  N  N   . GLN A 1 50  ? -2.123  -2.300  -4.754  1.00 20.70 ? 50  GLN A N   1 
ATOM   377  C  CA  . GLN A 1 50  ? -2.921  -3.516  -4.912  1.00 20.65 ? 50  GLN A CA  1 
ATOM   378  C  C   . GLN A 1 50  ? -2.387  -4.665  -4.051  1.00 21.60 ? 50  GLN A C   1 
ATOM   379  O  O   . GLN A 1 50  ? -3.152  -5.342  -3.365  1.00 21.73 ? 50  GLN A O   1 
ATOM   380  C  CB  . GLN A 1 50  ? -2.987  -3.949  -6.374  1.00 21.52 ? 50  GLN A CB  1 
ATOM   381  C  CG  . GLN A 1 50  ? -3.873  -5.163  -6.594  1.00 24.87 ? 50  GLN A CG  1 
ATOM   382  C  CD  . GLN A 1 50  ? -3.697  -5.770  -7.969  1.00 39.51 ? 50  GLN A CD  1 
ATOM   383  O  OE1 . GLN A 1 50  ? -2.615  -6.243  -8.319  1.00 35.34 ? 50  GLN A OE1 1 
ATOM   384  N  NE2 . GLN A 1 50  ? -4.761  -5.755  -8.761  1.00 37.73 ? 50  GLN A NE2 1 
ATOM   385  N  N   . ASP A 1 51  ? -1.073  -4.880  -4.096  1.00 19.99 ? 51  ASP A N   1 
ATOM   386  C  CA  . ASP A 1 51  ? -0.439  -5.911  -3.281  1.00 18.13 ? 51  ASP A CA  1 
ATOM   387  C  C   . ASP A 1 51  ? -0.743  -5.698  -1.808  1.00 20.70 ? 51  ASP A C   1 
ATOM   388  O  O   . ASP A 1 51  ? -1.013  -6.643  -1.072  1.00 20.56 ? 51  ASP A O   1 
ATOM   389  C  CB  . ASP A 1 51  ? 1.077   -5.894  -3.463  1.00 19.01 ? 51  ASP A CB  1 
ATOM   390  C  CG  . ASP A 1 51  ? 1.509   -6.308  -4.846  1.00 23.16 ? 51  ASP A CG  1 
ATOM   391  O  OD1 . ASP A 1 51  ? 0.792   -7.101  -5.494  1.00 24.52 ? 51  ASP A OD1 1 
ATOM   392  O  OD2 . ASP A 1 51  ? 2.579   -5.839  -5.280  1.00 20.92 ? 51  ASP A OD2 1 
ATOM   393  N  N   . LEU A 1 52  ? -0.670  -4.447  -1.374  1.00 19.45 ? 52  LEU A N   1 
ATOM   394  C  CA  . LEU A 1 52  ? -0.867  -4.120  0.029   1.00 17.20 ? 52  LEU A CA  1 
ATOM   395  C  C   . LEU A 1 52  ? -2.301  -4.415  0.450   1.00 24.11 ? 52  LEU A C   1 
ATOM   396  O  O   . LEU A 1 52  ? -2.551  -4.928  1.541   1.00 21.44 ? 52  LEU A O   1 
ATOM   397  C  CB  . LEU A 1 52  ? -0.512  -2.654  0.282   1.00 19.54 ? 52  LEU A CB  1 
ATOM   398  C  CG  . LEU A 1 52  ? 0.972   -2.339  0.089   1.00 17.39 ? 52  LEU A CG  1 
ATOM   399  C  CD1 . LEU A 1 52  ? 1.204   -0.832  0.067   1.00 21.76 ? 52  LEU A CD1 1 
ATOM   400  C  CD2 . LEU A 1 52  ? 1.804   -3.020  1.173   1.00 21.99 ? 52  LEU A CD2 1 
ATOM   401  N  N   . ASN A 1 53  ? -3.249  -4.105  -0.426  1.00 20.81 ? 53  ASN A N   1 
ATOM   402  C  CA  . ASN A 1 53  ? -4.642  -4.422  -0.144  1.00 21.00 ? 53  ASN A CA  1 
ATOM   403  C  C   . ASN A 1 53  ? -4.892  -5.924  -0.072  1.00 21.05 ? 53  ASN A C   1 
ATOM   404  O  O   . ASN A 1 53  ? -5.676  -6.390  0.752   1.00 23.90 ? 53  ASN A O   1 
ATOM   405  C  CB  . ASN A 1 53  ? -5.563  -3.763  -1.166  1.00 25.47 ? 53  ASN A CB  1 
ATOM   406  C  CG  . ASN A 1 53  ? -5.687  -2.274  -0.943  1.00 22.62 ? 53  ASN A CG  1 
ATOM   407  O  OD1 . ASN A 1 53  ? -5.609  -1.808  0.191   1.00 22.82 ? 53  ASN A OD1 1 
ATOM   408  N  ND2 . ASN A 1 53  ? -5.865  -1.517  -2.021  1.00 19.87 ? 53  ASN A ND2 1 
ATOM   409  N  N   . THR A 1 54  ? -4.224  -6.682  -0.931  1.00 22.16 ? 54  THR A N   1 
ATOM   410  C  CA  . THR A 1 54  ? -4.327  -8.136  -0.871  1.00 23.11 ? 54  THR A CA  1 
ATOM   411  C  C   . THR A 1 54  ? -3.829  -8.635  0.483   1.00 20.96 ? 54  THR A C   1 
ATOM   412  O  O   . THR A 1 54  ? -4.460  -9.482  1.111   1.00 25.22 ? 54  THR A O   1 
ATOM   413  C  CB  . THR A 1 54  ? -3.540  -8.801  -2.006  1.00 22.74 ? 54  THR A CB  1 
ATOM   414  O  OG1 . THR A 1 54  ? -3.993  -8.274  -3.255  1.00 25.12 ? 54  THR A OG1 1 
ATOM   415  C  CG2 . THR A 1 54  ? -3.741  -10.316 -1.995  1.00 23.17 ? 54  THR A CG2 1 
ATOM   416  N  N   . MET A 1 55  ? -2.703  -8.094  0.937   1.00 20.72 ? 55  MET A N   1 
ATOM   417  C  CA  . MET A 1 55  ? -2.168  -8.462  2.241   1.00 23.39 ? 55  MET A CA  1 
ATOM   418  C  C   . MET A 1 55  ? -3.175  -8.160  3.346   1.00 24.06 ? 55  MET A C   1 
ATOM   419  O  O   . MET A 1 55  ? -3.452  -9.008  4.195   1.00 24.22 ? 55  MET A O   1 
ATOM   420  C  CB  . MET A 1 55  ? -0.859  -7.722  2.521   1.00 20.07 ? 55  MET A CB  1 
ATOM   421  C  CG  . MET A 1 55  ? 0.284   -8.112  1.616   1.00 22.78 ? 55  MET A CG  1 
ATOM   422  S  SD  . MET A 1 55  ? 1.775   -7.168  1.986   1.00 25.60 ? 55  MET A SD  1 
ATOM   423  C  CE  . MET A 1 55  ? 2.260   -7.888  3.557   1.00 26.31 ? 55  MET A CE  1 
ATOM   424  N  N   . LEU A 1 56  ? -3.712  -6.946  3.335   1.00 26.44 ? 56  LEU A N   1 
ATOM   425  C  CA  . LEU A 1 56  ? -4.658  -6.530  4.362   1.00 21.78 ? 56  LEU A CA  1 
ATOM   426  C  C   . LEU A 1 56  ? -5.957  -7.338  4.311   1.00 28.14 ? 56  LEU A C   1 
ATOM   427  O  O   . LEU A 1 56  ? -6.543  -7.640  5.349   1.00 28.07 ? 56  LEU A O   1 
ATOM   428  C  CB  . LEU A 1 56  ? -4.938  -5.028  4.273   1.00 26.56 ? 56  LEU A CB  1 
ATOM   429  C  CG  . LEU A 1 56  ? -3.709  -4.132  4.499   1.00 28.59 ? 56  LEU A CG  1 
ATOM   430  C  CD1 . LEU A 1 56  ? -4.083  -2.660  4.457   1.00 30.04 ? 56  LEU A CD1 1 
ATOM   431  C  CD2 . LEU A 1 56  ? -3.019  -4.478  5.815   1.00 27.38 ? 56  LEU A CD2 1 
ATOM   432  N  N   . ASN A 1 57  ? -6.396  -7.706  3.111   1.00 25.11 ? 57  ASN A N   1 
ATOM   433  C  CA  . ASN A 1 57  ? -7.603  -8.522  2.975   1.00 25.64 ? 57  ASN A CA  1 
ATOM   434  C  C   . ASN A 1 57  ? -7.488  -9.884  3.665   1.00 34.82 ? 57  ASN A C   1 
ATOM   435  O  O   . ASN A 1 57  ? -8.455  -10.374 4.251   1.00 33.08 ? 57  ASN A O   1 
ATOM   436  C  CB  . ASN A 1 57  ? -7.970  -8.728  1.502   1.00 23.43 ? 57  ASN A CB  1 
ATOM   437  C  CG  . ASN A 1 57  ? -8.434  -7.452  0.829   1.00 39.31 ? 57  ASN A CG  1 
ATOM   438  O  OD1 . ASN A 1 57  ? -8.883  -6.511  1.488   1.00 36.97 ? 57  ASN A OD1 1 
ATOM   439  N  ND2 . ASN A 1 57  ? -8.331  -7.415  -0.493  1.00 28.86 ? 57  ASN A ND2 1 
ATOM   440  N  N   . THR A 1 58  ? -6.306  -10.492 3.596   1.00 33.20 ? 58  THR A N   1 
ATOM   441  C  CA  . THR A 1 58  ? -6.103  -11.833 4.146   1.00 28.65 ? 58  THR A CA  1 
ATOM   442  C  C   . THR A 1 58  ? -6.273  -11.874 5.664   1.00 37.17 ? 58  THR A C   1 
ATOM   443  O  O   . THR A 1 58  ? -6.389  -12.951 6.252   1.00 36.07 ? 58  THR A O   1 
ATOM   444  C  CB  . THR A 1 58  ? -4.711  -12.405 3.793   1.00 31.10 ? 58  THR A CB  1 
ATOM   445  O  OG1 . THR A 1 58  ? -3.694  -11.679 4.496   1.00 36.88 ? 58  THR A OG1 1 
ATOM   446  C  CG2 . THR A 1 58  ? -4.456  -12.335 2.299   1.00 30.44 ? 58  THR A CG2 1 
ATOM   447  N  N   . VAL A 1 59  ? -6.276  -10.704 6.296   1.00 34.77 ? 59  VAL A N   1 
ATOM   448  C  CA  . VAL A 1 59  ? -6.469  -10.627 7.742   1.00 31.93 ? 59  VAL A CA  1 
ATOM   449  C  C   . VAL A 1 59  ? -7.707  -9.806  8.096   1.00 31.89 ? 59  VAL A C   1 
ATOM   450  O  O   . VAL A 1 59  ? -7.763  -9.163  9.145   1.00 36.99 ? 59  VAL A O   1 
ATOM   451  C  CB  . VAL A 1 59  ? -5.231  -10.040 8.461   1.00 35.84 ? 59  VAL A CB  1 
ATOM   452  C  CG1 . VAL A 1 59  ? -4.015  -10.919 8.225   1.00 28.48 ? 59  VAL A CG1 1 
ATOM   453  C  CG2 . VAL A 1 59  ? -4.962  -8.613  7.996   1.00 33.89 ? 59  VAL A CG2 1 
ATOM   454  N  N   . GLY A 1 60  ? -8.701  -9.837  7.214   1.00 28.36 ? 60  GLY A N   1 
ATOM   455  C  CA  . GLY A 1 60  ? -9.938  -9.108  7.427   1.00 29.55 ? 60  GLY A CA  1 
ATOM   456  C  C   . GLY A 1 60  ? -10.759 -9.650  8.583   1.00 43.99 ? 60  GLY A C   1 
ATOM   457  O  O   . GLY A 1 60  ? -11.718 -9.014  9.020   1.00 41.53 ? 60  GLY A O   1 
ATOM   458  N  N   . GLY A 1 61  ? -10.379 -10.825 9.078   1.00 40.12 ? 61  GLY A N   1 
ATOM   459  C  CA  . GLY A 1 61  ? -11.069 -11.457 10.190  1.00 34.68 ? 61  GLY A CA  1 
ATOM   460  C  C   . GLY A 1 61  ? -11.011 -10.639 11.465  1.00 47.87 ? 61  GLY A C   1 
ATOM   461  O  O   . GLY A 1 61  ? -11.931 -10.679 12.281  1.00 41.57 ? 61  GLY A O   1 
ATOM   462  N  N   . HIS A 1 62  ? -9.919  -9.903  11.642  1.00 30.44 ? 62  HIS A N   1 
ATOM   463  C  CA  . HIS A 1 62  ? -9.771  -9.016  12.787  1.00 34.47 ? 62  HIS A CA  1 
ATOM   464  C  C   . HIS A 1 62  ? -10.470 -7.695  12.477  1.00 32.93 ? 62  HIS A C   1 
ATOM   465  O  O   . HIS A 1 62  ? -9.835  -6.722  12.068  1.00 28.33 ? 62  HIS A O   1 
ATOM   466  C  CB  . HIS A 1 62  ? -8.289  -8.799  13.100  1.00 35.25 ? 62  HIS A CB  1 
ATOM   467  C  CG  . HIS A 1 62  ? -7.527  -10.071 13.309  1.00 35.07 ? 62  HIS A CG  1 
ATOM   468  N  ND1 . HIS A 1 62  ? -7.162  -10.900 12.270  1.00 43.64 ? 62  HIS A ND1 1 
ATOM   469  C  CD2 . HIS A 1 62  ? -7.071  -10.663 14.438  1.00 32.22 ? 62  HIS A CD2 1 
ATOM   470  C  CE1 . HIS A 1 62  ? -6.509  -11.943 12.749  1.00 31.82 ? 62  HIS A CE1 1 
ATOM   471  N  NE2 . HIS A 1 62  ? -6.439  -11.824 14.062  1.00 36.41 ? 62  HIS A NE2 1 
ATOM   472  N  N   . GLN A 1 63  ? -11.785 -7.676  12.668  1.00 27.87 ? 63  GLN A N   1 
ATOM   473  C  CA  . GLN A 1 63  ? -12.613 -6.567  12.204  1.00 28.71 ? 63  GLN A CA  1 
ATOM   474  C  C   . GLN A 1 63  ? -12.278 -5.234  12.861  1.00 23.51 ? 63  GLN A C   1 
ATOM   475  O  O   . GLN A 1 63  ? -12.234 -4.206  12.192  1.00 25.58 ? 63  GLN A O   1 
ATOM   476  C  CB  . GLN A 1 63  ? -14.099 -6.883  12.394  1.00 28.56 ? 63  GLN A CB  1 
ATOM   477  C  CG  . GLN A 1 63  ? -14.608 -8.033  11.544  1.00 32.10 ? 63  GLN A CG  1 
ATOM   478  C  CD  . GLN A 1 63  ? -16.066 -8.346  11.819  1.00 40.63 ? 63  GLN A CD  1 
ATOM   479  O  OE1 . GLN A 1 63  ? -16.588 -8.026  12.886  1.00 40.89 ? 63  GLN A OE1 1 
ATOM   480  N  NE2 . GLN A 1 63  ? -16.732 -8.968  10.854  1.00 54.08 ? 63  GLN A NE2 1 
ATOM   481  N  N   . ALA A 1 64  ? -12.056 -5.240  14.171  1.00 20.40 ? 64  ALA A N   1 
ATOM   482  C  CA  . ALA A 1 64  ? -11.789 -3.986  14.866  1.00 22.65 ? 64  ALA A CA  1 
ATOM   483  C  C   . ALA A 1 64  ? -10.469 -3.379  14.393  1.00 22.66 ? 64  ALA A C   1 
ATOM   484  O  O   . ALA A 1 64  ? -10.373 -2.171  14.160  1.00 26.52 ? 64  ALA A O   1 
ATOM   485  C  CB  . ALA A 1 64  ? -11.772 -4.198  16.368  1.00 23.49 ? 64  ALA A CB  1 
ATOM   486  N  N   . ALA A 1 65  ? -9.454  -4.225  14.261  1.00 26.09 ? 65  ALA A N   1 
ATOM   487  C  CA  . ALA A 1 65  ? -8.147  -3.782  13.796  1.00 26.73 ? 65  ALA A CA  1 
ATOM   488  C  C   . ALA A 1 65  ? -8.244  -3.270  12.366  1.00 27.83 ? 65  ALA A C   1 
ATOM   489  O  O   . ALA A 1 65  ? -7.667  -2.236  12.027  1.00 27.41 ? 65  ALA A O   1 
ATOM   490  C  CB  . ALA A 1 65  ? -7.136  -4.916  13.889  1.00 25.94 ? 65  ALA A CB  1 
ATOM   491  N  N   . MET A 1 66  ? -8.985  -3.990  11.528  1.00 23.23 ? 66  MET A N   1 
ATOM   492  C  CA  . MET A 1 66  ? -9.120  -3.602  10.128  1.00 27.63 ? 66  MET A CA  1 
ATOM   493  C  C   . MET A 1 66  ? -9.850  -2.276  9.956   1.00 28.51 ? 66  MET A C   1 
ATOM   494  O  O   . MET A 1 66  ? -9.537  -1.503  9.050   1.00 26.45 ? 66  MET A O   1 
ATOM   495  C  CB  . MET A 1 66  ? -9.804  -4.704  9.316   1.00 30.38 ? 66  MET A CB  1 
ATOM   496  C  CG  . MET A 1 66  ? -8.923  -5.916  9.061   1.00 33.69 ? 66  MET A CG  1 
ATOM   497  S  SD  . MET A 1 66  ? -7.325  -5.491  8.334   1.00 40.00 ? 66  MET A SD  1 
ATOM   498  C  CE  . MET A 1 66  ? -6.263  -5.531  9.776   1.00 31.26 ? 66  MET A CE  1 
ATOM   499  N  N   . GLN A 1 67  ? -10.825 -2.008  10.818  1.00 24.52 ? 67  GLN A N   1 
ATOM   500  C  CA  . GLN A 1 67  ? -11.532 -0.735  10.758  1.00 25.64 ? 67  GLN A CA  1 
ATOM   501  C  C   . GLN A 1 67  ? -10.624 0.405   11.202  1.00 19.95 ? 67  GLN A C   1 
ATOM   502  O  O   . GLN A 1 67  ? -10.651 1.485   10.611  1.00 23.34 ? 67  GLN A O   1 
ATOM   503  C  CB  . GLN A 1 67  ? -12.817 -0.768  11.587  1.00 28.18 ? 67  GLN A CB  1 
ATOM   504  C  CG  . GLN A 1 67  ? -13.928 -1.581  10.946  1.00 38.33 ? 67  GLN A CG  1 
ATOM   505  C  CD  . GLN A 1 67  ? -14.242 -1.126  9.528   1.00 46.10 ? 67  GLN A CD  1 
ATOM   506  O  OE1 . GLN A 1 67  ? -14.332 0.072   9.253   1.00 37.90 ? 67  GLN A OE1 1 
ATOM   507  N  NE2 . GLN A 1 67  ? -14.404 -2.085  8.621   1.00 41.48 ? 67  GLN A NE2 1 
ATOM   508  N  N   . MET A 1 68  ? -9.814  0.160   12.230  1.00 26.53 ? 68  MET A N   1 
ATOM   509  C  CA  . MET A 1 68  ? -8.838  1.154   12.672  1.00 25.16 ? 68  MET A CA  1 
ATOM   510  C  C   . MET A 1 68  ? -7.885  1.476   11.529  1.00 22.22 ? 68  MET A C   1 
ATOM   511  O  O   . MET A 1 68  ? -7.543  2.638   11.294  1.00 22.39 ? 68  MET A O   1 
ATOM   512  C  CB  . MET A 1 68  ? -8.054  0.667   13.900  1.00 24.31 ? 68  MET A CB  1 
ATOM   513  C  CG  . MET A 1 68  ? -6.900  1.592   14.303  1.00 26.93 ? 68  MET A CG  1 
ATOM   514  S  SD  . MET A 1 68  ? -6.089  1.173   15.874  1.00 29.68 ? 68  MET A SD  1 
ATOM   515  C  CE  . MET A 1 68  ? -7.273  1.815   17.046  1.00 28.60 ? 68  MET A CE  1 
ATOM   516  N  N   . LEU A 1 69  ? -7.469  0.439   10.810  1.00 21.86 ? 69  LEU A N   1 
ATOM   517  C  CA  . LEU A 1 69  ? -6.570  0.614   9.679   1.00 22.52 ? 69  LEU A CA  1 
ATOM   518  C  C   . LEU A 1 69  ? -7.228  1.448   8.587   1.00 21.95 ? 69  LEU A C   1 
ATOM   519  O  O   . LEU A 1 69  ? -6.632  2.401   8.081   1.00 21.35 ? 69  LEU A O   1 
ATOM   520  C  CB  . LEU A 1 69  ? -6.118  -0.742  9.121   1.00 26.36 ? 69  LEU A CB  1 
ATOM   521  C  CG  . LEU A 1 69  ? -4.620  -1.039  9.226   1.00 32.04 ? 69  LEU A CG  1 
ATOM   522  C  CD1 . LEU A 1 69  ? -4.300  -2.390  8.612   1.00 40.03 ? 69  LEU A CD1 1 
ATOM   523  C  CD2 . LEU A 1 69  ? -3.797  0.066   8.564   1.00 22.88 ? 69  LEU A CD2 1 
ATOM   524  N  N   . LYS A 1 70  ? -8.458  1.091   8.225   1.00 24.14 ? 70  LYS A N   1 
ATOM   525  C  CA  . LYS A 1 70  ? -9.169  1.810   7.173   1.00 23.12 ? 70  LYS A CA  1 
ATOM   526  C  C   . LYS A 1 70  ? -9.343  3.292   7.503   1.00 22.96 ? 70  LYS A C   1 
ATOM   527  O  O   . LYS A 1 70  ? -9.225  4.146   6.627   1.00 22.39 ? 70  LYS A O   1 
ATOM   528  C  CB  . LYS A 1 70  ? -10.527 1.164   6.887   1.00 25.02 ? 70  LYS A CB  1 
ATOM   529  C  CG  . LYS A 1 70  ? -10.438 -0.153  6.137   1.00 34.68 ? 70  LYS A CG  1 
ATOM   530  C  CD  . LYS A 1 70  ? -11.814 -0.753  5.891   1.00 38.13 ? 70  LYS A CD  1 
ATOM   531  C  CE  . LYS A 1 70  ? -11.704 -2.153  5.309   1.00 45.98 ? 70  LYS A CE  1 
ATOM   532  N  NZ  . LYS A 1 70  ? -13.023 -2.844  5.273   1.00 54.53 ? 70  LYS A NZ  1 
ATOM   533  N  N   . GLU A 1 71  ? -9.623  3.597   8.767   1.00 20.21 ? 71  GLU A N   1 
ATOM   534  C  CA  . GLU A 1 71  ? -9.828  4.985   9.172   1.00 21.98 ? 71  GLU A CA  1 
ATOM   535  C  C   . GLU A 1 71  ? -8.522  5.777   9.159   1.00 23.45 ? 71  GLU A C   1 
ATOM   536  O  O   . GLU A 1 71  ? -8.499  6.945   8.767   1.00 23.80 ? 71  GLU A O   1 
ATOM   537  C  CB  . GLU A 1 71  ? -10.493 5.060   10.549  1.00 20.66 ? 71  GLU A CB  1 
ATOM   538  C  CG  . GLU A 1 71  ? -11.873 4.415   10.597  1.00 27.12 ? 71  GLU A CG  1 
ATOM   539  C  CD  . GLU A 1 71  ? -12.866 5.063   9.647   1.00 28.61 ? 71  GLU A CD  1 
ATOM   540  O  OE1 . GLU A 1 71  ? -12.546 6.123   9.070   1.00 39.24 ? 71  GLU A OE1 1 
ATOM   541  O  OE2 . GLU A 1 71  ? -13.974 4.511   9.480   1.00 36.93 ? 71  GLU A OE2 1 
ATOM   542  N  N   . THR A 1 72  ? -7.438  5.137   9.583   1.00 19.75 ? 72  THR A N   1 
ATOM   543  C  CA  . THR A 1 72  ? -6.120  5.760   9.527   1.00 17.36 ? 72  THR A CA  1 
ATOM   544  C  C   . THR A 1 72  ? -5.778  6.092   8.081   1.00 25.04 ? 72  THR A C   1 
ATOM   545  O  O   . THR A 1 72  ? -5.269  7.168   7.774   1.00 20.56 ? 72  THR A O   1 
ATOM   546  C  CB  . THR A 1 72  ? -5.037  4.844   10.121  1.00 20.92 ? 72  THR A CB  1 
ATOM   547  O  OG1 . THR A 1 72  ? -5.336  4.581   11.498  1.00 24.27 ? 72  THR A OG1 1 
ATOM   548  C  CG2 . THR A 1 72  ? -3.674  5.497   10.033  1.00 20.79 ? 72  THR A CG2 1 
ATOM   549  N  N   . ILE A 1 73  ? -6.078  5.158   7.188   1.00 21.34 ? 73  ILE A N   1 
ATOM   550  C  CA  . ILE A 1 73  ? -5.819  5.355   5.771   1.00 22.85 ? 73  ILE A CA  1 
ATOM   551  C  C   . ILE A 1 73  ? -6.641  6.521   5.225   1.00 22.05 ? 73  ILE A C   1 
ATOM   552  O  O   . ILE A 1 73  ? -6.136  7.345   4.462   1.00 23.92 ? 73  ILE A O   1 
ATOM   553  C  CB  . ILE A 1 73  ? -6.094  4.064   4.992   1.00 21.23 ? 73  ILE A CB  1 
ATOM   554  C  CG1 . ILE A 1 73  ? -5.024  3.024   5.337   1.00 18.87 ? 73  ILE A CG1 1 
ATOM   555  C  CG2 . ILE A 1 73  ? -6.135  4.332   3.498   1.00 24.26 ? 73  ILE A CG2 1 
ATOM   556  C  CD1 . ILE A 1 73  ? -5.347  1.623   4.860   1.00 18.86 ? 73  ILE A CD1 1 
ATOM   557  N  N   . ASN A 1 74  ? -7.904  6.603   5.636   1.00 22.40 ? 74  ASN A N   1 
ATOM   558  C  CA  . ASN A 1 74  ? -8.759  7.718   5.241   1.00 21.25 ? 74  ASN A CA  1 
ATOM   559  C  C   . ASN A 1 74  ? -8.190  9.061   5.686   1.00 21.02 ? 74  ASN A C   1 
ATOM   560  O  O   . ASN A 1 74  ? -8.169  10.019  4.918   1.00 19.82 ? 74  ASN A O   1 
ATOM   561  C  CB  . ASN A 1 74  ? -10.178 7.541   5.794   1.00 24.09 ? 74  ASN A CB  1 
ATOM   562  C  CG  . ASN A 1 74  ? -10.947 6.446   5.083   1.00 33.42 ? 74  ASN A CG  1 
ATOM   563  O  OD1 . ASN A 1 74  ? -10.588 6.039   3.977   1.00 29.96 ? 74  ASN A OD1 1 
ATOM   564  N  ND2 . ASN A 1 74  ? -12.017 5.971   5.710   1.00 25.56 ? 74  ASN A ND2 1 
ATOM   565  N  N   . GLU A 1 75  ? -7.725  9.126   6.927   1.00 20.71 ? 75  GLU A N   1 
ATOM   566  C  CA  . GLU A 1 75  ? -7.137  10.352  7.447   1.00 23.52 ? 75  GLU A CA  1 
ATOM   567  C  C   . GLU A 1 75  ? -5.868  10.737  6.695   1.00 21.46 ? 75  GLU A C   1 
ATOM   568  O  O   . GLU A 1 75  ? -5.698  11.891  6.305   1.00 20.19 ? 75  GLU A O   1 
ATOM   569  C  CB  . GLU A 1 75  ? -6.855  10.211  8.940   1.00 23.30 ? 75  GLU A CB  1 
ATOM   570  C  CG  . GLU A 1 75  ? -8.112  10.016  9.761   1.00 22.91 ? 75  GLU A CG  1 
ATOM   571  C  CD  . GLU A 1 75  ? -7.815  9.713   11.215  1.00 44.13 ? 75  GLU A CD  1 
ATOM   572  O  OE1 . GLU A 1 75  ? -6.627  9.520   11.549  1.00 43.28 ? 75  GLU A OE1 1 
ATOM   573  O  OE2 . GLU A 1 75  ? -8.769  9.667   12.021  1.00 31.87 ? 75  GLU A OE2 1 
ATOM   574  N  N   . GLU A 1 76  ? -4.979  9.772   6.487   1.00 21.31 ? 76  GLU A N   1 
ATOM   575  C  CA  . GLU A 1 76  ? -3.742  10.041  5.760   1.00 19.11 ? 76  GLU A CA  1 
ATOM   576  C  C   . GLU A 1 76  ? -4.037  10.442  4.319   1.00 23.49 ? 76  GLU A C   1 
ATOM   577  O  O   . GLU A 1 76  ? -3.380  11.325  3.770   1.00 23.32 ? 76  GLU A O   1 
ATOM   578  C  CB  . GLU A 1 76  ? -2.802  8.835   5.804   1.00 18.59 ? 76  GLU A CB  1 
ATOM   579  C  CG  . GLU A 1 76  ? -2.247  8.549   7.189   1.00 20.84 ? 76  GLU A CG  1 
ATOM   580  C  CD  . GLU A 1 76  ? -1.568  9.759   7.800   1.00 32.95 ? 76  GLU A CD  1 
ATOM   581  O  OE1 . GLU A 1 76  ? -0.648  10.311  7.161   1.00 26.51 ? 76  GLU A OE1 1 
ATOM   582  O  OE2 . GLU A 1 76  ? -1.962  10.161  8.915   1.00 31.30 ? 76  GLU A OE2 1 
ATOM   583  N  N   . ALA A 1 77  ? -5.027  9.794   3.711   1.00 21.10 ? 77  ALA A N   1 
ATOM   584  C  CA  . ALA A 1 77  ? -5.427  10.127  2.346   1.00 20.01 ? 77  ALA A CA  1 
ATOM   585  C  C   . ALA A 1 77  ? -5.943  11.559  2.256   1.00 24.25 ? 77  ALA A C   1 
ATOM   586  O  O   . ALA A 1 77  ? -5.635  12.283  1.310   1.00 21.01 ? 77  ALA A O   1 
ATOM   587  C  CB  . ALA A 1 77  ? -6.479  9.143   1.833   1.00 21.39 ? 77  ALA A CB  1 
ATOM   588  N  N   . ALA A 1 78  ? -6.733  11.967  3.244   1.00 25.19 ? 78  ALA A N   1 
ATOM   589  C  CA  . ALA A 1 78  ? -7.251  13.331  3.282   1.00 22.06 ? 78  ALA A CA  1 
ATOM   590  C  C   . ALA A 1 78  ? -6.117  14.339  3.400   1.00 24.05 ? 78  ALA A C   1 
ATOM   591  O  O   . ALA A 1 78  ? -6.126  15.375  2.733   1.00 23.87 ? 78  ALA A O   1 
ATOM   592  C  CB  . ALA A 1 78  ? -8.225  13.497  4.431   1.00 21.18 ? 78  ALA A CB  1 
ATOM   593  N  N   . GLU A 1 79  ? -5.139  14.030  4.247   1.00 23.51 ? 79  GLU A N   1 
ATOM   594  C  CA  . GLU A 1 79  ? -3.993  14.914  4.423   1.00 24.24 ? 79  GLU A CA  1 
ATOM   595  C  C   . GLU A 1 79  ? -3.169  14.975  3.140   1.00 22.09 ? 79  GLU A C   1 
ATOM   596  O  O   . GLU A 1 79  ? -2.650  16.030  2.782   1.00 20.77 ? 79  GLU A O   1 
ATOM   597  C  CB  . GLU A 1 79  ? -3.125  14.462  5.598   1.00 26.81 ? 79  GLU A CB  1 
ATOM   598  C  CG  . GLU A 1 79  ? -1.876  15.309  5.807   1.00 24.15 ? 79  GLU A CG  1 
ATOM   599  C  CD  . GLU A 1 79  ? -2.181  16.709  6.310   1.00 24.87 ? 79  GLU A CD  1 
ATOM   600  O  OE1 . GLU A 1 79  ? -3.367  17.026  6.528   1.00 25.89 ? 79  GLU A OE1 1 
ATOM   601  O  OE2 . GLU A 1 79  ? -1.228  17.496  6.484   1.00 33.15 ? 79  GLU A OE2 1 
ATOM   602  N  N   . TRP A 1 80  ? -3.054  13.842  2.449   1.00 18.44 ? 80  TRP A N   1 
ATOM   603  C  CA  . TRP A 1 80  ? -2.395  13.823  1.150   1.00 20.90 ? 80  TRP A CA  1 
ATOM   604  C  C   . TRP A 1 80  ? -3.117  14.769  0.195   1.00 22.26 ? 80  TRP A C   1 
ATOM   605  O  O   . TRP A 1 80  ? -2.490  15.558  -0.515  1.00 22.74 ? 80  TRP A O   1 
ATOM   606  C  CB  . TRP A 1 80  ? -2.354  12.408  0.553   1.00 18.96 ? 80  TRP A CB  1 
ATOM   607  C  CG  . TRP A 1 80  ? -1.846  12.416  -0.855  1.00 22.35 ? 80  TRP A CG  1 
ATOM   608  C  CD1 . TRP A 1 80  ? -2.587  12.570  -1.994  1.00 21.72 ? 80  TRP A CD1 1 
ATOM   609  C  CD2 . TRP A 1 80  ? -0.481  12.312  -1.276  1.00 18.44 ? 80  TRP A CD2 1 
ATOM   610  N  NE1 . TRP A 1 80  ? -1.769  12.554  -3.096  1.00 20.56 ? 80  TRP A NE1 1 
ATOM   611  C  CE2 . TRP A 1 80  ? -0.471  12.395  -2.684  1.00 21.28 ? 80  TRP A CE2 1 
ATOM   612  C  CE3 . TRP A 1 80  ? 0.732   12.138  -0.604  1.00 21.18 ? 80  TRP A CE3 1 
ATOM   613  C  CZ2 . TRP A 1 80  ? 0.705   12.316  -3.429  1.00 22.68 ? 80  TRP A CZ2 1 
ATOM   614  C  CZ3 . TRP A 1 80  ? 1.900   12.061  -1.344  1.00 22.43 ? 80  TRP A CZ3 1 
ATOM   615  C  CH2 . TRP A 1 80  ? 1.877   12.148  -2.742  1.00 20.80 ? 80  TRP A CH2 1 
ATOM   616  N  N   . ASP A 1 81  ? -4.443  14.699  0.189   1.00 19.38 ? 81  ASP A N   1 
ATOM   617  C  CA  . ASP A 1 81  ? -5.232  15.535  -0.710  1.00 20.94 ? 81  ASP A CA  1 
ATOM   618  C  C   . ASP A 1 81  ? -5.099  17.014  -0.353  1.00 19.52 ? 81  ASP A C   1 
ATOM   619  O  O   . ASP A 1 81  ? -5.142  17.881  -1.225  1.00 23.41 ? 81  ASP A O   1 
ATOM   620  C  CB  . ASP A 1 81  ? -6.704  15.109  -0.698  1.00 20.39 ? 81  ASP A CB  1 
ATOM   621  C  CG  . ASP A 1 81  ? -6.931  13.763  -1.363  1.00 26.37 ? 81  ASP A CG  1 
ATOM   622  O  OD1 . ASP A 1 81  ? -6.089  13.346  -2.187  1.00 25.94 ? 81  ASP A OD1 1 
ATOM   623  O  OD2 . ASP A 1 81  ? -7.964  13.131  -1.068  1.00 24.55 ? 81  ASP A OD2 1 
ATOM   624  N  N   . ARG A 1 82  ? -4.933  17.300  0.933   1.00 19.49 ? 82  ARG A N   1 
ATOM   625  C  CA  . ARG A 1 82  ? -4.772  18.682  1.366   1.00 21.14 ? 82  ARG A CA  1 
ATOM   626  C  C   . ARG A 1 82  ? -3.447  19.260  0.870   1.00 24.83 ? 82  ARG A C   1 
ATOM   627  O  O   . ARG A 1 82  ? -3.390  20.402  0.407   1.00 24.76 ? 82  ARG A O   1 
ATOM   628  C  CB  . ARG A 1 82  ? -4.847  18.782  2.887   1.00 23.96 ? 82  ARG A CB  1 
ATOM   629  C  CG  . ARG A 1 82  ? -4.857  20.216  3.391   1.00 20.07 ? 82  ARG A CG  1 
ATOM   630  C  CD  . ARG A 1 82  ? -4.871  20.272  4.904   1.00 23.17 ? 82  ARG A CD  1 
ATOM   631  N  NE  . ARG A 1 82  ? -3.578  19.901  5.471   1.00 24.94 ? 82  ARG A NE  1 
ATOM   632  C  CZ  . ARG A 1 82  ? -2.542  20.728  5.567   1.00 35.04 ? 82  ARG A CZ  1 
ATOM   633  N  NH1 . ARG A 1 82  ? -2.641  21.975  5.122   1.00 25.18 ? 82  ARG A NH1 1 
ATOM   634  N  NH2 . ARG A 1 82  ? -1.404  20.309  6.099   1.00 29.04 ? 82  ARG A NH2 1 
ATOM   635  N  N   . LEU A 1 83  ? -2.390  18.459  0.962   1.00 21.31 ? 83  LEU A N   1 
ATOM   636  C  CA  . LEU A 1 83  ? -1.045  18.901  0.606   1.00 19.94 ? 83  LEU A CA  1 
ATOM   637  C  C   . LEU A 1 83  ? -0.748  18.773  -0.884  1.00 23.15 ? 83  LEU A C   1 
ATOM   638  O  O   . LEU A 1 83  ? 0.056   19.533  -1.428  1.00 20.86 ? 83  LEU A O   1 
ATOM   639  C  CB  . LEU A 1 83  ? -0.006  18.111  1.399   1.00 24.02 ? 83  LEU A CB  1 
ATOM   640  C  CG  . LEU A 1 83  ? -0.012  18.356  2.907   1.00 23.84 ? 83  LEU A CG  1 
ATOM   641  C  CD1 . LEU A 1 83  ? 1.004   17.464  3.594   1.00 28.56 ? 83  LEU A CD1 1 
ATOM   642  C  CD2 . LEU A 1 83  ? 0.268   19.817  3.203   1.00 28.65 ? 83  LEU A CD2 1 
ATOM   643  N  N   . HIS A 1 84  ? -1.388  17.808  -1.536  1.00 21.84 ? 84  HIS A N   1 
ATOM   644  C  CA  . HIS A 1 84  ? -1.129  17.528  -2.946  1.00 20.33 ? 84  HIS A CA  1 
ATOM   645  C  C   . HIS A 1 84  ? -2.422  17.463  -3.756  1.00 22.75 ? 84  HIS A C   1 
ATOM   646  O  O   . HIS A 1 84  ? -2.759  16.417  -4.305  1.00 25.74 ? 84  HIS A O   1 
ATOM   647  C  CB  . HIS A 1 84  ? -0.366  16.208  -3.096  1.00 20.29 ? 84  HIS A CB  1 
ATOM   648  C  CG  . HIS A 1 84  ? 0.928   16.166  -2.343  1.00 20.82 ? 84  HIS A CG  1 
ATOM   649  N  ND1 . HIS A 1 84  ? 1.059   15.539  -1.123  1.00 26.54 ? 84  HIS A ND1 1 
ATOM   650  C  CD2 . HIS A 1 84  ? 2.146   16.681  -2.633  1.00 19.16 ? 84  HIS A CD2 1 
ATOM   651  C  CE1 . HIS A 1 84  ? 2.302   15.667  -0.695  1.00 25.27 ? 84  HIS A CE1 1 
ATOM   652  N  NE2 . HIS A 1 84  ? 2.982   16.355  -1.594  1.00 24.69 ? 84  HIS A NE2 1 
ATOM   653  N  N   . PRO A 1 85  ? -3.151  18.585  -3.837  1.00 23.42 ? 85  PRO A N   1 
ATOM   654  C  CA  . PRO A 1 85  ? -4.404  18.606  -4.600  1.00 27.92 ? 85  PRO A CA  1 
ATOM   655  C  C   . PRO A 1 85  ? -4.141  18.316  -6.074  1.00 28.48 ? 85  PRO A C   1 
ATOM   656  O  O   . PRO A 1 85  ? -3.200  18.866  -6.650  1.00 28.78 ? 85  PRO A O   1 
ATOM   657  C  CB  . PRO A 1 85  ? -4.914  20.038  -4.405  1.00 27.82 ? 85  PRO A CB  1 
ATOM   658  C  CG  . PRO A 1 85  ? -3.697  20.834  -4.063  1.00 29.09 ? 85  PRO A CG  1 
ATOM   659  C  CD  . PRO A 1 85  ? -2.820  19.906  -3.274  1.00 21.22 ? 85  PRO A CD  1 
ATOM   660  N  N   . VAL A 1 86  ? -4.956  17.455  -6.672  1.00 30.73 ? 86  VAL A N   1 
ATOM   661  C  CA  . VAL A 1 86  ? -4.704  16.982  -8.030  1.00 35.45 ? 86  VAL A CA  1 
ATOM   662  C  C   . VAL A 1 86  ? -5.085  17.999  -9.099  1.00 38.88 ? 86  VAL A C   1 
ATOM   663  O  O   . VAL A 1 86  ? -6.108  18.674  -8.997  1.00 45.69 ? 86  VAL A O   1 
ATOM   664  C  CB  . VAL A 1 86  ? -5.447  15.658  -8.316  1.00 29.95 ? 86  VAL A CB  1 
ATOM   665  C  CG1 . VAL A 1 86  ? -5.589  15.434  -9.815  1.00 36.29 ? 86  VAL A CG1 1 
ATOM   666  C  CG2 . VAL A 1 86  ? -4.727  14.490  -7.659  1.00 34.30 ? 86  VAL A CG2 1 
ATOM   667  N  N   . HIS A 1 87  ? -4.247  18.090  -10.128 1.00 39.87 ? 87  HIS A N   1 
ATOM   668  C  CA  . HIS A 1 87  ? -4.532  18.925  -11.285 1.00 53.45 ? 87  HIS A CA  1 
ATOM   669  C  C   . HIS A 1 87  ? -5.714  18.357  -12.066 1.00 62.24 ? 87  HIS A C   1 
ATOM   670  O  O   . HIS A 1 87  ? -5.538  17.543  -12.974 1.00 77.18 ? 87  HIS A O   1 
ATOM   671  C  CB  . HIS A 1 87  ? -3.302  19.007  -12.188 1.00 52.52 ? 87  HIS A CB  1 
ATOM   672  C  CG  . HIS A 1 87  ? -3.426  20.011  -13.290 1.00 67.32 ? 87  HIS A CG  1 
ATOM   673  N  ND1 . HIS A 1 87  ? -3.670  21.347  -13.053 1.00 68.61 ? 87  HIS A ND1 1 
ATOM   674  C  CD2 . HIS A 1 87  ? -3.337  19.877  -14.634 1.00 73.25 ? 87  HIS A CD2 1 
ATOM   675  C  CE1 . HIS A 1 87  ? -3.728  21.992  -14.204 1.00 70.89 ? 87  HIS A CE1 1 
ATOM   676  N  NE2 . HIS A 1 87  ? -3.529  21.124  -15.179 1.00 79.51 ? 87  HIS A NE2 1 
ATOM   677  N  N   . ALA A 1 88  ? -6.919  18.784  -11.704 1.00 55.89 ? 88  ALA A N   1 
ATOM   678  C  CA  . ALA A 1 88  ? -8.133  18.292  -12.344 1.00 62.71 ? 88  ALA A CA  1 
ATOM   679  C  C   . ALA A 1 88  ? -8.375  18.983  -13.683 1.00 61.55 ? 88  ALA A C   1 
ATOM   680  O  O   . ALA A 1 88  ? -9.208  19.883  -13.791 1.00 50.60 ? 88  ALA A O   1 
ATOM   681  C  CB  . ALA A 1 88  ? -9.328  18.474  -11.422 1.00 46.68 ? 88  ALA A CB  1 
ATOM   682  N  N   . GLY A 1 89  ? -7.637  18.559  -14.703 1.00 54.83 ? 89  GLY A N   1 
ATOM   683  C  CA  . GLY A 1 89  ? -7.760  19.146  -16.023 1.00 61.33 ? 89  GLY A CA  1 
ATOM   684  C  C   . GLY A 1 89  ? -7.317  18.201  -17.121 1.00 70.17 ? 89  GLY A C   1 
ATOM   685  O  O   . GLY A 1 89  ? -6.964  17.051  -16.854 1.00 60.43 ? 89  GLY A O   1 
ATOM   686  N  N   . PRO A 1 90  ? -7.337  18.682  -18.371 1.00 69.54 ? 90  PRO A N   1 
ATOM   687  C  CA  . PRO A 1 90  ? -6.932  17.890  -19.539 1.00 76.55 ? 90  PRO A CA  1 
ATOM   688  C  C   . PRO A 1 90  ? -5.444  17.550  -19.511 1.00 72.55 ? 90  PRO A C   1 
ATOM   689  O  O   . PRO A 1 90  ? -4.627  18.398  -19.150 1.00 74.48 ? 90  PRO A O   1 
ATOM   690  C  CB  . PRO A 1 90  ? -7.227  18.828  -20.717 1.00 73.48 ? 90  PRO A CB  1 
ATOM   691  C  CG  . PRO A 1 90  ? -8.193  19.839  -20.186 1.00 70.81 ? 90  PRO A CG  1 
ATOM   692  C  CD  . PRO A 1 90  ? -7.818  20.020  -18.752 1.00 62.95 ? 90  PRO A CD  1 
ATOM   693  N  N   . ILE A 1 91  ? -5.101  16.320  -19.883 1.00 66.06 ? 91  ILE A N   1 
ATOM   694  C  CA  . ILE A 1 91  ? -3.702  15.925  -20.002 1.00 67.26 ? 91  ILE A CA  1 
ATOM   695  C  C   . ILE A 1 91  ? -3.421  15.389  -21.402 1.00 66.36 ? 91  ILE A C   1 
ATOM   696  O  O   . ILE A 1 91  ? -4.186  14.585  -21.937 1.00 60.06 ? 91  ILE A O   1 
ATOM   697  C  CB  . ILE A 1 91  ? -3.298  14.869  -18.947 1.00 66.17 ? 91  ILE A CB  1 
ATOM   698  C  CG1 . ILE A 1 91  ? -3.999  13.536  -19.218 1.00 58.33 ? 91  ILE A CG1 1 
ATOM   699  C  CG2 . ILE A 1 91  ? -3.605  15.365  -17.540 1.00 59.78 ? 91  ILE A CG2 1 
ATOM   700  C  CD1 . ILE A 1 91  ? -3.566  12.426  -18.292 1.00 51.00 ? 91  ILE A CD1 1 
ATOM   701  N  N   . ALA A 1 92  ? -2.325  15.847  -21.997 1.00 57.17 ? 92  ALA A N   1 
ATOM   702  C  CA  . ALA A 1 92  ? -1.969  15.438  -23.349 1.00 60.81 ? 92  ALA A CA  1 
ATOM   703  C  C   . ALA A 1 92  ? -1.579  13.965  -23.387 1.00 66.25 ? 92  ALA A C   1 
ATOM   704  O  O   . ALA A 1 92  ? -1.146  13.408  -22.378 1.00 64.47 ? 92  ALA A O   1 
ATOM   705  C  CB  . ALA A 1 92  ? -0.836  16.303  -23.882 1.00 63.20 ? 92  ALA A CB  1 
ATOM   706  N  N   . PRO A 1 93  ? -1.744  13.327  -24.555 1.00 74.71 ? 93  PRO A N   1 
ATOM   707  C  CA  . PRO A 1 93  ? -1.314  11.938  -24.740 1.00 70.48 ? 93  PRO A CA  1 
ATOM   708  C  C   . PRO A 1 93  ? 0.164   11.789  -24.405 1.00 56.24 ? 93  PRO A C   1 
ATOM   709  O  O   . PRO A 1 93  ? 0.938   12.714  -24.650 1.00 47.13 ? 93  PRO A O   1 
ATOM   710  C  CB  . PRO A 1 93  ? -1.543  11.700  -26.234 1.00 75.13 ? 93  PRO A CB  1 
ATOM   711  C  CG  . PRO A 1 93  ? -2.630  12.651  -26.601 1.00 72.53 ? 93  PRO A CG  1 
ATOM   712  C  CD  . PRO A 1 93  ? -2.393  13.872  -25.761 1.00 74.69 ? 93  PRO A CD  1 
ATOM   713  N  N   . GLY A 1 94  ? 0.546   10.643  -23.853 1.00 61.83 ? 94  GLY A N   1 
ATOM   714  C  CA  . GLY A 1 94  ? 1.915   10.419  -23.427 1.00 52.25 ? 94  GLY A CA  1 
ATOM   715  C  C   . GLY A 1 94  ? 2.079   10.724  -21.950 1.00 39.20 ? 94  GLY A C   1 
ATOM   716  O  O   . GLY A 1 94  ? 2.969   10.190  -21.285 1.00 50.54 ? 94  GLY A O   1 
ATOM   717  N  N   . GLN A 1 95  ? 1.211   11.589  -21.437 1.00 50.79 ? 95  GLN A N   1 
ATOM   718  C  CA  . GLN A 1 95  ? 1.216   11.939  -20.023 1.00 41.87 ? 95  GLN A CA  1 
ATOM   719  C  C   . GLN A 1 95  ? 0.163   11.134  -19.274 1.00 40.16 ? 95  GLN A C   1 
ATOM   720  O  O   . GLN A 1 95  ? -0.726  10.540  -19.885 1.00 36.17 ? 95  GLN A O   1 
ATOM   721  C  CB  . GLN A 1 95  ? 0.951   13.433  -19.845 1.00 46.24 ? 95  GLN A CB  1 
ATOM   722  C  CG  . GLN A 1 95  ? 1.973   14.328  -20.524 1.00 46.90 ? 95  GLN A CG  1 
ATOM   723  C  CD  . GLN A 1 95  ? 1.734   15.795  -20.243 1.00 63.69 ? 95  GLN A CD  1 
ATOM   724  O  OE1 . GLN A 1 95  ? 0.592   16.253  -20.194 1.00 64.91 ? 95  GLN A OE1 1 
ATOM   725  N  NE2 . GLN A 1 95  ? 2.814   16.541  -20.043 1.00 68.67 ? 95  GLN A NE2 1 
ATOM   726  N  N   . MET A 1 96  ? 0.265   11.113  -17.949 1.00 30.67 ? 96  MET A N   1 
ATOM   727  C  CA  . MET A 1 96  ? -0.744  10.454  -17.132 1.00 30.78 ? 96  MET A CA  1 
ATOM   728  C  C   . MET A 1 96  ? -1.217  11.366  -16.005 1.00 26.16 ? 96  MET A C   1 
ATOM   729  O  O   . MET A 1 96  ? -0.548  12.338  -15.656 1.00 27.89 ? 96  MET A O   1 
ATOM   730  C  CB  . MET A 1 96  ? -0.231  9.122   -16.578 1.00 39.38 ? 96  MET A CB  1 
ATOM   731  C  CG  . MET A 1 96  ? 0.813   9.245   -15.490 1.00 27.43 ? 96  MET A CG  1 
ATOM   732  S  SD  . MET A 1 96  ? 1.343   7.635   -14.864 1.00 32.45 ? 96  MET A SD  1 
ATOM   733  C  CE  . MET A 1 96  ? -0.227  6.890   -14.424 1.00 29.13 ? 96  MET A CE  1 
ATOM   734  N  N   . ARG A 1 97  ? -2.382  11.050  -15.451 1.00 25.27 ? 97  ARG A N   1 
ATOM   735  C  CA  . ARG A 1 97  ? -2.958  11.850  -14.381 1.00 20.78 ? 97  ARG A CA  1 
ATOM   736  C  C   . ARG A 1 97  ? -2.179  11.713  -13.078 1.00 19.52 ? 97  ARG A C   1 
ATOM   737  O  O   . ARG A 1 97  ? -1.385  10.788  -12.912 1.00 24.26 ? 97  ARG A O   1 
ATOM   738  C  CB  . ARG A 1 97  ? -4.417  11.463  -14.154 1.00 25.53 ? 97  ARG A CB  1 
ATOM   739  C  CG  . ARG A 1 97  ? -4.604  10.103  -13.519 1.00 24.34 ? 97  ARG A CG  1 
ATOM   740  C  CD  . ARG A 1 97  ? -6.072  9.714   -13.490 1.00 22.04 ? 97  ARG A CD  1 
ATOM   741  N  NE  . ARG A 1 97  ? -6.279  8.453   -12.789 1.00 24.14 ? 97  ARG A NE  1 
ATOM   742  C  CZ  . ARG A 1 97  ? -6.553  8.364   -11.493 1.00 23.72 ? 97  ARG A CZ  1 
ATOM   743  N  NH1 . ARG A 1 97  ? -6.652  9.467   -10.761 1.00 22.96 ? 97  ARG A NH1 1 
ATOM   744  N  NH2 . ARG A 1 97  ? -6.725  7.176   -10.930 1.00 19.91 ? 97  ARG A NH2 1 
ATOM   745  N  N   . GLU A 1 98  ? -2.411  12.647  -12.160 1.00 20.12 ? 98  GLU A N   1 
ATOM   746  C  CA  . GLU A 1 98  ? -1.783  12.614  -10.842 1.00 22.34 ? 98  GLU A CA  1 
ATOM   747  C  C   . GLU A 1 98  ? -2.680  11.877  -9.848  1.00 25.44 ? 98  GLU A C   1 
ATOM   748  O  O   . GLU A 1 98  ? -3.906  11.964  -9.931  1.00 21.14 ? 98  GLU A O   1 
ATOM   749  C  CB  . GLU A 1 98  ? -1.501  14.040  -10.356 1.00 19.79 ? 98  GLU A CB  1 
ATOM   750  C  CG  . GLU A 1 98  ? -0.525  14.806  -11.233 1.00 21.64 ? 98  GLU A CG  1 
ATOM   751  C  CD  . GLU A 1 98  ? -0.518  16.290  -10.931 1.00 30.11 ? 98  GLU A CD  1 
ATOM   752  O  OE1 . GLU A 1 98  ? -0.999  16.676  -9.845  1.00 29.83 ? 98  GLU A OE1 1 
ATOM   753  O  OE2 . GLU A 1 98  ? -0.035  17.067  -11.782 1.00 23.26 ? 98  GLU A OE2 1 
ATOM   754  N  N   . PRO A 1 99  ? -2.072  11.131  -8.908  1.00 18.30 ? 99  PRO A N   1 
ATOM   755  C  CA  . PRO A 1 99  ? -2.848  10.347  -7.944  1.00 18.95 ? 99  PRO A CA  1 
ATOM   756  C  C   . PRO A 1 99  ? -3.378  11.163  -6.769  1.00 23.30 ? 99  PRO A C   1 
ATOM   757  O  O   . PRO A 1 99  ? -2.661  12.001  -6.221  1.00 21.49 ? 99  PRO A O   1 
ATOM   758  C  CB  . PRO A 1 99  ? -1.824  9.339   -7.426  1.00 17.28 ? 99  PRO A CB  1 
ATOM   759  C  CG  . PRO A 1 99  ? -0.520  10.056  -7.534  1.00 18.83 ? 99  PRO A CG  1 
ATOM   760  C  CD  . PRO A 1 99  ? -0.624  10.886  -8.785  1.00 19.09 ? 99  PRO A CD  1 
ATOM   761  N  N   . ARG A 1 100 ? -4.629  10.919  -6.394  1.00 19.19 ? 100 ARG A N   1 
ATOM   762  C  CA  . ARG A 1 100 ? -5.172  11.468  -5.162  1.00 21.12 ? 100 ARG A CA  1 
ATOM   763  C  C   . ARG A 1 100 ? -5.024  10.421  -4.064  1.00 21.02 ? 100 ARG A C   1 
ATOM   764  O  O   . ARG A 1 100 ? -4.510  9.324   -4.307  1.00 21.77 ? 100 ARG A O   1 
ATOM   765  C  CB  . ARG A 1 100 ? -6.636  11.887  -5.336  1.00 22.42 ? 100 ARG A CB  1 
ATOM   766  C  CG  . ARG A 1 100 ? -7.578  10.767  -5.737  1.00 38.52 ? 100 ARG A CG  1 
ATOM   767  C  CD  . ARG A 1 100 ? -8.941  11.320  -6.143  1.00 43.34 ? 100 ARG A CD  1 
ATOM   768  N  NE  . ARG A 1 100 ? -9.887  10.260  -6.483  1.00 63.32 ? 100 ARG A NE  1 
ATOM   769  C  CZ  . ARG A 1 100 ? -11.108 10.470  -6.965  1.00 72.10 ? 100 ARG A CZ  1 
ATOM   770  N  NH1 . ARG A 1 100 ? -11.537 11.708  -7.173  1.00 75.54 ? 100 ARG A NH1 1 
ATOM   771  N  NH2 . ARG A 1 100 ? -11.898 9.442   -7.244  1.00 69.46 ? 100 ARG A NH2 1 
ATOM   772  N  N   . GLY A 1 101 ? -5.466  10.761  -2.857  1.00 21.45 ? 101 GLY A N   1 
ATOM   773  C  CA  . GLY A 1 101 ? -5.338  9.873   -1.717  1.00 21.05 ? 101 GLY A CA  1 
ATOM   774  C  C   . GLY A 1 101 ? -5.924  8.495   -1.968  1.00 25.02 ? 101 GLY A C   1 
ATOM   775  O  O   . GLY A 1 101 ? -5.287  7.480   -1.681  1.00 20.11 ? 101 GLY A O   1 
ATOM   776  N  N   . SER A 1 102 ? -7.141  8.459   -2.509  1.00 20.73 ? 102 SER A N   1 
ATOM   777  C  CA  . SER A 1 102 ? -7.833  7.199   -2.750  1.00 21.97 ? 102 SER A CA  1 
ATOM   778  C  C   . SER A 1 102 ? -7.170  6.385   -3.864  1.00 22.76 ? 102 SER A C   1 
ATOM   779  O  O   . SER A 1 102 ? -7.353  5.170   -3.946  1.00 20.46 ? 102 SER A O   1 
ATOM   780  C  CB  . SER A 1 102 ? -9.311  7.450   -3.067  1.00 19.80 ? 102 SER A CB  1 
ATOM   781  O  OG  . SER A 1 102 ? -9.451  8.291   -4.195  1.00 23.63 ? 102 SER A OG  1 
ATOM   782  N  N   . ASP A 1 103 ? -6.396  7.059   -4.708  1.00 21.04 ? 103 ASP A N   1 
ATOM   783  C  CA  . ASP A 1 103 ? -5.609  6.394   -5.741  1.00 18.80 ? 103 ASP A CA  1 
ATOM   784  C  C   . ASP A 1 103 ? -4.405  5.699   -5.117  1.00 20.84 ? 103 ASP A C   1 
ATOM   785  O  O   . ASP A 1 103 ? -4.056  4.576   -5.484  1.00 19.55 ? 103 ASP A O   1 
ATOM   786  C  CB  . ASP A 1 103 ? -5.140  7.399   -6.795  1.00 21.14 ? 103 ASP A CB  1 
ATOM   787  C  CG  . ASP A 1 103 ? -6.277  7.909   -7.666  1.00 21.88 ? 103 ASP A CG  1 
ATOM   788  O  OD1 . ASP A 1 103 ? -7.195  7.114   -7.972  1.00 23.14 ? 103 ASP A OD1 1 
ATOM   789  O  OD2 . ASP A 1 103 ? -6.248  9.099   -8.048  1.00 24.76 ? 103 ASP A OD2 1 
ATOM   790  N  N   . ILE A 1 104 ? -3.773  6.373   -4.164  1.00 20.77 ? 104 ILE A N   1 
ATOM   791  C  CA  . ILE A 1 104 ? -2.648  5.790   -3.448  1.00 17.61 ? 104 ILE A CA  1 
ATOM   792  C  C   . ILE A 1 104 ? -3.080  4.553   -2.659  1.00 21.86 ? 104 ILE A C   1 
ATOM   793  O  O   . ILE A 1 104 ? -2.348  3.563   -2.588  1.00 16.84 ? 104 ILE A O   1 
ATOM   794  C  CB  . ILE A 1 104 ? -1.975  6.840   -2.532  1.00 18.62 ? 104 ILE A CB  1 
ATOM   795  C  CG1 . ILE A 1 104 ? -1.266  7.891   -3.395  1.00 20.92 ? 104 ILE A CG1 1 
ATOM   796  C  CG2 . ILE A 1 104 ? -1.005  6.169   -1.555  1.00 17.58 ? 104 ILE A CG2 1 
ATOM   797  C  CD1 . ILE A 1 104 ? -0.801  9.119   -2.642  1.00 20.50 ? 104 ILE A CD1 1 
ATOM   798  N  N   . ALA A 1 105 ? -4.281  4.602   -2.086  1.00 18.96 ? 105 ALA A N   1 
ATOM   799  C  CA  . ALA A 1 105 ? -4.809  3.480   -1.320  1.00 20.77 ? 105 ALA A CA  1 
ATOM   800  C  C   . ALA A 1 105 ? -5.333  2.366   -2.220  1.00 24.72 ? 105 ALA A C   1 
ATOM   801  O  O   . ALA A 1 105 ? -5.777  1.328   -1.733  1.00 20.12 ? 105 ALA A O   1 
ATOM   802  C  CB  . ALA A 1 105 ? -5.897  3.944   -0.363  1.00 19.99 ? 105 ALA A CB  1 
ATOM   803  N  N   . GLY A 1 106 ? -5.288  2.593   -3.530  1.00 21.30 ? 106 GLY A N   1 
ATOM   804  C  CA  . GLY A 1 106 ? -5.675  1.582   -4.497  1.00 22.69 ? 106 GLY A CA  1 
ATOM   805  C  C   . GLY A 1 106 ? -7.177  1.431   -4.632  1.00 26.25 ? 106 GLY A C   1 
ATOM   806  O  O   . GLY A 1 106 ? -7.659  0.510   -5.288  1.00 27.85 ? 106 GLY A O   1 
ATOM   807  N  N   . THR A 1 107 ? -7.919  2.343   -4.015  1.00 19.22 ? 107 THR A N   1 
ATOM   808  C  CA  . THR A 1 107 ? -9.380  2.284   -4.020  1.00 22.53 ? 107 THR A CA  1 
ATOM   809  C  C   . THR A 1 107 ? -9.965  2.748   -5.348  1.00 32.57 ? 107 THR A C   1 
ATOM   810  O  O   . THR A 1 107 ? -10.947 2.190   -5.841  1.00 27.84 ? 107 THR A O   1 
ATOM   811  C  CB  . THR A 1 107 ? -9.970  3.170   -2.903  1.00 31.19 ? 107 THR A CB  1 
ATOM   812  O  OG1 . THR A 1 107 ? -9.411  2.787   -1.641  1.00 32.49 ? 107 THR A OG1 1 
ATOM   813  C  CG2 . THR A 1 107 ? -11.487 3.032   -2.849  1.00 35.97 ? 107 THR A CG2 1 
ATOM   814  N  N   . THR A 1 108 ? -9.361  3.783   -5.918  1.00 25.39 ? 108 THR A N   1 
ATOM   815  C  CA  . THR A 1 108 ? -9.888  4.410   -7.122  1.00 23.52 ? 108 THR A CA  1 
ATOM   816  C  C   . THR A 1 108 ? -8.894  4.347   -8.271  1.00 25.96 ? 108 THR A C   1 
ATOM   817  O  O   . THR A 1 108 ? -9.066  5.016   -9.291  1.00 24.22 ? 108 THR A O   1 
ATOM   818  C  CB  . THR A 1 108 ? -10.245 5.880   -6.855  1.00 26.30 ? 108 THR A CB  1 
ATOM   819  O  OG1 . THR A 1 108 ? -9.107  6.542   -6.294  1.00 23.44 ? 108 THR A OG1 1 
ATOM   820  C  CG2 . THR A 1 108 ? -11.399 5.974   -5.871  1.00 26.19 ? 108 THR A CG2 1 
ATOM   821  N  N   . SER A 1 109 ? -7.843  3.551   -8.106  1.00 23.50 ? 109 SER A N   1 
ATOM   822  C  CA  . SER A 1 109 ? -6.838  3.413   -9.152  1.00 18.64 ? 109 SER A CA  1 
ATOM   823  C  C   . SER A 1 109 ? -6.729  1.969   -9.632  1.00 21.43 ? 109 SER A C   1 
ATOM   824  O  O   . SER A 1 109 ? -6.995  1.035   -8.878  1.00 25.45 ? 109 SER A O   1 
ATOM   825  C  CB  . SER A 1 109 ? -5.476  3.895   -8.653  1.00 19.13 ? 109 SER A CB  1 
ATOM   826  O  OG  . SER A 1 109 ? -5.014  3.072   -7.597  1.00 20.79 ? 109 SER A OG  1 
ATOM   827  N  N   . THR A 1 110 ? -6.340  1.798   -10.892 1.00 24.55 ? 110 THR A N   1 
ATOM   828  C  CA  . THR A 1 110 ? -6.092  0.471   -11.439 1.00 21.20 ? 110 THR A CA  1 
ATOM   829  C  C   . THR A 1 110 ? -4.652  0.061   -11.174 1.00 19.04 ? 110 THR A C   1 
ATOM   830  O  O   . THR A 1 110 ? -3.810  0.901   -10.860 1.00 23.78 ? 110 THR A O   1 
ATOM   831  C  CB  . THR A 1 110 ? -6.330  0.433   -12.961 1.00 24.31 ? 110 THR A CB  1 
ATOM   832  O  OG1 . THR A 1 110 ? -5.343  1.233   -13.625 1.00 23.18 ? 110 THR A OG1 1 
ATOM   833  C  CG2 . THR A 1 110 ? -7.713  0.960   -13.297 1.00 23.23 ? 110 THR A CG2 1 
ATOM   834  N  N   . LEU A 1 111 ? -4.373  -1.232  -11.312 1.00 23.35 ? 111 LEU A N   1 
ATOM   835  C  CA  . LEU A 1 111 ? -3.013  -1.732  -11.181 1.00 21.44 ? 111 LEU A CA  1 
ATOM   836  C  C   . LEU A 1 111 ? -2.108  -1.073  -12.216 1.00 23.11 ? 111 LEU A C   1 
ATOM   837  O  O   . LEU A 1 111 ? -0.977  -0.700  -11.919 1.00 22.72 ? 111 LEU A O   1 
ATOM   838  C  CB  . LEU A 1 111 ? -2.984  -3.253  -11.342 1.00 23.13 ? 111 LEU A CB  1 
ATOM   839  C  CG  . LEU A 1 111 ? -1.614  -3.927  -11.406 1.00 23.87 ? 111 LEU A CG  1 
ATOM   840  C  CD1 . LEU A 1 111 ? -0.798  -3.649  -10.149 1.00 22.57 ? 111 LEU A CD1 1 
ATOM   841  C  CD2 . LEU A 1 111 ? -1.785  -5.429  -11.621 1.00 25.48 ? 111 LEU A CD2 1 
ATOM   842  N  N   . GLN A 1 112 ? -2.609  -0.922  -13.437 1.00 24.32 ? 112 GLN A N   1 
ATOM   843  C  CA  . GLN A 1 112 ? -1.818  -0.298  -14.488 1.00 21.69 ? 112 GLN A CA  1 
ATOM   844  C  C   . GLN A 1 112 ? -1.451  1.145   -14.147 1.00 21.07 ? 112 GLN A C   1 
ATOM   845  O  O   . GLN A 1 112 ? -0.359  1.607   -14.476 1.00 23.46 ? 112 GLN A O   1 
ATOM   846  C  CB  . GLN A 1 112 ? -2.543  -0.371  -15.832 1.00 25.25 ? 112 GLN A CB  1 
ATOM   847  C  CG  . GLN A 1 112 ? -2.661  -1.795  -16.373 1.00 30.88 ? 112 GLN A CG  1 
ATOM   848  C  CD  . GLN A 1 112 ? -1.324  -2.523  -16.412 1.00 51.66 ? 112 GLN A CD  1 
ATOM   849  O  OE1 . GLN A 1 112 ? -0.302  -1.957  -16.808 1.00 46.40 ? 112 GLN A OE1 1 
ATOM   850  N  NE2 . GLN A 1 112 ? -1.325  -3.787  -15.993 1.00 47.26 ? 112 GLN A NE2 1 
ATOM   851  N  N   . GLU A 1 113 ? -2.366  1.849   -13.492 1.00 21.82 ? 113 GLU A N   1 
ATOM   852  C  CA  . GLU A 1 113 ? -2.105  3.223   -13.077 1.00 19.94 ? 113 GLU A CA  1 
ATOM   853  C  C   . GLU A 1 113 ? -1.067  3.233   -11.963 1.00 20.91 ? 113 GLU A C   1 
ATOM   854  O  O   . GLU A 1 113 ? -0.163  4.068   -11.952 1.00 19.99 ? 113 GLU A O   1 
ATOM   855  C  CB  . GLU A 1 113 ? -3.396  3.915   -12.630 1.00 22.31 ? 113 GLU A CB  1 
ATOM   856  C  CG  . GLU A 1 113 ? -4.328  4.267   -13.789 1.00 21.59 ? 113 GLU A CG  1 
ATOM   857  C  CD  . GLU A 1 113 ? -5.591  4.985   -13.350 1.00 27.14 ? 113 GLU A CD  1 
ATOM   858  O  OE1 . GLU A 1 113 ? -6.207  4.575   -12.344 1.00 23.99 ? 113 GLU A OE1 1 
ATOM   859  O  OE2 . GLU A 1 113 ? -5.970  5.965   -14.020 1.00 24.45 ? 113 GLU A OE2 1 
ATOM   860  N  N   . GLN A 1 114 ? -1.193  2.289   -11.038 1.00 21.68 ? 114 GLN A N   1 
ATOM   861  C  CA  . GLN A 1 114 ? -0.229  2.166   -9.950  1.00 13.83 ? 114 GLN A CA  1 
ATOM   862  C  C   . GLN A 1 114 ? 1.182   1.917   -10.478 1.00 16.52 ? 114 GLN A C   1 
ATOM   863  O  O   . GLN A 1 114 ? 2.129   2.608   -10.101 1.00 21.41 ? 114 GLN A O   1 
ATOM   864  C  CB  . GLN A 1 114 ? -0.658  1.075   -8.976  1.00 21.25 ? 114 GLN A CB  1 
ATOM   865  C  CG  . GLN A 1 114 ? -1.976  1.383   -8.281  1.00 20.55 ? 114 GLN A CG  1 
ATOM   866  C  CD  . GLN A 1 114 ? -2.557  0.177   -7.587  1.00 19.14 ? 114 GLN A CD  1 
ATOM   867  O  OE1 . GLN A 1 114 ? -1.843  -0.773  -7.280  1.00 18.04 ? 114 GLN A OE1 1 
ATOM   868  N  NE2 . GLN A 1 114 ? -3.865  0.198   -7.351  1.00 23.44 ? 114 GLN A NE2 1 
ATOM   869  N  N   . ILE A 1 115 ? 1.318   0.940   -11.365 1.00 21.13 ? 115 ILE A N   1 
ATOM   870  C  CA  . ILE A 1 115 ? 2.594   0.691   -12.015 1.00 20.60 ? 115 ILE A CA  1 
ATOM   871  C  C   . ILE A 1 115 ? 3.066   1.949   -12.746 1.00 21.30 ? 115 ILE A C   1 
ATOM   872  O  O   . ILE A 1 115 ? 4.239   2.321   -12.679 1.00 21.44 ? 115 ILE A O   1 
ATOM   873  C  CB  . ILE A 1 115 ? 2.481   -0.487  -12.992 1.00 18.56 ? 115 ILE A CB  1 
ATOM   874  C  CG1 . ILE A 1 115 ? 2.121   -1.763  -12.225 1.00 17.30 ? 115 ILE A CG1 1 
ATOM   875  C  CG2 . ILE A 1 115 ? 3.777   -0.660  -13.767 1.00 21.21 ? 115 ILE A CG2 1 
ATOM   876  C  CD1 . ILE A 1 115 ? 1.767   -2.940  -13.115 1.00 21.26 ? 115 ILE A CD1 1 
ATOM   877  N  N   . GLY A 1 116 ? 2.144   2.610   -13.437 1.00 23.66 ? 116 GLY A N   1 
ATOM   878  C  CA  . GLY A 1 116 ? 2.462   3.836   -14.143 1.00 20.94 ? 116 GLY A CA  1 
ATOM   879  C  C   . GLY A 1 116 ? 3.092   4.895   -13.255 1.00 22.89 ? 116 GLY A C   1 
ATOM   880  O  O   . GLY A 1 116 ? 4.119   5.471   -13.609 1.00 22.07 ? 116 GLY A O   1 
ATOM   881  N  N   . TRP A 1 117 ? 2.482   5.156   -12.102 1.00 18.50 ? 117 TRP A N   1 
ATOM   882  C  CA  . TRP A 1 117 ? 3.003   6.172   -11.188 1.00 17.11 ? 117 TRP A CA  1 
ATOM   883  C  C   . TRP A 1 117 ? 4.362   5.771   -10.620 1.00 16.22 ? 117 TRP A C   1 
ATOM   884  O  O   . TRP A 1 117 ? 5.279   6.587   -10.539 1.00 19.00 ? 117 TRP A O   1 
ATOM   885  C  CB  . TRP A 1 117 ? 2.021   6.449   -10.042 1.00 17.35 ? 117 TRP A CB  1 
ATOM   886  C  CG  . TRP A 1 117 ? 0.742   7.089   -10.467 1.00 13.10 ? 117 TRP A CG  1 
ATOM   887  C  CD1 . TRP A 1 117 ? 0.598   8.162   -11.302 1.00 16.98 ? 117 TRP A CD1 1 
ATOM   888  C  CD2 . TRP A 1 117 ? -0.583  6.713   -10.066 1.00 18.81 ? 117 TRP A CD2 1 
ATOM   889  N  NE1 . TRP A 1 117 ? -0.735  8.470   -11.452 1.00 19.04 ? 117 TRP A NE1 1 
ATOM   890  C  CE2 . TRP A 1 117 ? -1.480  7.591   -10.709 1.00 20.00 ? 117 TRP A CE2 1 
ATOM   891  C  CE3 . TRP A 1 117 ? -1.099  5.710   -9.236  1.00 17.78 ? 117 TRP A CE3 1 
ATOM   892  C  CZ2 . TRP A 1 117 ? -2.862  7.501   -10.543 1.00 18.86 ? 117 TRP A CZ2 1 
ATOM   893  C  CZ3 . TRP A 1 117 ? -2.473  5.622   -9.073  1.00 22.52 ? 117 TRP A CZ3 1 
ATOM   894  C  CH2 . TRP A 1 117 ? -3.338  6.516   -9.722  1.00 23.49 ? 117 TRP A CH2 1 
ATOM   895  N  N   . MET A 1 118 ? 4.486   4.507   -10.225 1.00 20.79 ? 118 MET A N   1 
ATOM   896  C  CA  . MET A 1 118 ? 5.714   4.016   -9.608  1.00 18.04 ? 118 MET A CA  1 
ATOM   897  C  C   . MET A 1 118 ? 6.907   4.062   -10.560 1.00 21.92 ? 118 MET A C   1 
ATOM   898  O  O   . MET A 1 118 ? 8.052   4.162   -10.115 1.00 19.35 ? 118 MET A O   1 
ATOM   899  C  CB  . MET A 1 118 ? 5.513   2.593   -9.070  1.00 17.54 ? 118 MET A CB  1 
ATOM   900  C  CG  . MET A 1 118 ? 4.478   2.511   -7.955  1.00 17.64 ? 118 MET A CG  1 
ATOM   901  S  SD  . MET A 1 118 ? 3.907   0.846   -7.579  1.00 20.50 ? 118 MET A SD  1 
ATOM   902  C  CE  . MET A 1 118 ? 5.378   0.092   -6.888  1.00 20.65 ? 118 MET A CE  1 
ATOM   903  N  N   . THR A 1 119 ? 6.639   4.000   -11.865 1.00 22.34 ? 119 THR A N   1 
ATOM   904  C  CA  . THR A 1 119 ? 7.703   3.954   -12.872 1.00 26.40 ? 119 THR A CA  1 
ATOM   905  C  C   . THR A 1 119 ? 7.760   5.194   -13.766 1.00 21.96 ? 119 THR A C   1 
ATOM   906  O  O   . THR A 1 119 ? 8.519   5.231   -14.735 1.00 24.89 ? 119 THR A O   1 
ATOM   907  C  CB  . THR A 1 119 ? 7.570   2.714   -13.780 1.00 20.87 ? 119 THR A CB  1 
ATOM   908  O  OG1 . THR A 1 119 ? 6.308   2.750   -14.463 1.00 23.67 ? 119 THR A OG1 1 
ATOM   909  C  CG2 . THR A 1 119 ? 7.667   1.437   -12.960 1.00 24.27 ? 119 THR A CG2 1 
ATOM   910  N  N   . HIS A 1 120 ? 6.958   6.201   -13.438 1.00 20.54 ? 120 HIS A N   1 
ATOM   911  C  CA  . HIS A 1 120 ? 6.904   7.450   -14.201 1.00 20.62 ? 120 HIS A CA  1 
ATOM   912  C  C   . HIS A 1 120 ? 8.204   8.249   -14.081 1.00 22.71 ? 120 HIS A C   1 
ATOM   913  O  O   . HIS A 1 120 ? 8.954   8.098   -13.114 1.00 22.31 ? 120 HIS A O   1 
ATOM   914  C  CB  . HIS A 1 120 ? 5.722   8.294   -13.707 1.00 21.75 ? 120 HIS A CB  1 
ATOM   915  C  CG  . HIS A 1 120 ? 5.422   9.491   -14.559 1.00 21.32 ? 120 HIS A CG  1 
ATOM   916  N  ND1 . HIS A 1 120 ? 5.964   10.734  -14.314 1.00 23.89 ? 120 HIS A ND1 1 
ATOM   917  C  CD2 . HIS A 1 120 ? 4.617   9.637   -15.638 1.00 27.45 ? 120 HIS A CD2 1 
ATOM   918  C  CE1 . HIS A 1 120 ? 5.514   11.594  -15.214 1.00 34.11 ? 120 HIS A CE1 1 
ATOM   919  N  NE2 . HIS A 1 120 ? 4.694   10.953  -16.027 1.00 26.40 ? 120 HIS A NE2 1 
ATOM   920  N  N   . ASN A 1 121 ? 8.468   9.102   -15.066 1.00 20.77 ? 121 ASN A N   1 
ATOM   921  C  CA  . ASN A 1 121 ? 9.599   10.020  -14.997 1.00 22.87 ? 121 ASN A CA  1 
ATOM   922  C  C   . ASN A 1 121 ? 9.112   11.459  -14.884 1.00 29.50 ? 121 ASN A C   1 
ATOM   923  O  O   . ASN A 1 121 ? 8.724   12.060  -15.884 1.00 26.74 ? 121 ASN A O   1 
ATOM   924  C  CB  . ASN A 1 121 ? 10.484  9.871   -16.238 1.00 28.56 ? 121 ASN A CB  1 
ATOM   925  C  CG  . ASN A 1 121 ? 11.088  8.485   -16.362 1.00 27.85 ? 121 ASN A CG  1 
ATOM   926  O  OD1 . ASN A 1 121 ? 10.704  7.703   -17.233 1.00 35.23 ? 121 ASN A OD1 1 
ATOM   927  N  ND2 . ASN A 1 121 ? 12.044  8.177   -15.496 1.00 27.12 ? 121 ASN A ND2 1 
ATOM   928  N  N   . PRO A 1 122 ? 9.128   12.026  -13.667 1.00 23.31 ? 122 PRO A N   1 
ATOM   929  C  CA  . PRO A 1 122 ? 9.583   11.439  -12.403 1.00 21.42 ? 122 PRO A CA  1 
ATOM   930  C  C   . PRO A 1 122 ? 8.487   10.651  -11.684 1.00 22.36 ? 122 PRO A C   1 
ATOM   931  O  O   . PRO A 1 122 ? 7.301   10.862  -11.942 1.00 20.24 ? 122 PRO A O   1 
ATOM   932  C  CB  . PRO A 1 122 ? 9.961   12.670  -11.585 1.00 19.00 ? 122 PRO A CB  1 
ATOM   933  C  CG  . PRO A 1 122 ? 8.997   13.704  -12.043 1.00 25.30 ? 122 PRO A CG  1 
ATOM   934  C  CD  . PRO A 1 122 ? 8.750   13.442  -13.504 1.00 25.60 ? 122 PRO A CD  1 
ATOM   935  N  N   . PRO A 1 123 ? 8.883   9.749   -10.772 1.00 23.03 ? 123 PRO A N   1 
ATOM   936  C  CA  . PRO A 1 123 ? 7.934   8.817   -10.161 1.00 22.23 ? 123 PRO A CA  1 
ATOM   937  C  C   . PRO A 1 123 ? 7.217   9.363   -8.931  1.00 17.53 ? 123 PRO A C   1 
ATOM   938  O  O   . PRO A 1 123 ? 7.691   10.290  -8.277  1.00 20.03 ? 123 PRO A O   1 
ATOM   939  C  CB  . PRO A 1 123 ? 8.835   7.658   -9.734  1.00 20.94 ? 123 PRO A CB  1 
ATOM   940  C  CG  . PRO A 1 123 ? 10.115  8.326   -9.373  1.00 23.49 ? 123 PRO A CG  1 
ATOM   941  C  CD  . PRO A 1 123 ? 10.266  9.480   -10.345 1.00 25.88 ? 123 PRO A CD  1 
ATOM   942  N  N   . ILE A 1 124 ? 6.072   8.766   -8.628  1.00 19.16 ? 124 ILE A N   1 
ATOM   943  C  CA  . ILE A 1 124 ? 5.419   8.934   -7.340  1.00 20.51 ? 124 ILE A CA  1 
ATOM   944  C  C   . ILE A 1 124 ? 5.291   7.531   -6.763  1.00 19.62 ? 124 ILE A C   1 
ATOM   945  O  O   . ILE A 1 124 ? 4.535   6.711   -7.289  1.00 19.58 ? 124 ILE A O   1 
ATOM   946  C  CB  . ILE A 1 124 ? 4.029   9.548   -7.495  1.00 18.48 ? 124 ILE A CB  1 
ATOM   947  C  CG1 . ILE A 1 124 ? 4.135   10.964  -8.071  1.00 16.86 ? 124 ILE A CG1 1 
ATOM   948  C  CG2 . ILE A 1 124 ? 3.300   9.576   -6.152  1.00 22.63 ? 124 ILE A CG2 1 
ATOM   949  C  CD1 . ILE A 1 124 ? 2.794   11.609  -8.337  1.00 21.96 ? 124 ILE A CD1 1 
ATOM   950  N  N   . PRO A 1 125 ? 6.054   7.234   -5.702  1.00 17.76 ? 125 PRO A N   1 
ATOM   951  C  CA  . PRO A 1 125 ? 6.120   5.855   -5.208  1.00 16.07 ? 125 PRO A CA  1 
ATOM   952  C  C   . PRO A 1 125 ? 4.873   5.500   -4.416  1.00 19.83 ? 125 PRO A C   1 
ATOM   953  O  O   . PRO A 1 125 ? 4.928   5.414   -3.190  1.00 18.40 ? 125 PRO A O   1 
ATOM   954  C  CB  . PRO A 1 125 ? 7.349   5.879   -4.296  1.00 15.97 ? 125 PRO A CB  1 
ATOM   955  C  CG  . PRO A 1 125 ? 7.381   7.293   -3.772  1.00 18.12 ? 125 PRO A CG  1 
ATOM   956  C  CD  . PRO A 1 125 ? 6.892   8.156   -4.913  1.00 18.35 ? 125 PRO A CD  1 
ATOM   957  N  N   . VAL A 1 126 ? 3.756   5.291   -5.109  1.00 18.50 ? 126 VAL A N   1 
ATOM   958  C  CA  . VAL A 1 126 ? 2.472   5.146   -4.425  1.00 17.96 ? 126 VAL A CA  1 
ATOM   959  C  C   . VAL A 1 126 ? 2.422   3.948   -3.464  1.00 17.06 ? 126 VAL A C   1 
ATOM   960  O  O   . VAL A 1 126 ? 1.737   3.992   -2.438  1.00 19.53 ? 126 VAL A O   1 
ATOM   961  C  CB  . VAL A 1 126 ? 1.291   5.112   -5.418  1.00 14.52 ? 126 VAL A CB  1 
ATOM   962  C  CG1 . VAL A 1 126 ? 1.153   6.463   -6.138  1.00 17.93 ? 126 VAL A CG1 1 
ATOM   963  C  CG2 . VAL A 1 126 ? 1.453   3.973   -6.417  1.00 17.57 ? 126 VAL A CG2 1 
ATOM   964  N  N   . GLY A 1 127 ? 3.150   2.886   -3.792  1.00 16.38 ? 127 GLY A N   1 
ATOM   965  C  CA  . GLY A 1 127 ? 3.240   1.736   -2.914  1.00 18.19 ? 127 GLY A CA  1 
ATOM   966  C  C   . GLY A 1 127 ? 3.903   2.099   -1.597  1.00 17.42 ? 127 GLY A C   1 
ATOM   967  O  O   . GLY A 1 127 ? 3.428   1.721   -0.521  1.00 19.28 ? 127 GLY A O   1 
ATOM   968  N  N   . GLU A 1 128 ? 5.005   2.835   -1.680  1.00 15.40 ? 128 GLU A N   1 
ATOM   969  C  CA  . GLU A 1 128 ? 5.749   3.222   -0.480  1.00 17.02 ? 128 GLU A CA  1 
ATOM   970  C  C   . GLU A 1 128 ? 4.954   4.188   0.386   1.00 23.30 ? 128 GLU A C   1 
ATOM   971  O  O   . GLU A 1 128 ? 4.982   4.105   1.616   1.00 20.52 ? 128 GLU A O   1 
ATOM   972  C  CB  . GLU A 1 128 ? 7.105   3.831   -0.852  1.00 16.09 ? 128 GLU A CB  1 
ATOM   973  C  CG  . GLU A 1 128 ? 8.063   2.818   -1.438  1.00 22.57 ? 128 GLU A CG  1 
ATOM   974  C  CD  . GLU A 1 128 ? 8.199   1.592   -0.557  1.00 29.65 ? 128 GLU A CD  1 
ATOM   975  O  OE1 . GLU A 1 128 ? 8.587   1.745   0.622   1.00 29.92 ? 128 GLU A OE1 1 
ATOM   976  O  OE2 . GLU A 1 128 ? 7.902   0.479   -1.036  1.00 29.64 ? 128 GLU A OE2 1 
ATOM   977  N  N   . ILE A 1 129 ? 4.247   5.106   -0.263  1.00 20.91 ? 129 ILE A N   1 
ATOM   978  C  CA  . ILE A 1 129 ? 3.413   6.068   0.443   1.00 18.67 ? 129 ILE A CA  1 
ATOM   979  C  C   . ILE A 1 129 ? 2.267   5.361   1.167   1.00 18.74 ? 129 ILE A C   1 
ATOM   980  O  O   . ILE A 1 129 ? 2.016   5.616   2.341   1.00 16.96 ? 129 ILE A O   1 
ATOM   981  C  CB  . ILE A 1 129 ? 2.872   7.159   -0.515  1.00 16.32 ? 129 ILE A CB  1 
ATOM   982  C  CG1 . ILE A 1 129 ? 4.034   7.964   -1.098  1.00 17.74 ? 129 ILE A CG1 1 
ATOM   983  C  CG2 . ILE A 1 129 ? 1.905   8.085   0.213   1.00 17.39 ? 129 ILE A CG2 1 
ATOM   984  C  CD1 . ILE A 1 129 ? 3.662   8.804   -2.313  1.00 19.21 ? 129 ILE A CD1 1 
ATOM   985  N  N   . TYR A 1 130 ? 1.581   4.461   0.470   1.00 17.87 ? 130 TYR A N   1 
ATOM   986  C  CA  . TYR A 1 130 ? 0.482   3.715   1.072   1.00 19.36 ? 130 TYR A CA  1 
ATOM   987  C  C   . TYR A 1 130 ? 0.993   2.866   2.234   1.00 17.83 ? 130 TYR A C   1 
ATOM   988  O  O   . TYR A 1 130 ? 0.331   2.733   3.266   1.00 18.49 ? 130 TYR A O   1 
ATOM   989  C  CB  . TYR A 1 130 ? -0.182  2.824   0.021   1.00 17.30 ? 130 TYR A CB  1 
ATOM   990  C  CG  . TYR A 1 130 ? -1.483  2.182   0.449   1.00 16.40 ? 130 TYR A CG  1 
ATOM   991  C  CD1 . TYR A 1 130 ? -2.305  2.777   1.401   1.00 19.94 ? 130 TYR A CD1 1 
ATOM   992  C  CD2 . TYR A 1 130 ? -1.895  0.978   -0.112  1.00 15.14 ? 130 TYR A CD2 1 
ATOM   993  C  CE1 . TYR A 1 130 ? -3.500  2.187   1.784   1.00 21.74 ? 130 TYR A CE1 1 
ATOM   994  C  CE2 . TYR A 1 130 ? -3.083  0.385   0.261   1.00 17.72 ? 130 TYR A CE2 1 
ATOM   995  C  CZ  . TYR A 1 130 ? -3.882  0.988   1.212   1.00 23.28 ? 130 TYR A CZ  1 
ATOM   996  O  OH  . TYR A 1 130 ? -5.067  0.386   1.580   1.00 20.53 ? 130 TYR A OH  1 
ATOM   997  N  N   . LYS A 1 131 ? 2.183   2.303   2.067   1.00 17.49 ? 131 LYS A N   1 
ATOM   998  C  CA  . LYS A 1 131 ? 2.769   1.442   3.092   1.00 20.47 ? 131 LYS A CA  1 
ATOM   999  C  C   . LYS A 1 131 ? 3.006   2.250   4.365   1.00 20.71 ? 131 LYS A C   1 
ATOM   1000 O  O   . LYS A 1 131 ? 2.861   1.752   5.482   1.00 19.34 ? 131 LYS A O   1 
ATOM   1001 C  CB  . LYS A 1 131 ? 4.080   0.839   2.578   1.00 18.23 ? 131 LYS A CB  1 
ATOM   1002 C  CG  . LYS A 1 131 ? 4.698   -0.215  3.494   1.00 23.01 ? 131 LYS A CG  1 
ATOM   1003 C  CD  . LYS A 1 131 ? 6.107   -0.568  3.042   1.00 30.79 ? 131 LYS A CD  1 
ATOM   1004 C  CE  . LYS A 1 131 ? 6.115   -1.031  1.595   1.00 25.30 ? 131 LYS A CE  1 
ATOM   1005 N  NZ  . LYS A 1 131 ? 7.487   -1.337  1.101   1.00 28.97 ? 131 LYS A NZ  1 
ATOM   1006 N  N   . ARG A 1 132 ? 3.359   3.512   4.175   1.00 19.01 ? 132 ARG A N   1 
ATOM   1007 C  CA  . ARG A 1 132 ? 3.594   4.439   5.269   1.00 19.69 ? 132 ARG A CA  1 
ATOM   1008 C  C   . ARG A 1 132 ? 2.314   4.629   6.087   1.00 23.40 ? 132 ARG A C   1 
ATOM   1009 O  O   . ARG A 1 132 ? 2.337   4.595   7.321   1.00 22.16 ? 132 ARG A O   1 
ATOM   1010 C  CB  . ARG A 1 132 ? 4.049   5.768   4.674   1.00 27.19 ? 132 ARG A CB  1 
ATOM   1011 C  CG  . ARG A 1 132 ? 4.653   6.759   5.628   1.00 30.87 ? 132 ARG A CG  1 
ATOM   1012 C  CD  . ARG A 1 132 ? 4.996   8.041   4.865   1.00 36.62 ? 132 ARG A CD  1 
ATOM   1013 N  NE  . ARG A 1 132 ? 6.050   7.846   3.865   1.00 27.06 ? 132 ARG A NE  1 
ATOM   1014 C  CZ  . ARG A 1 132 ? 6.212   8.613   2.786   1.00 30.75 ? 132 ARG A CZ  1 
ATOM   1015 N  NH1 . ARG A 1 132 ? 5.380   9.615   2.552   1.00 26.25 ? 132 ARG A NH1 1 
ATOM   1016 N  NH2 . ARG A 1 132 ? 7.200   8.376   1.934   1.00 24.73 ? 132 ARG A NH2 1 
ATOM   1017 N  N   . TRP A 1 133 ? 1.200   4.829   5.390   1.00 18.03 ? 133 TRP A N   1 
ATOM   1018 C  CA  . TRP A 1 133 ? -0.097  5.010   6.038   1.00 16.68 ? 133 TRP A CA  1 
ATOM   1019 C  C   . TRP A 1 133 ? -0.516  3.741   6.767   1.00 20.34 ? 133 TRP A C   1 
ATOM   1020 O  O   . TRP A 1 133 ? -1.062  3.798   7.869   1.00 19.03 ? 133 TRP A O   1 
ATOM   1021 C  CB  . TRP A 1 133 ? -1.174  5.378   5.019   1.00 18.41 ? 133 TRP A CB  1 
ATOM   1022 C  CG  . TRP A 1 133 ? -0.864  6.583   4.194   1.00 20.09 ? 133 TRP A CG  1 
ATOM   1023 C  CD1 . TRP A 1 133 ? 0.147   7.477   4.391   1.00 20.17 ? 133 TRP A CD1 1 
ATOM   1024 C  CD2 . TRP A 1 133 ? -1.573  7.024   3.031   1.00 22.14 ? 133 TRP A CD2 1 
ATOM   1025 N  NE1 . TRP A 1 133 ? 0.111   8.451   3.419   1.00 19.10 ? 133 TRP A NE1 1 
ATOM   1026 C  CE2 . TRP A 1 133 ? -0.938  8.197   2.574   1.00 23.21 ? 133 TRP A CE2 1 
ATOM   1027 C  CE3 . TRP A 1 133 ? -2.686  6.544   2.332   1.00 19.69 ? 133 TRP A CE3 1 
ATOM   1028 C  CZ2 . TRP A 1 133 ? -1.377  8.897   1.452   1.00 20.45 ? 133 TRP A CZ2 1 
ATOM   1029 C  CZ3 . TRP A 1 133 ? -3.122  7.243   1.216   1.00 18.06 ? 133 TRP A CZ3 1 
ATOM   1030 C  CH2 . TRP A 1 133 ? -2.467  8.404   0.788   1.00 21.38 ? 133 TRP A CH2 1 
ATOM   1031 N  N   . ILE A 1 134 ? -0.278  2.593   6.136   1.00 14.33 ? 134 ILE A N   1 
ATOM   1032 C  CA  . ILE A 1 134 ? -0.642  1.312   6.729   1.00 16.25 ? 134 ILE A CA  1 
ATOM   1033 C  C   . ILE A 1 134 ? 0.149   1.078   8.006   1.00 20.36 ? 134 ILE A C   1 
ATOM   1034 O  O   . ILE A 1 134 ? -0.404  0.656   9.021   1.00 20.39 ? 134 ILE A O   1 
ATOM   1035 C  CB  . ILE A 1 134 ? -0.427  0.145   5.746   1.00 14.62 ? 134 ILE A CB  1 
ATOM   1036 C  CG1 . ILE A 1 134 ? -1.426  0.257   4.593   1.00 16.76 ? 134 ILE A CG1 1 
ATOM   1037 C  CG2 . ILE A 1 134 ? -0.573  -1.196  6.458   1.00 17.81 ? 134 ILE A CG2 1 
ATOM   1038 C  CD1 . ILE A 1 134 ? -1.103  -0.640  3.421   1.00 20.27 ? 134 ILE A CD1 1 
ATOM   1039 N  N   . ILE A 1 135 ? 1.443   1.374   7.963   1.00 18.98 ? 135 ILE A N   1 
ATOM   1040 C  CA  . ILE A 1 135 ? 2.282   1.219   9.148   1.00 21.23 ? 135 ILE A CA  1 
ATOM   1041 C  C   . ILE A 1 135 ? 1.845   2.139   10.294  1.00 23.18 ? 135 ILE A C   1 
ATOM   1042 O  O   . ILE A 1 135 ? 1.850   1.732   11.457  1.00 22.17 ? 135 ILE A O   1 
ATOM   1043 C  CB  . ILE A 1 135 ? 3.773   1.411   8.821   1.00 18.35 ? 135 ILE A CB  1 
ATOM   1044 C  CG1 . ILE A 1 135 ? 4.297   0.187   8.067   1.00 19.79 ? 135 ILE A CG1 1 
ATOM   1045 C  CG2 . ILE A 1 135 ? 4.577   1.644   10.097  1.00 21.32 ? 135 ILE A CG2 1 
ATOM   1046 C  CD1 . ILE A 1 135 ? 5.649   0.386   7.431   1.00 29.51 ? 135 ILE A CD1 1 
ATOM   1047 N  N   . LEU A 1 136 ? 1.460   3.371   9.970   1.00 18.95 ? 136 LEU A N   1 
ATOM   1048 C  CA  . LEU A 1 136 ? 0.857   4.251   10.972  1.00 18.85 ? 136 LEU A CA  1 
ATOM   1049 C  C   . LEU A 1 136 ? -0.356  3.572   11.597  1.00 21.43 ? 136 LEU A C   1 
ATOM   1050 O  O   . LEU A 1 136 ? -0.532  3.597   12.816  1.00 21.75 ? 136 LEU A O   1 
ATOM   1051 C  CB  . LEU A 1 136 ? 0.449   5.593   10.354  1.00 17.83 ? 136 LEU A CB  1 
ATOM   1052 C  CG  . LEU A 1 136 ? 1.572   6.577   10.028  1.00 25.07 ? 136 LEU A CG  1 
ATOM   1053 C  CD1 . LEU A 1 136 ? 1.021   7.795   9.301   1.00 26.04 ? 136 LEU A CD1 1 
ATOM   1054 C  CD2 . LEU A 1 136 ? 2.295   7.001   11.300  1.00 29.75 ? 136 LEU A CD2 1 
ATOM   1055 N  N   . GLY A 1 137 ? -1.185  2.957   10.756  1.00 19.64 ? 137 GLY A N   1 
ATOM   1056 C  CA  . GLY A 1 137 ? -2.352  2.230   11.230  1.00 19.37 ? 137 GLY A CA  1 
ATOM   1057 C  C   . GLY A 1 137 ? -1.963  1.063   12.116  1.00 22.38 ? 137 GLY A C   1 
ATOM   1058 O  O   . GLY A 1 137 ? -2.551  0.854   13.180  1.00 21.25 ? 137 GLY A O   1 
ATOM   1059 N  N   . LEU A 1 138 ? -0.964  0.299   11.687  1.00 19.28 ? 138 LEU A N   1 
ATOM   1060 C  CA  . LEU A 1 138 ? -0.503  -0.843  12.467  1.00 17.77 ? 138 LEU A CA  1 
ATOM   1061 C  C   . LEU A 1 138 ? 0.012   -0.401  13.835  1.00 22.22 ? 138 LEU A C   1 
ATOM   1062 O  O   . LEU A 1 138 ? -0.220  -1.078  14.833  1.00 20.42 ? 138 LEU A O   1 
ATOM   1063 C  CB  . LEU A 1 138 ? 0.566   -1.636  11.711  1.00 20.26 ? 138 LEU A CB  1 
ATOM   1064 C  CG  . LEU A 1 138 ? 0.064   -2.418  10.491  1.00 19.99 ? 138 LEU A CG  1 
ATOM   1065 C  CD1 . LEU A 1 138 ? 1.228   -3.031  9.736   1.00 21.34 ? 138 LEU A CD1 1 
ATOM   1066 C  CD2 . LEU A 1 138 ? -0.920  -3.491  10.916  1.00 24.65 ? 138 LEU A CD2 1 
ATOM   1067 N  N   . ASN A 1 139 ? 0.703   0.734   13.881  1.00 22.06 ? 139 ASN A N   1 
ATOM   1068 C  CA  . ASN A 1 139 ? 1.171   1.271   15.158  1.00 23.50 ? 139 ASN A CA  1 
ATOM   1069 C  C   . ASN A 1 139 ? 0.016   1.624   16.090  1.00 20.89 ? 139 ASN A C   1 
ATOM   1070 O  O   . ASN A 1 139 ? 0.078   1.353   17.290  1.00 23.08 ? 139 ASN A O   1 
ATOM   1071 C  CB  . ASN A 1 139 ? 2.098   2.474   14.953  1.00 22.06 ? 139 ASN A CB  1 
ATOM   1072 C  CG  . ASN A 1 139 ? 3.536   2.058   14.709  1.00 31.85 ? 139 ASN A CG  1 
ATOM   1073 O  OD1 . ASN A 1 139 ? 4.226   1.607   15.626  1.00 40.55 ? 139 ASN A OD1 1 
ATOM   1074 N  ND2 . ASN A 1 139 ? 3.996   2.204   13.473  1.00 32.95 ? 139 ASN A ND2 1 
ATOM   1075 N  N   . LYS A 1 140 ? -1.041  2.211   15.535  1.00 20.07 ? 140 LYS A N   1 
ATOM   1076 C  CA  . LYS A 1 140 ? -2.244  2.513   16.309  1.00 21.82 ? 140 LYS A CA  1 
ATOM   1077 C  C   . LYS A 1 140 ? -2.843  1.242   16.903  1.00 24.22 ? 140 LYS A C   1 
ATOM   1078 O  O   . LYS A 1 140 ? -3.261  1.222   18.062  1.00 22.51 ? 140 LYS A O   1 
ATOM   1079 C  CB  . LYS A 1 140 ? -3.301  3.179   15.427  1.00 22.73 ? 140 LYS A CB  1 
ATOM   1080 C  CG  . LYS A 1 140 ? -3.200  4.681   15.259  1.00 36.55 ? 140 LYS A CG  1 
ATOM   1081 C  CD  . LYS A 1 140 ? -4.521  5.189   14.692  1.00 31.14 ? 140 LYS A CD  1 
ATOM   1082 C  CE  . LYS A 1 140 ? -4.414  6.570   14.075  1.00 35.31 ? 140 LYS A CE  1 
ATOM   1083 N  NZ  . LYS A 1 140 ? -5.693  6.920   13.382  1.00 27.34 ? 140 LYS A NZ  1 
ATOM   1084 N  N   . ILE A 1 141 ? -2.898  0.188   16.090  1.00 17.36 ? 141 ILE A N   1 
ATOM   1085 C  CA  . ILE A 1 141 ? -3.482  -1.088  16.494  1.00 19.78 ? 141 ILE A CA  1 
ATOM   1086 C  C   . ILE A 1 141 ? -2.638  -1.746  17.584  1.00 17.74 ? 141 ILE A C   1 
ATOM   1087 O  O   . ILE A 1 141 ? -3.167  -2.272  18.563  1.00 23.82 ? 141 ILE A O   1 
ATOM   1088 C  CB  . ILE A 1 141 ? -3.605  -2.041  15.287  1.00 17.69 ? 141 ILE A CB  1 
ATOM   1089 C  CG1 . ILE A 1 141 ? -4.571  -1.455  14.253  1.00 24.33 ? 141 ILE A CG1 1 
ATOM   1090 C  CG2 . ILE A 1 141 ? -4.054  -3.426  15.734  1.00 21.51 ? 141 ILE A CG2 1 
ATOM   1091 C  CD1 . ILE A 1 141 ? -4.599  -2.216  12.932  1.00 23.63 ? 141 ILE A CD1 1 
ATOM   1092 N  N   . VAL A 1 142 ? -1.323  -1.698  17.410  1.00 20.03 ? 142 VAL A N   1 
ATOM   1093 C  CA  . VAL A 1 142 ? -0.402  -2.235  18.401  1.00 20.02 ? 142 VAL A CA  1 
ATOM   1094 C  C   . VAL A 1 142 ? -0.542  -1.513  19.740  1.00 24.31 ? 142 VAL A C   1 
ATOM   1095 O  O   . VAL A 1 142 ? -0.502  -2.148  20.792  1.00 21.03 ? 142 VAL A O   1 
ATOM   1096 C  CB  . VAL A 1 142 ? 1.053   -2.166  17.911  1.00 21.68 ? 142 VAL A CB  1 
ATOM   1097 C  CG1 . VAL A 1 142 ? 2.010   -2.582  19.017  1.00 26.04 ? 142 VAL A CG1 1 
ATOM   1098 C  CG2 . VAL A 1 142 ? 1.228   -3.055  16.691  1.00 25.34 ? 142 VAL A CG2 1 
ATOM   1099 N  N   . ARG A 1 143 ? -0.707  -0.193  19.702  1.00 20.60 ? 143 ARG A N   1 
ATOM   1100 C  CA  . ARG A 1 143 ? -0.933  0.573   20.929  1.00 18.73 ? 143 ARG A CA  1 
ATOM   1101 C  C   . ARG A 1 143 ? -2.249  0.170   21.580  1.00 20.50 ? 143 ARG A C   1 
ATOM   1102 O  O   . ARG A 1 143 ? -2.336  0.030   22.797  1.00 20.77 ? 143 ARG A O   1 
ATOM   1103 C  CB  . ARG A 1 143 ? -0.968  2.080   20.652  1.00 24.56 ? 143 ARG A CB  1 
ATOM   1104 C  CG  . ARG A 1 143 ? 0.378   2.743   20.453  1.00 37.13 ? 143 ARG A CG  1 
ATOM   1105 C  CD  . ARG A 1 143 ? 0.228   4.256   20.562  1.00 39.50 ? 143 ARG A CD  1 
ATOM   1106 N  NE  . ARG A 1 143 ? -1.002  4.725   19.926  1.00 45.42 ? 143 ARG A NE  1 
ATOM   1107 C  CZ  . ARG A 1 143 ? -1.358  6.001   19.822  1.00 48.73 ? 143 ARG A CZ  1 
ATOM   1108 N  NH1 . ARG A 1 143 ? -0.578  6.956   20.314  1.00 50.01 ? 143 ARG A NH1 1 
ATOM   1109 N  NH2 . ARG A 1 143 ? -2.496  6.326   19.224  1.00 40.62 ? 143 ARG A NH2 1 
ATOM   1110 N  N   . MET A 1 144 ? -3.278  -0.006  20.760  1.00 18.80 ? 144 MET A N   1 
ATOM   1111 C  CA  . MET A 1 144 ? -4.612  -0.313  21.262  1.00 18.74 ? 144 MET A CA  1 
ATOM   1112 C  C   . MET A 1 144 ? -4.625  -1.598  22.077  1.00 21.95 ? 144 MET A C   1 
ATOM   1113 O  O   . MET A 1 144 ? -5.313  -1.700  23.097  1.00 21.86 ? 144 MET A O   1 
ATOM   1114 C  CB  . MET A 1 144 ? -5.602  -0.430  20.098  1.00 19.06 ? 144 MET A CB  1 
ATOM   1115 C  CG  . MET A 1 144 ? -6.965  -0.979  20.499  1.00 18.46 ? 144 MET A CG  1 
ATOM   1116 S  SD  . MET A 1 144 ? -8.191  -0.865  19.182  1.00 22.27 ? 144 MET A SD  1 
ATOM   1117 C  CE  . MET A 1 144 ? -7.424  -1.862  17.901  1.00 24.57 ? 144 MET A CE  1 
ATOM   1118 N  N   . TYR A 1 145 ? -3.852  -2.573  21.614  1.00 17.97 ? 145 TYR A N   1 
ATOM   1119 C  CA  . TYR A 1 145 ? -3.840  -3.901  22.201  1.00 18.67 ? 145 TYR A CA  1 
ATOM   1120 C  C   . TYR A 1 145 ? -2.663  -4.111  23.152  1.00 22.14 ? 145 TYR A C   1 
ATOM   1121 O  O   . TYR A 1 145 ? -2.434  -5.222  23.627  1.00 22.44 ? 145 TYR A O   1 
ATOM   1122 C  CB  . TYR A 1 145 ? -3.770  -4.948  21.090  1.00 19.81 ? 145 TYR A CB  1 
ATOM   1123 C  CG  . TYR A 1 145 ? -5.028  -5.065  20.264  1.00 21.94 ? 145 TYR A CG  1 
ATOM   1124 C  CD1 . TYR A 1 145 ? -4.961  -5.337  18.900  1.00 21.34 ? 145 TYR A CD1 1 
ATOM   1125 C  CD2 . TYR A 1 145 ? -6.282  -4.923  20.841  1.00 24.49 ? 145 TYR A CD2 1 
ATOM   1126 C  CE1 . TYR A 1 145 ? -6.105  -5.455  18.141  1.00 22.78 ? 145 TYR A CE1 1 
ATOM   1127 C  CE2 . TYR A 1 145 ? -7.435  -5.042  20.083  1.00 24.06 ? 145 TYR A CE2 1 
ATOM   1128 C  CZ  . TYR A 1 145 ? -7.338  -5.305  18.736  1.00 23.29 ? 145 TYR A CZ  1 
ATOM   1129 O  OH  . TYR A 1 145 ? -8.481  -5.428  17.978  1.00 25.58 ? 145 TYR A OH  1 
ATOM   1130 N  N   . SER A 1 146 ? -1.916  -3.046  23.417  1.00 25.01 ? 146 SER A N   1 
ATOM   1131 C  CA  . SER A 1 146 ? -0.701  -3.152  24.217  1.00 24.78 ? 146 SER A CA  1 
ATOM   1132 C  C   . SER A 1 146 ? -0.994  -3.423  25.687  1.00 37.73 ? 146 SER A C   1 
ATOM   1133 O  O   . SER A 1 146 ? -0.085  -3.782  26.437  1.00 30.79 ? 146 SER A O   1 
ATOM   1134 C  CB  . SER A 1 146 ? 0.145   -1.886  24.079  1.00 22.89 ? 146 SER A CB  1 
ATOM   1135 O  OG  . SER A 1 146 ? -0.549  -0.752  24.573  1.00 26.56 ? 146 SER A OG  1 
ATOM   1136 O  OXT . SER A 1 146 ? -2.125  -3.289  26.156  1.00 24.30 ? 146 SER A OXT 1 
HETATM 1137 N  N1  . 0OE B 2 .   ? 5.649   15.284  -13.416 1.00 22.88 ? 201 0OE A N1  1 
HETATM 1138 N  N2  . 0OE B 2 .   ? 6.519   16.187  -12.936 1.00 25.30 ? 201 0OE A N2  1 
HETATM 1139 C  C3  . 0OE B 2 .   ? 6.580   16.209  -11.574 1.00 21.37 ? 201 0OE A C3  1 
HETATM 1140 C  C4  . 0OE B 2 .   ? 5.695   15.254  -11.145 1.00 17.97 ? 201 0OE A C4  1 
HETATM 1141 C  C5  . 0OE B 2 .   ? 5.115   14.704  -12.324 1.00 23.17 ? 201 0OE A C5  1 
HETATM 1142 C  C6  . 0OE B 2 .   ? 4.122   13.636  -12.457 1.00 22.66 ? 201 0OE A C6  1 
HETATM 1143 C  C7  . 0OE B 2 .   ? 4.361   12.377  -11.896 1.00 21.27 ? 201 0OE A C7  1 
HETATM 1144 C  C8  . 0OE B 2 .   ? 3.418   11.360  -12.024 1.00 19.13 ? 201 0OE A C8  1 
HETATM 1145 C  C9  . 0OE B 2 .   ? 2.225   11.573  -12.712 1.00 22.83 ? 201 0OE A C9  1 
HETATM 1146 C  C10 . 0OE B 2 .   ? 1.975   12.826  -13.272 1.00 21.11 ? 201 0OE A C10 1 
HETATM 1147 C  C11 . 0OE B 2 .   ? 2.916   13.850  -13.147 1.00 24.32 ? 201 0OE A C11 1 
HETATM 1148 C  C12 . 0OE B 2 .   ? 5.399   14.932  -9.774  1.00 17.39 ? 201 0OE A C12 1 
HETATM 1149 N  N13 . 0OE B 2 .   ? 4.228   15.222  -9.131  1.00 22.54 ? 201 0OE A N13 1 
HETATM 1150 C  C14 . 0OE B 2 .   ? 4.317   14.767  -7.839  1.00 20.65 ? 201 0OE A C14 1 
HETATM 1151 C  C15 . 0OE B 2 .   ? 5.579   14.193  -7.774  1.00 16.11 ? 201 0OE A C15 1 
HETATM 1152 N  N16 . 0OE B 2 .   ? 6.240   14.300  -8.977  1.00 18.67 ? 201 0OE A N16 1 
HETATM 1153 C  C17 . 0OE B 2 .   ? 3.433   14.801  -6.761  1.00 23.51 ? 201 0OE A C17 1 
HETATM 1154 C  C18 . 0OE B 2 .   ? 3.873   14.203  -5.568  1.00 18.15 ? 201 0OE A C18 1 
HETATM 1155 C  C19 . 0OE B 2 .   ? 5.143   13.619  -5.453  1.00 18.41 ? 201 0OE A C19 1 
HETATM 1156 C  C20 . 0OE B 2 .   ? 6.003   13.604  -6.569  1.00 17.83 ? 201 0OE A C20 1 
HETATM 1157 C  C21 . 0OE B 2 .   ? 5.541   12.999  -4.178  1.00 20.00 ? 201 0OE A C21 1 
HETATM 1158 C  C22 . 0OE B 2 .   ? 5.048   13.491  -2.959  1.00 22.87 ? 201 0OE A C22 1 
HETATM 1159 C  C23 . 0OE B 2 .   ? 5.419   12.890  -1.753  1.00 17.74 ? 201 0OE A C23 1 
HETATM 1160 C  C24 . 0OE B 2 .   ? 6.279   11.788  -1.749  1.00 21.67 ? 201 0OE A C24 1 
HETATM 1161 C  C25 . 0OE B 2 .   ? 6.775   11.282  -2.954  1.00 24.76 ? 201 0OE A C25 1 
HETATM 1162 C  C26 . 0OE B 2 .   ? 6.401   11.888  -4.159  1.00 21.67 ? 201 0OE A C26 1 
HETATM 1163 C  C27 . 0OE B 2 .   ? 6.623   11.198  -0.438  1.00 27.69 ? 201 0OE A C27 1 
HETATM 1164 O  O28 . 0OE B 2 .   ? 6.154   11.555  0.623   1.00 33.70 ? 201 0OE A O28 1 
HETATM 1165 O  O29 . 0OE B 2 .   ? 7.506   10.188  -0.517  1.00 27.22 ? 201 0OE A O29 1 
HETATM 1166 CL CL  . 0OE B 2 .   ? 3.743   9.819   -11.334 1.00 20.86 ? 201 0OE A CL  1 
HETATM 1167 C  C31 . 0OE B 2 .   ? 3.104   15.932  -9.700  1.00 19.52 ? 201 0OE A C31 1 
HETATM 1168 C  C32 . 0OE B 2 .   ? 3.462   17.416  -9.696  1.00 25.58 ? 201 0OE A C32 1 
HETATM 1169 C  C33 . 0OE B 2 .   ? 2.324   18.287  -9.178  1.00 35.36 ? 201 0OE A C33 1 
HETATM 1170 N  N34 . 0OE B 2 .   ? 2.760   19.645  -8.936  1.00 34.00 ? 201 0OE A N34 1 
HETATM 1171 C  C35 . 0OE B 2 .   ? 2.440   20.424  -7.861  1.00 28.92 ? 201 0OE A C35 1 
HETATM 1172 N  N36 . 0OE B 2 .   ? 3.001   21.611  -7.950  1.00 23.40 ? 201 0OE A N36 1 
HETATM 1173 C  C37 . 0OE B 2 .   ? 3.717   21.583  -9.120  1.00 23.81 ? 201 0OE A C37 1 
HETATM 1174 C  C38 . 0OE B 2 .   ? 3.587   20.368  -9.749  1.00 26.52 ? 201 0OE A C38 1 
HETATM 1175 C  C1  . 1JR C 3 .   ? -7.697  -2.732  5.803   1.00 36.10 ? 202 1JR A C1  1 
HETATM 1176 C  C2  . 1JR C 3 .   ? -8.264  -3.848  5.190   1.00 32.17 ? 202 1JR A C2  1 
HETATM 1177 C  C3  . 1JR C 3 .   ? -7.453  -1.578  5.057   1.00 38.07 ? 202 1JR A C3  1 
HETATM 1178 C  C4  . 1JR C 3 .   ? -9.517  2.277   3.387   1.00 37.30 ? 202 1JR A C4  1 
HETATM 1179 C  C5  . 1JR C 3 .   ? -8.589  -3.803  3.829   1.00 34.24 ? 202 1JR A C5  1 
HETATM 1180 C  C6  . 1JR C 3 .   ? -7.772  -1.533  3.697   1.00 39.34 ? 202 1JR A C6  1 
HETATM 1181 C  C7  . 1JR C 3 .   ? -8.753  1.515   2.506   1.00 38.70 ? 202 1JR A C7  1 
HETATM 1182 C  C8  . 1JR C 3 .   ? -10.895 2.244   3.262   1.00 41.95 ? 202 1JR A C8  1 
HETATM 1183 C  C9  . 1JR C 3 .   ? -10.776 0.788   1.487   1.00 47.21 ? 202 1JR A C9  1 
HETATM 1184 C  C10 . 1JR C 3 .   ? -8.351  -2.647  3.070   1.00 36.70 ? 202 1JR A C10 1 
HETATM 1185 C  C11 . 1JR C 3 .   ? -9.383  0.731   1.531   1.00 36.92 ? 202 1JR A C11 1 
HETATM 1186 C  C12 . 1JR C 3 .   ? -8.756  -1.542  0.741   1.00 37.34 ? 202 1JR A C12 1 
HETATM 1187 C  C13 . 1JR C 3 .   ? -8.692  -2.621  1.650   1.00 40.07 ? 202 1JR A C13 1 
HETATM 1188 C  C14 . 1JR C 3 .   ? -9.119  -2.104  -0.454  1.00 32.31 ? 202 1JR A C14 1 
HETATM 1189 C  C15 . 1JR C 3 .   ? -9.233  -1.150  -1.495  1.00 41.29 ? 202 1JR A C15 1 
HETATM 1190 C  C16 . 1JR C 3 .   ? -8.565  -0.079  0.563   1.00 31.54 ? 202 1JR A C16 1 
HETATM 1191 N  N17 . 1JR C 3 .   ? -11.545 1.514   2.332   1.00 45.85 ? 202 1JR A N17 1 
HETATM 1192 N  N18 . 1JR C 3 .   ? -9.009  -3.776  1.014   1.00 40.56 ? 202 1JR A N18 1 
HETATM 1193 N  N19 . 1JR C 3 .   ? -9.269  -3.425  -0.268  1.00 37.54 ? 202 1JR A N19 1 
HETATM 1194 N  N20 . 1JR C 3 .   ? -9.043  0.062   -0.831  1.00 32.84 ? 202 1JR A N20 1 
HETATM 1195 O  O21 . 1JR C 3 .   ? -9.469  -1.322  -2.677  1.00 38.91 ? 202 1JR A O21 1 
HETATM 1196 O  O   . HOH D 4 .   ? 6.025   2.606   -4.462  1.00 16.76 ? 301 HOH A O   1 
HETATM 1197 O  O   . HOH D 4 .   ? 8.650   12.858  -8.640  1.00 19.23 ? 302 HOH A O   1 
HETATM 1198 O  O   . HOH D 4 .   ? -1.381  14.396  -5.867  1.00 21.32 ? 303 HOH A O   1 
HETATM 1199 O  O   . HOH D 4 .   ? 6.622   0.018   -3.367  1.00 21.68 ? 304 HOH A O   1 
HETATM 1200 O  O   . HOH D 4 .   ? 7.188   3.321   2.944   1.00 21.79 ? 305 HOH A O   1 
HETATM 1201 O  O   . HOH D 4 .   ? -4.644  -2.972  25.502  1.00 22.26 ? 306 HOH A O   1 
HETATM 1202 O  O   . HOH D 4 .   ? 1.047   17.792  -6.014  1.00 22.63 ? 307 HOH A O   1 
HETATM 1203 O  O   . HOH D 4 .   ? -6.213  12.399  -11.223 1.00 22.35 ? 308 HOH A O   1 
HETATM 1204 O  O   . HOH D 4 .   ? 10.258  13.231  -6.677  1.00 23.13 ? 309 HOH A O   1 
HETATM 1205 O  O   . HOH D 4 .   ? -4.897  14.706  -4.217  1.00 24.44 ? 310 HOH A O   1 
HETATM 1206 O  O   . HOH D 4 .   ? 0.180   -5.884  -7.721  1.00 24.31 ? 311 HOH A O   1 
HETATM 1207 O  O   . HOH D 4 .   ? 0.297   15.789  -7.542  1.00 24.39 ? 312 HOH A O   1 
HETATM 1208 O  O   . HOH D 4 .   ? 8.518   5.014   -7.590  1.00 25.02 ? 313 HOH A O   1 
HETATM 1209 O  O   . HOH D 4 .   ? -8.725  10.703  -2.014  1.00 26.00 ? 314 HOH A O   1 
HETATM 1210 O  O   . HOH D 4 .   ? -5.944  -1.691  -6.515  1.00 26.34 ? 315 HOH A O   1 
HETATM 1211 O  O   . HOH D 4 .   ? -9.942  10.455  2.876   1.00 26.61 ? 316 HOH A O   1 
HETATM 1212 O  O   . HOH D 4 .   ? -11.448 10.332  11.147  1.00 26.39 ? 317 HOH A O   1 
HETATM 1213 O  O   . HOH D 4 .   ? -6.436  13.908  7.896   1.00 27.04 ? 318 HOH A O   1 
HETATM 1214 O  O   . HOH D 4 .   ? 8.173   2.914   -6.107  1.00 27.32 ? 319 HOH A O   1 
HETATM 1215 O  O   . HOH D 4 .   ? 0.187   -4.803  21.161  1.00 27.39 ? 320 HOH A O   1 
HETATM 1216 O  O   . HOH D 4 .   ? 4.639   4.931   8.881   1.00 27.74 ? 321 HOH A O   1 
HETATM 1217 O  O   . HOH D 4 .   ? -12.256 -7.474  16.059  1.00 28.08 ? 322 HOH A O   1 
HETATM 1218 O  O   . HOH D 4 .   ? -8.448  16.903  2.476   1.00 28.31 ? 323 HOH A O   1 
HETATM 1219 O  O   . HOH D 4 .   ? 7.187   2.267   5.348   1.00 28.76 ? 324 HOH A O   1 
HETATM 1220 O  O   . HOH D 4 .   ? 6.997   3.997   7.642   1.00 28.67 ? 325 HOH A O   1 
HETATM 1221 O  O   . HOH D 4 .   ? -6.596  -3.050  -11.490 1.00 28.80 ? 326 HOH A O   1 
HETATM 1222 O  O   . HOH D 4 .   ? -9.477  -6.918  15.638  1.00 28.91 ? 327 HOH A O   1 
HETATM 1223 O  O   . HOH D 4 .   ? -3.856  15.028  -13.030 1.00 29.37 ? 328 HOH A O   1 
HETATM 1224 O  O   . HOH D 4 .   ? -4.867  6.764   -16.370 1.00 29.68 ? 329 HOH A O   1 
HETATM 1225 O  O   . HOH D 4 .   ? -5.639  1.915   -16.198 1.00 29.49 ? 330 HOH A O   1 
HETATM 1226 O  O   . HOH D 4 .   ? -0.843  19.865  -5.951  1.00 29.39 ? 331 HOH A O   1 
HETATM 1227 O  O   . HOH D 4 .   ? -4.873  -2.629  -14.276 1.00 30.39 ? 332 HOH A O   1 
HETATM 1228 O  O   . HOH D 4 .   ? 9.375   10.775  -5.943  1.00 30.05 ? 333 HOH A O   1 
HETATM 1229 O  O   . HOH D 4 .   ? 4.076   19.083  -13.295 1.00 30.09 ? 334 HOH A O   1 
HETATM 1230 O  O   . HOH D 4 .   ? -6.165  16.555  6.689   1.00 30.03 ? 335 HOH A O   1 
HETATM 1231 O  O   . HOH D 4 .   ? -3.762  9.114   -16.965 1.00 30.42 ? 336 HOH A O   1 
HETATM 1232 O  O   . HOH D 4 .   ? 2.054   17.267  -13.471 1.00 30.83 ? 337 HOH A O   1 
HETATM 1233 O  O   . HOH D 4 .   ? -6.612  -2.344  -18.275 1.00 31.66 ? 338 HOH A O   1 
HETATM 1234 O  O   . HOH D 4 .   ? 5.181   13.582  1.919   1.00 31.46 ? 339 HOH A O   1 
HETATM 1235 O  O   . HOH D 4 .   ? -5.427  0.339   -18.747 1.00 31.44 ? 340 HOH A O   1 
HETATM 1236 O  O   . HOH D 4 .   ? -2.179  -8.360  -5.487  1.00 31.85 ? 341 HOH A O   1 
HETATM 1237 O  O   . HOH D 4 .   ? -8.890  6.756   1.602   1.00 31.84 ? 342 HOH A O   1 
HETATM 1238 O  O   . HOH D 4 .   ? -9.056  4.592   -12.611 1.00 31.73 ? 343 HOH A O   1 
HETATM 1239 O  O   . HOH D 4 .   ? 10.029  -1.297  -1.278  1.00 32.34 ? 344 HOH A O   1 
HETATM 1240 O  O   . HOH D 4 .   ? 11.611  -5.133  8.454   1.00 32.46 ? 345 HOH A O   1 
HETATM 1241 O  O   . HOH D 4 .   ? -10.459 -2.804  20.461  1.00 32.91 ? 346 HOH A O   1 
HETATM 1242 O  O   . HOH D 4 .   ? -0.492  11.873  4.207   1.00 32.18 ? 347 HOH A O   1 
HETATM 1243 O  O   . HOH D 4 .   ? 1.881   9.292   6.527   1.00 32.95 ? 348 HOH A O   1 
HETATM 1244 O  O   . HOH D 4 .   ? -8.458  9.849   14.843  1.00 32.33 ? 349 HOH A O   1 
HETATM 1245 O  O   . HOH D 4 .   ? 5.476   -15.507 9.242   1.00 32.95 ? 350 HOH A O   1 
HETATM 1246 O  O   . HOH D 4 .   ? 10.589  8.930   -4.372  1.00 33.38 ? 351 HOH A O   1 
HETATM 1247 O  O   . HOH D 4 .   ? 8.715   5.790   6.369   1.00 32.87 ? 352 HOH A O   1 
HETATM 1248 O  O   . HOH D 4 .   ? -6.575  -3.176  -4.457  1.00 32.69 ? 353 HOH A O   1 
HETATM 1249 O  O   . HOH D 4 .   ? -13.409 -6.830  18.511  1.00 32.87 ? 354 HOH A O   1 
HETATM 1250 O  O   . HOH D 4 .   ? -6.873  -2.061  -15.774 1.00 33.13 ? 355 HOH A O   1 
HETATM 1251 O  O   . HOH D 4 .   ? 9.574   9.095   -1.722  1.00 33.33 ? 356 HOH A O   1 
HETATM 1252 O  O   . HOH D 4 .   ? -6.995  16.175  -5.251  1.00 33.18 ? 357 HOH A O   1 
HETATM 1253 O  O   . HOH D 4 .   ? -7.812  4.779   12.993  1.00 33.43 ? 358 HOH A O   1 
HETATM 1254 O  O   . HOH D 4 .   ? 2.318   23.243  -5.852  1.00 33.37 ? 359 HOH A O   1 
HETATM 1255 O  O   . HOH D 4 .   ? 0.307   -4.238  28.902  1.00 33.84 ? 360 HOH A O   1 
HETATM 1256 O  O   . HOH D 4 .   ? 2.562   10.438  3.786   1.00 33.50 ? 361 HOH A O   1 
HETATM 1257 O  O   . HOH D 4 .   ? 5.346   -18.503 3.707   1.00 34.10 ? 362 HOH A O   1 
HETATM 1258 O  O   . HOH D 4 .   ? 1.116   -14.711 20.052  1.00 34.05 ? 363 HOH A O   1 
HETATM 1259 O  O   . HOH D 4 .   ? 0.118   5.644   14.460  1.00 34.08 ? 364 HOH A O   1 
HETATM 1260 O  O   . HOH D 4 .   ? 11.113  6.224   -12.425 1.00 34.59 ? 365 HOH A O   1 
HETATM 1261 O  O   . HOH D 4 .   ? -9.760  5.071   -0.180  1.00 34.69 ? 366 HOH A O   1 
HETATM 1262 O  O   . HOH D 4 .   ? 10.611  6.313   -6.184  1.00 34.63 ? 367 HOH A O   1 
HETATM 1263 O  O   . HOH D 4 .   ? -6.450  -15.471 5.180   1.00 34.88 ? 368 HOH A O   1 
HETATM 1264 O  O   . HOH D 4 .   ? -9.957  9.220   0.338   1.00 34.42 ? 369 HOH A O   1 
HETATM 1265 O  O   . HOH D 4 .   ? -14.216 -8.649  20.430  1.00 35.03 ? 370 HOH A O   1 
HETATM 1266 O  O   . HOH D 4 .   ? -6.194  -6.055  -3.967  1.00 35.51 ? 371 HOH A O   1 
HETATM 1267 O  O   . HOH D 4 .   ? 2.648   6.134   14.676  1.00 35.59 ? 372 HOH A O   1 
HETATM 1268 O  O   . HOH D 4 .   ? 3.578   21.641  -13.248 1.00 35.96 ? 373 HOH A O   1 
HETATM 1269 O  O   . HOH D 4 .   ? 0.384   12.771  7.601   1.00 36.03 ? 374 HOH A O   1 
HETATM 1270 O  O   . HOH D 4 .   ? -0.495  -7.369  21.733  1.00 35.73 ? 375 HOH A O   1 
HETATM 1271 O  O   . HOH D 4 .   ? 8.549   -0.024  5.575   1.00 36.55 ? 376 HOH A O   1 
HETATM 1272 O  O   . HOH D 4 .   ? -4.101  8.930   10.838  1.00 36.11 ? 377 HOH A O   1 
HETATM 1273 O  O   . HOH D 4 .   ? 4.771   4.926   11.649  1.00 36.24 ? 378 HOH A O   1 
HETATM 1274 O  O   . HOH D 4 .   ? 7.513   17.889  -14.906 1.00 36.70 ? 379 HOH A O   1 
HETATM 1275 O  O   . HOH D 4 .   ? 7.746   12.461  -18.213 1.00 36.58 ? 380 HOH A O   1 
HETATM 1276 O  O   . HOH D 4 .   ? -5.491  22.035  -0.079  1.00 36.53 ? 381 HOH A O   1 
HETATM 1277 O  O   . HOH D 4 .   ? 5.086   5.432   -16.436 1.00 36.72 ? 382 HOH A O   1 
HETATM 1278 O  O   . HOH D 4 .   ? 7.214   -2.726  16.203  1.00 37.60 ? 383 HOH A O   1 
HETATM 1279 O  O   . HOH D 4 .   ? 4.231   -18.952 6.229   1.00 37.40 ? 384 HOH A O   1 
HETATM 1280 O  O   . HOH D 4 .   ? 8.315   2.155   9.489   1.00 37.13 ? 385 HOH A O   1 
HETATM 1281 O  O   . HOH D 4 .   ? 9.225   -8.281  0.436   1.00 37.13 ? 386 HOH A O   1 
HETATM 1282 O  O   . HOH D 4 .   ? 5.841   -12.022 -5.939  1.00 37.17 ? 387 HOH A O   1 
HETATM 1283 O  O   . HOH D 4 .   ? -4.817  23.638  4.311   1.00 37.81 ? 388 HOH A O   1 
HETATM 1284 O  O   . HOH D 4 .   ? -16.004 7.710   7.741   1.00 37.60 ? 389 HOH A O   1 
HETATM 1285 O  O   . HOH D 4 .   ? 8.774   -9.559  13.032  1.00 36.67 ? 390 HOH A O   1 
HETATM 1286 O  O   . HOH D 4 .   ? -10.663 2.663   -11.531 1.00 38.53 ? 391 HOH A O   1 
HETATM 1287 O  O   . HOH D 4 .   ? -1.380  -8.665  -9.422  1.00 38.48 ? 392 HOH A O   1 
HETATM 1288 O  O   . HOH D 4 .   ? 1.178   1.040   -16.694 1.00 38.49 ? 393 HOH A O   1 
HETATM 1289 O  O   . HOH D 4 .   ? -11.259 -5.215  19.833  1.00 38.34 ? 394 HOH A O   1 
HETATM 1290 O  O   . HOH D 4 .   ? 2.871   1.159   18.599  1.00 38.59 ? 395 HOH A O   1 
HETATM 1291 O  O   . HOH D 4 .   ? -13.382 8.010   7.521   1.00 38.46 ? 396 HOH A O   1 
HETATM 1292 O  O   . HOH D 4 .   ? 1.272   16.740  7.157   1.00 38.57 ? 397 HOH A O   1 
HETATM 1293 O  O   . HOH D 4 .   ? 5.487   -11.279 -3.307  1.00 39.15 ? 398 HOH A O   1 
HETATM 1294 O  O   . HOH D 4 .   ? -7.016  -2.883  -8.777  1.00 38.32 ? 399 HOH A O   1 
HETATM 1295 O  O   . HOH D 4 .   ? -12.597 -7.126  22.616  1.00 39.45 ? 400 HOH A O   1 
HETATM 1296 O  O   . HOH D 4 .   ? 6.930   1.442   13.512  1.00 39.40 ? 401 HOH A O   1 
HETATM 1297 O  O   . HOH D 4 .   ? -6.697  14.518  -13.013 1.00 40.00 ? 402 HOH A O   1 
HETATM 1298 O  O   . HOH D 4 .   ? 2.414   12.733  -16.841 1.00 39.46 ? 403 HOH A O   1 
HETATM 1299 O  O   . HOH D 4 .   ? 5.733   -21.110 3.299   1.00 40.07 ? 404 HOH A O   1 
HETATM 1300 O  O   . HOH D 4 .   ? 8.770   -0.061  -4.973  1.00 39.43 ? 405 HOH A O   1 
HETATM 1301 O  O   . HOH D 4 .   ? -16.469 -4.836  10.397  1.00 39.91 ? 406 HOH A O   1 
HETATM 1302 O  O   . HOH D 4 .   ? 9.213   -2.375  2.993   1.00 39.71 ? 407 HOH A O   1 
HETATM 1303 O  O   . HOH D 4 .   ? 7.231   8.723   -17.656 1.00 39.89 ? 408 HOH A O   1 
HETATM 1304 O  O   . HOH D 4 .   ? 4.976   18.781  -15.901 1.00 40.07 ? 409 HOH A O   1 
HETATM 1305 O  O   . HOH D 4 .   ? 8.799   0.786   -8.341  1.00 40.12 ? 410 HOH A O   1 
HETATM 1306 O  O   . HOH D 4 .   ? -13.947 -4.573  9.792   1.00 40.26 ? 411 HOH A O   1 
HETATM 1307 O  O   . HOH D 4 .   ? 4.807   14.401  -18.451 1.00 40.64 ? 412 HOH A O   1 
HETATM 1308 O  O   . HOH D 4 .   ? 11.065  4.967   7.064   1.00 40.62 ? 413 HOH A O   1 
HETATM 1309 O  O   . HOH D 4 .   ? 0.463   5.141   17.326  1.00 40.50 ? 414 HOH A O   1 
HETATM 1310 O  O   . HOH D 4 .   ? 4.634   15.354  -15.981 1.00 40.95 ? 415 HOH A O   1 
HETATM 1311 O  O   . HOH D 4 .   ? -2.954  3.140   -17.011 1.00 40.97 ? 416 HOH A O   1 
HETATM 1312 O  O   . HOH D 4 .   ? 10.636  1.890   -10.345 1.00 41.66 ? 417 HOH A O   1 
HETATM 1313 O  O   . HOH D 4 .   ? 9.088   -1.513  10.075  1.00 41.77 ? 418 HOH A O   1 
HETATM 1314 O  O   . HOH D 4 .   ? 11.500  -4.712  -5.409  1.00 41.67 ? 419 HOH A O   1 
HETATM 1315 O  O   . HOH D 4 .   ? 6.023   -4.292  -15.613 1.00 41.62 ? 420 HOH A O   1 
HETATM 1316 O  O   . HOH D 4 .   ? 10.147  -1.142  -7.140  1.00 41.98 ? 421 HOH A O   1 
HETATM 1317 O  O   . HOH D 4 .   ? -8.412  -0.731  -7.395  1.00 41.73 ? 422 HOH A O   1 
HETATM 1318 O  O   . HOH D 4 .   ? 5.701   -15.186 11.918  1.00 42.61 ? 423 HOH A O   1 
HETATM 1319 O  O   . HOH D 4 .   ? 0.811   3.902   26.397  1.00 42.67 ? 424 HOH A O   1 
HETATM 1320 O  O   . HOH D 4 .   ? 0.672   1.475   25.411  1.00 42.11 ? 425 HOH A O   1 
HETATM 1321 O  O   . HOH D 4 .   ? -2.901  -4.970  28.362  1.00 42.90 ? 426 HOH A O   1 
HETATM 1322 O  O   . HOH D 4 .   ? -9.839  13.362  0.918   1.00 42.99 ? 427 HOH A O   1 
HETATM 1323 O  O   . HOH D 4 .   ? -1.319  16.336  -14.462 1.00 44.03 ? 428 HOH A O   1 
HETATM 1324 O  O   . HOH D 4 .   ? -6.113  10.495  -17.565 1.00 43.84 ? 429 HOH A O   1 
HETATM 1325 O  O   . HOH D 4 .   ? 0.599   15.055  -16.354 1.00 44.75 ? 430 HOH A O   1 
HETATM 1326 O  O   . HOH D 4 .   ? -9.315  -5.241  -2.357  1.00 44.68 ? 431 HOH A O   1 
HETATM 1327 O  O   . HOH D 4 .   ? -14.046 4.147   4.451   1.00 46.47 ? 432 HOH A O   1 
HETATM 1328 O  O   . HOH D 4 .   ? 3.179   4.494   18.051  1.00 46.14 ? 433 HOH A O   1 
HETATM 1329 O  O   . HOH D 4 .   ? 7.228   3.595   11.735  1.00 46.12 ? 434 HOH A O   1 
HETATM 1330 O  O   . HOH D 4 .   ? 13.968  -5.438  -7.124  1.00 46.14 ? 435 HOH A O   1 
HETATM 1331 O  O   . HOH D 4 .   ? -1.667  -19.649 11.832  1.00 45.91 ? 436 HOH A O   1 
HETATM 1332 O  O   . HOH D 4 .   ? 8.359   -0.866  14.341  1.00 46.57 ? 437 HOH A O   1 
HETATM 1333 O  O   . HOH D 4 .   ? -15.883 6.797   4.649   1.00 48.74 ? 438 HOH A O   1 
HETATM 1334 O  O   . HOH D 4 .   ? -13.754 2.335   7.304   1.00 48.33 ? 439 HOH A O   1 
HETATM 1335 O  O   . HOH D 4 .   ? -2.605  25.916  5.111   1.00 48.55 ? 440 HOH A O   1 
HETATM 1336 O  O   . HOH D 4 .   ? -12.548 -6.026  7.666   1.00 49.19 ? 441 HOH A O   1 
HETATM 1337 O  O   . HOH D 4 .   ? -13.082 9.621   4.541   1.00 49.43 ? 442 HOH A O   1 
HETATM 1338 O  O   . HOH D 4 .   ? -10.740 1.044   -9.430  1.00 50.01 ? 443 HOH A O   1 
HETATM 1339 O  O   . HOH D 4 .   ? -9.574  -1.754  -5.331  1.00 50.21 ? 444 HOH A O   1 
HETATM 1340 O  O   . HOH D 4 .   ? -19.630 -10.215 11.382  1.00 52.83 ? 445 HOH A O   1 
HETATM 1341 O  O   . HOH D 4 .   ? 14.822  -7.935  -7.055  1.00 53.29 ? 446 HOH A O   1 
HETATM 1342 O  O   . HOH D 4 .   ? -3.081  11.072  -21.610 1.00 57.97 ? 447 HOH A O   1 
HETATM 1343 O  O   . HOH D 4 .   ? -16.008 -0.486  5.941   1.00 58.05 ? 448 HOH A O   1 
# 
